data_7CA0
#
_entry.id   7CA0
#
_cell.length_a   85.471
_cell.length_b   88.587
_cell.length_c   103.572
_cell.angle_alpha   90.000
_cell.angle_beta   95.280
_cell.angle_gamma   90.000
#
_symmetry.space_group_name_H-M   'P 1 21 1'
#
loop_
_entity.id
_entity.type
_entity.pdbx_description
1 polymer Dihydroorotase
2 non-polymer 'ZINC ION'
3 non-polymer '5-FLUORO-2,6-DIOXO-1,2,3,6-TETRAHYDROPYRIMIDINE-4-CARBOXYLIC ACID'
4 water water
#
_entity_poly.entity_id   1
_entity_poly.type   'polypeptide(L)'
_entity_poly.pdbx_seq_one_letter_code
;MVQEIDLGLTCDMHVHVREGAMCELVTPKIRDGGVSIAYIMPNLQPPITTLDRVIEYKKTLQKLAPKTTFLMSFYLSKDL
TPDLIHEAAQQHAIRGV(KCX)CYPAGVTTNSAAGVDPNDFSAFYPIFKAMQEENLVLNLHGEKPSVHDGDKEPIHVLNA
EEAFLPALKKLHNDFPNLKIILEHCTSESAIKTIEDINKNVKKATDVKVAATLTAHHLFLTIDDWAGNPVNFCKPVAKLP
NDKKALVKAAVSGKPYFFFGSDSAPHPVQNKANYEGVCAGVYSQSFAIPYIAQVFEEQNALENLKGFVSDFGISFYEVKD
SEVASSDKAILFKKEQVIPQVISDGKDISIIPFKAGDKLSWSVRWEPRLEHHHHHH
;
_entity_poly.pdbx_strand_id   A,B,C,D
#
loop_
_chem_comp.id
_chem_comp.type
_chem_comp.name
_chem_comp.formula
FOT non-polymer '5-FLUORO-2,6-DIOXO-1,2,3,6-TETRAHYDROPYRIMIDINE-4-CARBOXYLIC ACID' 'C5 H3 F N2 O4'
ZN non-polymer 'ZINC ION' 'Zn 2'
#
# COMPACT_ATOMS: atom_id res chain seq x y z
N VAL A 2 20.01 -26.50 23.71
CA VAL A 2 20.25 -26.69 25.13
C VAL A 2 19.36 -27.84 25.61
N GLN A 3 19.79 -28.66 26.56
CA GLN A 3 18.85 -29.66 27.08
C GLN A 3 17.95 -29.11 28.19
N GLU A 4 18.48 -28.33 29.14
CA GLU A 4 17.67 -27.75 30.20
C GLU A 4 17.88 -26.24 30.28
N ILE A 5 16.81 -25.51 30.56
CA ILE A 5 16.89 -24.06 30.80
C ILE A 5 16.04 -23.73 32.02
N ASP A 6 16.67 -23.12 33.02
CA ASP A 6 15.98 -22.61 34.21
C ASP A 6 15.33 -21.29 33.82
N LEU A 7 14.01 -21.32 33.61
CA LEU A 7 13.28 -20.10 33.24
C LEU A 7 12.83 -19.31 34.46
N GLY A 8 13.03 -19.83 35.66
CA GLY A 8 12.66 -19.12 36.86
C GLY A 8 11.16 -18.98 37.04
N LEU A 9 10.73 -17.79 37.46
CA LEU A 9 9.34 -17.48 37.77
C LEU A 9 8.67 -16.98 36.49
N THR A 10 8.15 -17.92 35.69
CA THR A 10 7.57 -17.60 34.39
C THR A 10 6.30 -16.76 34.50
N CYS A 11 6.07 -15.96 33.47
CA CYS A 11 4.92 -15.07 33.44
C CYS A 11 4.08 -15.26 32.18
N ASP A 12 2.77 -15.35 32.38
CA ASP A 12 1.79 -15.24 31.30
C ASP A 12 0.86 -14.10 31.68
N MET A 13 1.06 -12.95 31.04
CA MET A 13 0.31 -11.73 31.40
C MET A 13 -1.00 -11.55 30.61
N HIS A 14 -1.56 -12.60 30.04
CA HIS A 14 -2.87 -12.52 29.38
C HIS A 14 -3.52 -13.90 29.40
N VAL A 15 -4.37 -14.14 30.40
CA VAL A 15 -4.95 -15.45 30.67
C VAL A 15 -6.46 -15.33 30.79
N HIS A 16 -7.19 -16.25 30.16
CA HIS A 16 -8.62 -16.42 30.36
C HIS A 16 -8.91 -17.78 30.97
N VAL A 17 -9.60 -17.81 32.11
CA VAL A 17 -9.86 -19.13 32.74
C VAL A 17 -11.35 -19.37 32.93
N ARG A 18 -12.19 -18.47 32.43
CA ARG A 18 -13.67 -18.60 32.47
C ARG A 18 -14.19 -18.81 33.89
N GLU A 19 -15.26 -19.59 34.01
CA GLU A 19 -15.88 -19.93 35.30
C GLU A 19 -16.40 -21.36 35.22
N GLY A 20 -16.97 -21.87 36.31
CA GLY A 20 -17.61 -23.17 36.34
C GLY A 20 -16.69 -24.29 35.93
N ALA A 21 -17.25 -25.28 35.25
CA ALA A 21 -16.49 -26.50 34.92
C ALA A 21 -15.32 -26.20 34.00
N MET A 22 -15.49 -25.21 33.13
CA MET A 22 -14.40 -24.81 32.21
C MET A 22 -13.22 -24.35 33.05
N CYS A 23 -13.51 -23.55 34.07
CA CYS A 23 -12.47 -23.05 34.95
C CYS A 23 -11.79 -24.18 35.72
N GLU A 24 -12.57 -25.16 36.17
CA GLU A 24 -11.98 -26.31 36.86
C GLU A 24 -11.03 -27.08 35.95
N LEU A 25 -11.35 -27.15 34.65
CA LEU A 25 -10.45 -27.81 33.71
C LEU A 25 -9.20 -26.98 33.46
N VAL A 26 -9.40 -25.68 33.25
CA VAL A 26 -8.35 -24.86 32.65
C VAL A 26 -7.39 -24.27 33.69
N THR A 27 -7.87 -23.86 34.87
CA THR A 27 -7.00 -23.19 35.82
C THR A 27 -5.77 -24.01 36.23
N PRO A 28 -5.85 -25.33 36.50
CA PRO A 28 -4.61 -26.10 36.76
C PRO A 28 -3.67 -26.19 35.56
N LYS A 29 -4.14 -25.95 34.34
CA LYS A 29 -3.25 -26.06 33.19
C LYS A 29 -2.26 -24.91 33.10
N ILE A 30 -2.51 -23.81 33.84
CA ILE A 30 -1.55 -22.72 33.88
C ILE A 30 -0.20 -23.24 34.38
N ARG A 31 -0.22 -23.96 35.51
CA ARG A 31 1.00 -24.59 36.01
C ARG A 31 1.48 -25.69 35.07
N ASP A 32 0.58 -26.58 34.63
CA ASP A 32 1.04 -27.66 33.75
C ASP A 32 1.65 -27.11 32.48
N GLY A 33 1.28 -25.88 32.09
CA GLY A 33 1.85 -25.28 30.90
C GLY A 33 3.18 -24.59 31.12
N GLY A 34 3.67 -24.57 32.36
CA GLY A 34 4.94 -23.96 32.67
C GLY A 34 4.89 -22.54 33.16
N VAL A 35 3.72 -22.05 33.59
CA VAL A 35 3.53 -20.66 33.98
C VAL A 35 3.35 -20.62 35.48
N SER A 36 4.14 -19.77 36.15
CA SER A 36 4.02 -19.52 37.57
C SER A 36 3.06 -18.38 37.89
N ILE A 37 3.14 -17.29 37.12
CA ILE A 37 2.37 -16.07 37.36
C ILE A 37 1.41 -15.82 36.20
N ALA A 38 0.14 -15.59 36.52
CA ALA A 38 -0.88 -15.40 35.49
C ALA A 38 -1.67 -14.13 35.77
N TYR A 39 -1.78 -13.25 34.77
CA TYR A 39 -2.69 -12.10 34.82
C TYR A 39 -4.08 -12.51 34.30
N ILE A 40 -5.09 -12.44 35.17
CA ILE A 40 -6.41 -13.02 34.89
C ILE A 40 -7.35 -11.95 34.32
N MET A 41 -7.92 -12.23 33.13
CA MET A 41 -8.78 -11.28 32.43
C MET A 41 -10.21 -11.36 32.92
N PRO A 42 -10.97 -10.27 32.81
CA PRO A 42 -12.28 -10.14 33.48
C PRO A 42 -13.55 -10.34 32.62
N ASN A 43 -13.45 -10.77 31.37
CA ASN A 43 -14.62 -10.78 30.49
C ASN A 43 -15.48 -12.03 30.70
N LEU A 44 -15.92 -12.20 31.95
CA LEU A 44 -16.93 -13.19 32.28
C LEU A 44 -18.32 -12.63 31.98
N GLN A 45 -19.33 -13.50 32.13
CA GLN A 45 -20.72 -13.05 32.12
C GLN A 45 -21.28 -13.14 33.53
N PRO A 46 -21.56 -12.02 34.21
CA PRO A 46 -21.32 -10.65 33.76
C PRO A 46 -19.86 -10.24 33.96
N PRO A 47 -19.43 -9.14 33.37
CA PRO A 47 -18.01 -8.74 33.52
C PRO A 47 -17.68 -8.46 34.98
N ILE A 48 -16.42 -8.67 35.34
CA ILE A 48 -15.97 -8.42 36.71
C ILE A 48 -15.81 -6.92 36.90
N THR A 49 -16.76 -6.31 37.61
CA THR A 49 -16.78 -4.87 37.82
C THR A 49 -17.00 -4.48 39.28
N THR A 50 -16.99 -5.44 40.22
CA THR A 50 -17.18 -5.17 41.64
C THR A 50 -16.10 -5.84 42.49
N LEU A 51 -15.80 -5.21 43.63
CA LEU A 51 -14.81 -5.72 44.55
C LEU A 51 -15.13 -7.12 45.04
N ASP A 52 -16.39 -7.37 45.40
CA ASP A 52 -16.74 -8.66 45.99
C ASP A 52 -16.50 -9.80 45.00
N ARG A 53 -16.92 -9.59 43.74
CA ARG A 53 -16.78 -10.60 42.69
C ARG A 53 -15.33 -10.89 42.38
N VAL A 54 -14.47 -9.86 42.35
CA VAL A 54 -13.07 -10.14 42.02
C VAL A 54 -12.44 -10.97 43.14
N ILE A 55 -12.90 -10.78 44.38
CA ILE A 55 -12.31 -11.49 45.53
C ILE A 55 -12.67 -12.97 45.41
N GLU A 56 -13.96 -13.27 45.21
CA GLU A 56 -14.43 -14.66 45.07
C GLU A 56 -13.81 -15.31 43.83
N TYR A 57 -13.65 -14.59 42.71
CA TYR A 57 -12.96 -15.17 41.56
C TYR A 57 -11.54 -15.60 41.94
N LYS A 58 -10.76 -14.67 42.51
CA LYS A 58 -9.38 -14.99 42.89
C LYS A 58 -9.32 -16.20 43.83
N LYS A 59 -10.26 -16.20 44.77
CA LYS A 59 -10.43 -17.27 45.79
C LYS A 59 -10.81 -18.56 45.07
N THR A 60 -11.72 -18.50 44.10
CA THR A 60 -12.04 -19.71 43.35
C THR A 60 -10.77 -20.26 42.69
N LEU A 61 -9.96 -19.38 42.09
CA LEU A 61 -8.75 -19.77 41.40
C LEU A 61 -7.68 -20.31 42.36
N GLN A 62 -7.52 -19.68 43.53
CA GLN A 62 -6.55 -20.21 44.48
C GLN A 62 -6.96 -21.58 44.98
N LYS A 63 -8.26 -21.89 45.08
CA LYS A 63 -8.58 -23.26 45.55
C LYS A 63 -8.26 -24.30 44.46
N LEU A 64 -8.31 -23.93 43.17
CA LEU A 64 -7.99 -24.84 42.08
C LEU A 64 -6.49 -24.93 41.79
N ALA A 65 -5.72 -23.90 42.10
CA ALA A 65 -4.28 -23.89 41.81
C ALA A 65 -3.56 -23.15 42.93
N PRO A 66 -3.29 -23.82 44.06
CA PRO A 66 -2.63 -23.17 45.19
C PRO A 66 -1.24 -22.63 44.87
N LYS A 67 -0.50 -23.24 43.94
CA LYS A 67 0.88 -22.84 43.67
C LYS A 67 0.99 -21.82 42.56
N THR A 68 -0.12 -21.33 42.03
CA THR A 68 -0.12 -20.33 40.96
C THR A 68 -0.39 -18.96 41.56
N THR A 69 0.44 -17.99 41.19
CA THR A 69 0.24 -16.59 41.58
C THR A 69 -0.74 -15.91 40.61
N PHE A 70 -1.81 -15.35 41.15
CA PHE A 70 -2.88 -14.75 40.34
C PHE A 70 -2.90 -13.23 40.51
N LEU A 71 -2.71 -12.52 39.41
CA LEU A 71 -2.95 -11.09 39.36
C LEU A 71 -4.30 -10.86 38.66
N MET A 72 -5.17 -10.13 39.33
CA MET A 72 -6.56 -9.98 38.91
C MET A 72 -6.77 -8.62 38.26
N SER A 73 -7.94 -8.46 37.64
CA SER A 73 -8.27 -7.26 36.89
C SER A 73 -9.76 -6.98 36.95
N PHE A 74 -10.09 -5.71 36.72
CA PHE A 74 -11.44 -5.24 36.42
C PHE A 74 -11.67 -5.11 34.91
N TYR A 75 -12.94 -5.18 34.53
CA TYR A 75 -13.42 -4.94 33.17
C TYR A 75 -13.82 -3.48 33.03
N LEU A 76 -13.18 -2.74 32.12
CA LEU A 76 -13.56 -1.33 31.95
C LEU A 76 -15.00 -1.29 31.42
N SER A 77 -15.90 -0.86 32.31
CA SER A 77 -17.34 -0.79 32.00
C SER A 77 -17.89 0.55 32.47
N LYS A 78 -19.19 0.74 32.27
CA LYS A 78 -19.88 1.99 32.64
C LYS A 78 -20.14 2.02 34.15
N ASP A 79 -20.13 0.86 34.80
CA ASP A 79 -20.42 0.75 36.26
C ASP A 79 -19.22 1.18 37.11
N LEU A 80 -18.00 1.16 36.58
CA LEU A 80 -16.85 1.53 37.39
C LEU A 80 -16.88 3.02 37.79
N THR A 81 -16.26 3.31 38.93
CA THR A 81 -16.12 4.63 39.53
C THR A 81 -14.73 4.75 40.13
N PRO A 82 -14.14 5.96 40.11
CA PRO A 82 -12.81 6.14 40.73
C PRO A 82 -12.73 5.67 42.17
N ASP A 83 -13.79 5.85 42.97
CA ASP A 83 -13.78 5.33 44.33
C ASP A 83 -13.55 3.84 44.35
N LEU A 84 -14.26 3.10 43.49
CA LEU A 84 -14.05 1.67 43.39
C LEU A 84 -12.60 1.35 43.02
N ILE A 85 -12.06 2.12 42.09
CA ILE A 85 -10.64 1.91 41.68
C ILE A 85 -9.76 2.09 42.91
N HIS A 86 -9.89 3.20 43.61
CA HIS A 86 -9.07 3.42 44.80
C HIS A 86 -9.24 2.29 45.81
N GLU A 87 -10.49 1.97 46.16
CA GLU A 87 -10.76 0.93 47.15
C GLU A 87 -10.16 -0.42 46.73
N ALA A 88 -10.32 -0.80 45.46
CA ALA A 88 -9.79 -2.07 44.97
C ALA A 88 -8.27 -2.09 44.97
N ALA A 89 -7.64 -1.00 44.56
CA ALA A 89 -6.18 -0.89 44.65
C ALA A 89 -5.75 -0.89 46.11
N GLN A 90 -6.55 -0.27 46.98
CA GLN A 90 -6.17 -0.10 48.38
C GLN A 90 -6.15 -1.44 49.09
N GLN A 91 -7.01 -2.37 48.65
CA GLN A 91 -7.10 -3.72 49.18
C GLN A 91 -6.31 -4.74 48.36
N HIS A 92 -5.50 -4.31 47.40
CA HIS A 92 -4.68 -5.22 46.57
C HIS A 92 -5.55 -6.30 45.94
N ALA A 93 -6.73 -5.90 45.47
CA ALA A 93 -7.67 -6.83 44.88
C ALA A 93 -7.57 -6.87 43.37
N ILE A 94 -6.88 -5.90 42.76
CA ILE A 94 -6.68 -5.85 41.31
C ILE A 94 -5.29 -5.30 41.05
N ARG A 95 -4.78 -5.60 39.88
CA ARG A 95 -3.46 -5.07 39.45
C ARG A 95 -3.67 -4.26 38.17
N GLY A 96 -4.87 -4.30 37.59
CA GLY A 96 -5.11 -3.51 36.39
C GLY A 96 -6.57 -3.56 35.98
N VAL A 97 -6.87 -2.76 34.96
CA VAL A 97 -8.20 -2.73 34.33
C VAL A 97 -8.05 -2.97 32.84
N KCX A 98 -8.84 -3.93 32.32
CA KCX A 98 -8.78 -4.36 30.93
CB KCX A 98 -8.93 -5.90 30.83
CG KCX A 98 -9.14 -6.38 29.39
CD KCX A 98 -7.89 -6.11 28.58
CE KCX A 98 -7.92 -6.81 27.25
NZ KCX A 98 -8.35 -8.19 27.50
C KCX A 98 -9.86 -3.71 30.06
O KCX A 98 -11.06 -3.78 30.39
CX KCX A 98 -8.34 -9.10 26.53
OQ1 KCX A 98 -8.72 -10.26 26.81
OQ2 KCX A 98 -7.92 -8.83 25.40
N CYS A 99 -9.44 -3.11 28.95
CA CYS A 99 -10.38 -2.44 28.05
C CYS A 99 -10.76 -3.28 26.83
N TYR A 100 -12.05 -3.53 26.66
CA TYR A 100 -12.59 -4.17 25.47
C TYR A 100 -13.41 -3.16 24.68
N PRO A 101 -13.04 -2.84 23.44
CA PRO A 101 -13.98 -2.13 22.57
C PRO A 101 -15.25 -2.95 22.33
N ALA A 102 -16.39 -2.27 22.34
CA ALA A 102 -17.67 -2.97 22.24
C ALA A 102 -17.80 -3.70 20.92
N GLY A 103 -18.00 -5.03 21.01
CA GLY A 103 -18.35 -5.85 19.87
C GLY A 103 -17.18 -6.53 19.16
N VAL A 104 -15.93 -6.25 19.55
CA VAL A 104 -14.80 -6.75 18.77
C VAL A 104 -14.40 -8.17 19.12
N THR A 105 -14.78 -8.68 20.29
CA THR A 105 -14.31 -9.98 20.74
C THR A 105 -15.26 -10.54 21.79
N THR A 106 -14.87 -11.70 22.36
CA THR A 106 -15.71 -12.41 23.32
C THR A 106 -16.06 -11.55 24.53
N ASN A 107 -17.35 -11.56 24.87
CA ASN A 107 -17.89 -10.89 26.06
C ASN A 107 -17.44 -9.43 26.10
N SER A 108 -17.49 -8.77 24.96
CA SER A 108 -17.14 -7.38 24.81
C SER A 108 -18.37 -6.51 24.59
N ALA A 109 -19.57 -7.08 24.64
CA ALA A 109 -20.77 -6.30 24.38
C ALA A 109 -20.94 -5.19 25.39
N ALA A 110 -20.44 -5.38 26.61
CA ALA A 110 -20.48 -4.38 27.66
C ALA A 110 -19.28 -3.45 27.63
N GLY A 111 -18.57 -3.37 26.50
CA GLY A 111 -17.33 -2.61 26.41
C GLY A 111 -17.54 -1.17 26.00
N VAL A 112 -16.44 -0.54 25.57
CA VAL A 112 -16.39 0.91 25.38
C VAL A 112 -16.32 1.21 23.89
N ASP A 113 -16.69 2.44 23.55
CA ASP A 113 -16.41 2.98 22.23
C ASP A 113 -15.07 3.67 22.31
N PRO A 114 -14.04 3.19 21.61
CA PRO A 114 -12.70 3.81 21.69
C PRO A 114 -12.54 5.09 20.90
N ASN A 115 -13.63 5.60 20.32
CA ASN A 115 -13.58 6.94 19.75
C ASN A 115 -13.94 8.01 20.77
N ASP A 116 -14.43 7.62 21.94
CA ASP A 116 -14.65 8.57 23.02
C ASP A 116 -14.16 7.93 24.33
N PHE A 117 -12.86 8.00 24.58
CA PHE A 117 -12.27 7.46 25.82
C PHE A 117 -12.40 8.41 26.97
N SER A 118 -12.76 9.65 26.61
CA SER A 118 -12.94 10.82 27.50
C SER A 118 -13.77 10.44 28.72
N ALA A 119 -14.92 9.81 28.48
CA ALA A 119 -15.80 9.46 29.62
C ALA A 119 -15.09 8.62 30.68
N PHE A 120 -13.99 7.94 30.35
CA PHE A 120 -13.28 7.10 31.30
C PHE A 120 -12.00 7.74 31.85
N TYR A 121 -11.74 9.00 31.53
CA TYR A 121 -10.56 9.68 32.07
C TYR A 121 -10.54 9.77 33.58
N PRO A 122 -11.65 10.06 34.28
CA PRO A 122 -11.64 9.94 35.76
C PRO A 122 -11.17 8.57 36.25
N ILE A 123 -11.54 7.50 35.54
CA ILE A 123 -11.07 6.16 35.90
C ILE A 123 -9.55 6.11 35.77
N PHE A 124 -9.04 6.70 34.69
CA PHE A 124 -7.60 6.67 34.39
C PHE A 124 -6.79 7.49 35.40
N LYS A 125 -7.35 8.57 35.92
CA LYS A 125 -6.61 9.33 36.94
C LYS A 125 -6.50 8.45 38.19
N ALA A 126 -7.59 7.81 38.61
CA ALA A 126 -7.57 6.90 39.74
C ALA A 126 -6.56 5.77 39.52
N MET A 127 -6.59 5.14 38.33
CA MET A 127 -5.62 4.08 38.05
C MET A 127 -4.19 4.60 38.10
N GLN A 128 -3.98 5.83 37.58
CA GLN A 128 -2.65 6.41 37.55
C GLN A 128 -2.11 6.66 38.95
N GLU A 129 -2.93 7.22 39.84
CA GLU A 129 -2.47 7.44 41.20
C GLU A 129 -2.11 6.13 41.88
N GLU A 130 -2.92 5.09 41.66
CA GLU A 130 -2.75 3.82 42.36
C GLU A 130 -1.77 2.88 41.68
N ASN A 131 -1.13 3.31 40.58
CA ASN A 131 -0.12 2.53 39.86
C ASN A 131 -0.68 1.21 39.31
N LEU A 132 -1.94 1.23 38.90
CA LEU A 132 -2.55 0.10 38.24
C LEU A 132 -2.23 0.15 36.74
N VAL A 133 -2.26 -1.04 36.08
CA VAL A 133 -1.97 -1.13 34.64
C VAL A 133 -3.26 -1.05 33.83
N LEU A 134 -3.19 -0.33 32.73
CA LEU A 134 -4.28 -0.24 31.77
C LEU A 134 -3.98 -1.22 30.65
N ASN A 135 -4.71 -2.33 30.60
CA ASN A 135 -4.59 -3.30 29.51
C ASN A 135 -5.58 -2.92 28.43
N LEU A 136 -5.10 -2.84 27.18
CA LEU A 136 -5.91 -2.44 26.04
C LEU A 136 -6.00 -3.56 25.02
N HIS A 137 -7.23 -3.96 24.67
CA HIS A 137 -7.47 -4.69 23.42
C HIS A 137 -7.53 -3.66 22.33
N GLY A 138 -6.40 -3.43 21.66
CA GLY A 138 -6.28 -2.33 20.72
C GLY A 138 -6.89 -2.58 19.36
N GLU A 139 -8.23 -2.56 19.26
CA GLU A 139 -8.90 -2.68 17.98
C GLU A 139 -10.11 -1.74 17.93
N LYS A 140 -10.20 -0.92 16.90
CA LYS A 140 -11.43 -0.17 16.76
C LYS A 140 -12.53 -1.06 16.17
N PRO A 141 -13.77 -0.88 16.63
CA PRO A 141 -14.91 -1.58 16.01
C PRO A 141 -14.99 -1.30 14.51
N SER A 142 -15.58 -2.25 13.80
CA SER A 142 -15.64 -2.16 12.34
C SER A 142 -16.67 -1.11 11.89
N VAL A 143 -16.33 -0.46 10.77
CA VAL A 143 -17.19 0.52 10.13
C VAL A 143 -16.97 0.53 8.62
N HIS A 144 -18.06 0.36 7.86
CA HIS A 144 -18.04 0.39 6.40
C HIS A 144 -18.99 1.49 5.92
N ASP A 145 -18.94 2.64 6.60
CA ASP A 145 -19.85 3.76 6.39
C ASP A 145 -19.30 4.78 5.39
N GLY A 146 -20.05 5.87 5.23
CA GLY A 146 -19.83 6.84 4.18
C GLY A 146 -18.53 7.63 4.10
N ASP A 147 -18.35 8.63 4.95
CA ASP A 147 -17.17 9.52 4.77
C ASP A 147 -15.86 8.91 5.26
N LYS A 148 -15.89 8.22 6.41
CA LYS A 148 -14.65 7.87 7.07
C LYS A 148 -14.06 6.60 6.46
N GLU A 149 -12.76 6.48 6.63
CA GLU A 149 -12.03 5.38 6.05
C GLU A 149 -12.54 4.06 6.66
N PRO A 150 -12.72 3.01 5.85
CA PRO A 150 -13.24 1.75 6.40
C PRO A 150 -12.30 1.12 7.42
N ILE A 151 -12.90 0.54 8.46
CA ILE A 151 -12.20 -0.21 9.49
C ILE A 151 -12.64 -1.66 9.40
N HIS A 152 -11.69 -2.57 9.24
CA HIS A 152 -12.02 -4.00 9.18
C HIS A 152 -11.04 -4.76 10.07
N VAL A 153 -11.28 -6.05 10.21
CA VAL A 153 -10.48 -6.89 11.09
C VAL A 153 -9.00 -6.83 10.74
N LEU A 154 -8.65 -6.41 9.53
CA LEU A 154 -7.25 -6.34 9.12
C LEU A 154 -6.57 -5.01 9.46
N ASN A 155 -7.27 -3.87 9.46
CA ASN A 155 -6.63 -2.61 9.82
C ASN A 155 -7.10 -2.06 11.17
N ALA A 156 -7.97 -2.79 11.87
CA ALA A 156 -8.56 -2.31 13.12
C ALA A 156 -7.52 -2.07 14.19
N GLU A 157 -6.42 -2.84 14.18
CA GLU A 157 -5.35 -2.61 15.15
C GLU A 157 -4.56 -1.36 14.83
N GLU A 158 -4.21 -1.16 13.56
CA GLU A 158 -3.56 0.08 13.15
C GLU A 158 -4.45 1.29 13.40
N ALA A 159 -5.74 1.13 13.09
CA ALA A 159 -6.73 2.21 13.29
C ALA A 159 -6.84 2.57 14.78
N PHE A 160 -6.38 1.68 15.67
CA PHE A 160 -6.45 1.94 17.10
C PHE A 160 -5.19 2.63 17.62
N LEU A 161 -4.07 2.58 16.89
CA LEU A 161 -2.84 3.14 17.41
C LEU A 161 -2.93 4.60 17.84
N PRO A 162 -3.57 5.51 17.09
CA PRO A 162 -3.71 6.89 17.62
C PRO A 162 -4.31 6.96 19.01
N ALA A 163 -5.39 6.22 19.26
CA ALA A 163 -5.98 6.23 20.59
C ALA A 163 -4.98 5.79 21.64
N LEU A 164 -4.14 4.82 21.31
CA LEU A 164 -3.10 4.43 22.25
C LEU A 164 -2.14 5.59 22.52
N LYS A 165 -1.70 6.24 21.46
CA LYS A 165 -0.75 7.36 21.63
C LYS A 165 -1.41 8.44 22.48
N LYS A 166 -2.64 8.80 22.14
CA LYS A 166 -3.30 9.87 22.88
C LYS A 166 -3.38 9.53 24.37
N LEU A 167 -3.67 8.27 24.67
CA LEU A 167 -3.80 7.78 26.06
C LEU A 167 -2.43 7.90 26.74
N HIS A 168 -1.37 7.53 26.04
CA HIS A 168 -0.03 7.64 26.62
C HIS A 168 0.36 9.09 26.88
N ASN A 169 -0.03 9.99 25.97
CA ASN A 169 0.31 11.40 26.12
C ASN A 169 -0.45 12.03 27.29
N ASP A 170 -1.74 11.69 27.43
CA ASP A 170 -2.60 12.26 28.46
C ASP A 170 -2.36 11.69 29.86
N PHE A 171 -1.77 10.50 29.96
CA PHE A 171 -1.53 9.84 31.24
C PHE A 171 -0.09 9.31 31.24
N PRO A 172 0.90 10.21 31.22
CA PRO A 172 2.28 9.76 30.96
C PRO A 172 2.88 8.84 32.02
N ASN A 173 2.30 8.80 33.23
CA ASN A 173 2.79 7.91 34.29
C ASN A 173 1.97 6.63 34.41
N LEU A 174 0.88 6.51 33.67
CA LEU A 174 0.07 5.31 33.68
C LEU A 174 0.77 4.20 32.90
N LYS A 175 0.93 3.04 33.54
CA LYS A 175 1.42 1.88 32.80
C LYS A 175 0.31 1.32 31.92
N ILE A 176 0.57 1.25 30.61
CA ILE A 176 -0.40 0.83 29.60
C ILE A 176 0.22 -0.29 28.77
N ILE A 177 -0.54 -1.34 28.52
CA ILE A 177 -0.13 -2.44 27.66
C ILE A 177 -1.05 -2.52 26.46
N LEU A 178 -0.45 -2.53 25.26
CA LEU A 178 -1.14 -3.00 24.06
C LEU A 178 -1.07 -4.53 24.07
N GLU A 179 -2.18 -5.19 24.42
CA GLU A 179 -2.22 -6.64 24.52
C GLU A 179 -2.18 -7.28 23.12
N HIS A 180 -1.59 -8.49 23.06
CA HIS A 180 -1.59 -9.30 21.85
C HIS A 180 -1.38 -8.56 20.53
N CYS A 181 -0.20 -7.97 20.32
CA CYS A 181 0.09 -7.31 19.05
C CYS A 181 0.10 -8.31 17.90
N THR A 182 -0.43 -7.87 16.76
CA THR A 182 -0.52 -8.70 15.57
C THR A 182 0.02 -8.08 14.31
N SER A 183 0.35 -6.78 14.29
CA SER A 183 0.73 -6.07 13.08
C SER A 183 2.11 -5.46 13.22
N GLU A 184 2.83 -5.37 12.09
CA GLU A 184 4.11 -4.65 12.08
C GLU A 184 3.92 -3.20 12.47
N SER A 185 2.82 -2.59 12.05
CA SER A 185 2.57 -1.19 12.39
C SER A 185 2.53 -0.99 13.90
N ALA A 186 1.94 -1.94 14.64
CA ALA A 186 1.86 -1.81 16.09
C ALA A 186 3.22 -2.00 16.73
N ILE A 187 4.01 -2.96 16.23
CA ILE A 187 5.39 -3.13 16.73
C ILE A 187 6.19 -1.82 16.60
N LYS A 188 6.13 -1.22 15.43
CA LYS A 188 6.81 0.06 15.15
C LYS A 188 6.36 1.10 16.17
N THR A 189 5.05 1.25 16.35
CA THR A 189 4.52 2.23 17.29
C THR A 189 5.02 1.96 18.71
N ILE A 190 5.12 0.69 19.10
CA ILE A 190 5.58 0.40 20.47
C ILE A 190 7.06 0.76 20.62
N GLU A 191 7.92 0.29 19.70
CA GLU A 191 9.34 0.63 19.82
C GLU A 191 9.52 2.13 19.81
N ASP A 192 8.81 2.77 18.89
CA ASP A 192 8.96 4.23 18.74
C ASP A 192 8.65 4.92 20.07
N ILE A 193 7.53 4.58 20.66
CA ILE A 193 7.15 5.18 21.95
C ILE A 193 8.25 4.97 22.97
N ASN A 194 8.99 3.87 22.82
CA ASN A 194 10.03 3.40 23.73
C ASN A 194 11.45 3.68 23.18
N LYS A 195 11.59 4.75 22.42
CA LYS A 195 12.86 5.03 21.75
C LYS A 195 13.96 5.38 22.74
N ASN A 196 13.64 6.22 23.73
CA ASN A 196 14.62 6.65 24.74
C ASN A 196 14.46 5.86 26.03
N VAL A 197 14.64 4.54 25.95
CA VAL A 197 14.49 3.67 27.12
C VAL A 197 15.55 2.58 27.05
N LYS A 198 16.50 2.59 27.99
CA LYS A 198 17.48 1.53 28.20
C LYS A 198 17.35 0.86 29.57
N LYS A 199 16.69 1.50 30.53
CA LYS A 199 16.73 1.05 31.92
C LYS A 199 15.81 -0.14 32.17
N ALA A 200 14.77 -0.28 31.35
CA ALA A 200 13.77 -1.36 31.39
C ALA A 200 12.77 -1.22 32.52
N THR A 201 13.11 -0.49 33.59
CA THR A 201 12.10 -0.13 34.57
C THR A 201 11.37 1.14 34.16
N ASP A 202 11.90 1.81 33.15
CA ASP A 202 11.36 3.06 32.62
C ASP A 202 10.30 2.86 31.56
N VAL A 203 10.11 1.63 31.09
CA VAL A 203 9.05 1.44 30.06
C VAL A 203 7.70 1.66 30.72
N LYS A 204 6.85 2.47 30.09
CA LYS A 204 5.50 2.74 30.54
C LYS A 204 4.44 2.14 29.63
N VAL A 205 4.71 2.07 28.33
CA VAL A 205 3.86 1.38 27.36
C VAL A 205 4.62 0.15 26.86
N ALA A 206 4.03 -1.02 27.07
CA ALA A 206 4.58 -2.28 26.60
C ALA A 206 3.53 -2.98 25.75
N ALA A 207 3.91 -4.11 25.15
CA ALA A 207 2.99 -4.91 24.38
C ALA A 207 3.25 -6.38 24.68
N THR A 208 2.18 -7.15 24.84
CA THR A 208 2.34 -8.58 24.96
C THR A 208 2.21 -9.26 23.62
N LEU A 209 2.90 -10.38 23.47
CA LEU A 209 2.86 -11.18 22.27
C LEU A 209 2.40 -12.56 22.67
N THR A 210 1.43 -13.09 21.94
CA THR A 210 0.89 -14.40 22.20
C THR A 210 1.81 -15.48 21.65
N ALA A 211 1.57 -16.71 22.08
CA ALA A 211 2.16 -17.87 21.43
C ALA A 211 1.68 -18.01 19.99
N HIS A 212 0.35 -17.97 19.77
CA HIS A 212 -0.18 -18.36 18.46
C HIS A 212 0.14 -17.33 17.39
N HIS A 213 0.32 -16.07 17.76
CA HIS A 213 0.64 -15.08 16.75
C HIS A 213 2.08 -15.14 16.26
N LEU A 214 2.95 -15.91 16.92
CA LEU A 214 4.30 -16.15 16.41
C LEU A 214 4.37 -17.32 15.42
N PHE A 215 3.26 -18.05 15.23
CA PHE A 215 3.13 -19.12 14.25
C PHE A 215 2.15 -18.77 13.12
N LEU A 216 1.00 -18.17 13.45
CA LEU A 216 -0.15 -18.09 12.56
C LEU A 216 -0.07 -16.92 11.60
N THR A 217 -0.67 -17.11 10.41
CA THR A 217 -1.04 -16.03 9.50
C THR A 217 -2.49 -16.20 9.08
N ILE A 218 -3.02 -15.22 8.33
CA ILE A 218 -4.40 -15.31 7.84
C ILE A 218 -4.66 -16.66 7.16
N ASP A 219 -3.66 -17.22 6.51
CA ASP A 219 -3.86 -18.50 5.83
C ASP A 219 -4.22 -19.61 6.80
N ASP A 220 -3.70 -19.54 8.02
CA ASP A 220 -3.95 -20.64 8.96
C ASP A 220 -5.34 -20.61 9.59
N TRP A 221 -6.02 -19.45 9.59
CA TRP A 221 -7.36 -19.39 10.18
C TRP A 221 -8.48 -19.17 9.15
N ALA A 222 -8.17 -18.96 7.87
CA ALA A 222 -9.22 -18.75 6.87
C ALA A 222 -10.23 -19.90 6.85
N GLY A 223 -9.75 -21.14 6.87
CA GLY A 223 -10.60 -22.32 6.89
C GLY A 223 -10.57 -23.10 8.18
N ASN A 224 -9.96 -22.57 9.24
CA ASN A 224 -9.73 -23.32 10.47
C ASN A 224 -10.15 -22.45 11.65
N PRO A 225 -11.44 -22.49 12.01
CA PRO A 225 -11.92 -21.72 13.16
C PRO A 225 -11.13 -21.91 14.47
N VAL A 226 -10.50 -23.07 14.65
CA VAL A 226 -9.70 -23.29 15.88
C VAL A 226 -8.62 -22.22 15.97
N ASN A 227 -8.19 -21.70 14.82
CA ASN A 227 -7.13 -20.69 14.80
C ASN A 227 -7.67 -19.28 14.67
N PHE A 228 -8.99 -19.10 14.61
CA PHE A 228 -9.59 -17.77 14.53
C PHE A 228 -9.49 -17.12 15.91
N CYS A 229 -8.94 -15.91 15.96
CA CYS A 229 -8.89 -15.17 17.21
C CYS A 229 -8.91 -13.67 16.91
N LYS A 230 -9.00 -12.88 17.98
CA LYS A 230 -8.90 -11.44 17.86
C LYS A 230 -7.69 -10.93 18.64
N PRO A 231 -6.88 -10.03 18.08
CA PRO A 231 -6.93 -9.60 16.68
C PRO A 231 -6.53 -10.78 15.79
N VAL A 232 -7.07 -10.84 14.57
CA VAL A 232 -6.78 -11.96 13.69
C VAL A 232 -5.29 -12.02 13.38
N ALA A 233 -4.79 -13.23 13.21
CA ALA A 233 -3.47 -13.35 12.62
C ALA A 233 -3.49 -12.77 11.20
N LYS A 234 -2.49 -11.94 10.90
CA LYS A 234 -2.39 -11.10 9.73
C LYS A 234 -1.41 -11.69 8.72
N LEU A 235 -0.72 -10.84 7.98
CA LEU A 235 0.07 -11.22 6.84
C LEU A 235 1.46 -11.77 7.27
N PRO A 236 2.16 -12.48 6.36
CA PRO A 236 3.50 -13.01 6.69
C PRO A 236 4.49 -11.96 7.19
N ASN A 237 4.44 -10.75 6.62
CA ASN A 237 5.23 -9.63 7.11
C ASN A 237 4.90 -9.31 8.56
N ASP A 238 3.63 -9.40 8.94
CA ASP A 238 3.27 -9.13 10.32
C ASP A 238 3.85 -10.19 11.24
N LYS A 239 3.69 -11.46 10.89
CA LYS A 239 4.31 -12.50 11.71
C LYS A 239 5.79 -12.24 11.86
N LYS A 240 6.43 -11.85 10.75
CA LYS A 240 7.86 -11.59 10.74
C LYS A 240 8.26 -10.55 11.78
N ALA A 241 7.52 -9.44 11.87
CA ALA A 241 7.82 -8.42 12.88
C ALA A 241 7.58 -8.95 14.29
N LEU A 242 6.48 -9.67 14.48
CA LEU A 242 6.13 -10.19 15.81
C LEU A 242 7.22 -11.14 16.31
N VAL A 243 7.69 -12.07 15.49
CA VAL A 243 8.74 -13.00 15.92
C VAL A 243 10.01 -12.23 16.24
N LYS A 244 10.39 -11.27 15.39
CA LYS A 244 11.59 -10.48 15.62
C LYS A 244 11.53 -9.78 16.96
N ALA A 245 10.38 -9.18 17.27
CA ALA A 245 10.19 -8.50 18.55
C ALA A 245 10.23 -9.47 19.72
N ALA A 246 9.62 -10.65 19.58
CA ALA A 246 9.59 -11.59 20.69
C ALA A 246 11.00 -12.01 21.11
N VAL A 247 11.89 -12.19 20.15
CA VAL A 247 13.25 -12.66 20.40
C VAL A 247 14.23 -11.50 20.53
N SER A 248 13.75 -10.26 20.52
CA SER A 248 14.63 -9.10 20.42
C SER A 248 15.40 -8.83 21.71
N GLY A 249 14.92 -9.33 22.85
CA GLY A 249 15.51 -8.94 24.12
C GLY A 249 15.08 -7.60 24.63
N LYS A 250 14.16 -6.95 23.96
CA LYS A 250 13.71 -5.63 24.40
C LYS A 250 12.67 -5.76 25.52
N PRO A 251 12.79 -4.96 26.59
CA PRO A 251 11.95 -5.13 27.78
C PRO A 251 10.49 -4.74 27.62
N TYR A 252 10.15 -4.17 26.45
CA TYR A 252 8.79 -3.62 26.23
C TYR A 252 7.85 -4.59 25.51
N PHE A 253 8.37 -5.77 25.23
CA PHE A 253 7.64 -6.92 24.69
C PHE A 253 7.83 -8.08 25.65
N PHE A 254 6.75 -8.63 26.19
CA PHE A 254 6.82 -9.87 26.96
C PHE A 254 5.60 -10.74 26.68
N PHE A 255 5.65 -11.97 27.18
CA PHE A 255 4.69 -13.01 26.85
C PHE A 255 3.34 -12.80 27.53
N GLY A 256 2.26 -12.81 26.74
CA GLY A 256 0.90 -12.95 27.24
C GLY A 256 0.16 -13.88 26.30
N SER A 257 -0.26 -15.04 26.78
CA SER A 257 -0.75 -16.07 25.85
C SER A 257 -2.07 -15.67 25.18
N ASP A 258 -2.92 -14.95 25.90
CA ASP A 258 -4.33 -14.84 25.51
C ASP A 258 -4.93 -16.21 25.26
N SER A 259 -4.49 -17.18 26.07
CA SER A 259 -5.16 -18.46 26.02
C SER A 259 -6.61 -18.25 26.38
N ALA A 260 -7.50 -18.62 25.44
CA ALA A 260 -8.93 -18.33 25.47
C ALA A 260 -9.70 -19.62 25.21
N PRO A 261 -10.04 -20.37 26.26
CA PRO A 261 -10.73 -21.66 26.04
C PRO A 261 -12.19 -21.47 25.62
N HIS A 262 -12.59 -22.25 24.61
CA HIS A 262 -13.97 -22.40 24.16
C HIS A 262 -14.25 -23.88 23.93
N PRO A 263 -15.43 -24.38 24.30
CA PRO A 263 -15.76 -25.76 23.97
C PRO A 263 -15.81 -25.94 22.46
N VAL A 264 -15.40 -27.12 22.01
CA VAL A 264 -15.31 -27.40 20.57
C VAL A 264 -16.59 -27.02 19.82
N GLN A 265 -17.76 -27.20 20.45
CA GLN A 265 -19.01 -26.90 19.75
C GLN A 265 -19.16 -25.41 19.46
N ASN A 266 -18.44 -24.56 20.18
CA ASN A 266 -18.49 -23.12 19.91
C ASN A 266 -17.48 -22.66 18.87
N LYS A 267 -16.62 -23.55 18.39
CA LYS A 267 -15.79 -23.27 17.23
C LYS A 267 -16.38 -23.85 15.96
N ALA A 268 -17.17 -24.92 16.06
CA ALA A 268 -17.73 -25.59 14.90
C ALA A 268 -19.13 -25.05 14.60
N ASN A 269 -19.18 -23.76 14.30
CA ASN A 269 -20.40 -23.10 13.88
C ASN A 269 -20.25 -22.71 12.42
N TYR A 270 -21.35 -22.73 11.67
CA TYR A 270 -21.26 -22.09 10.35
C TYR A 270 -21.27 -20.58 10.45
N GLU A 271 -21.52 -20.01 11.63
CA GLU A 271 -21.48 -18.56 11.81
C GLU A 271 -21.31 -18.26 13.28
N GLY A 272 -20.73 -17.09 13.57
CA GLY A 272 -20.51 -16.73 14.95
C GLY A 272 -19.52 -17.63 15.67
N VAL A 273 -18.48 -18.08 14.96
CA VAL A 273 -17.40 -18.84 15.60
C VAL A 273 -16.82 -18.01 16.73
N CYS A 274 -16.72 -18.61 17.92
CA CYS A 274 -16.10 -17.90 19.03
C CYS A 274 -14.63 -17.67 18.72
N ALA A 275 -14.21 -16.42 18.79
CA ALA A 275 -12.80 -16.12 18.51
C ALA A 275 -12.00 -16.73 19.62
N GLY A 276 -10.80 -17.21 19.38
CA GLY A 276 -9.93 -17.55 20.51
C GLY A 276 -9.18 -18.86 20.37
N VAL A 277 -7.91 -18.85 20.79
CA VAL A 277 -7.01 -19.99 20.68
C VAL A 277 -6.61 -20.42 22.08
N TYR A 278 -6.70 -21.71 22.36
CA TYR A 278 -6.33 -22.24 23.68
C TYR A 278 -4.90 -22.73 23.65
N SER A 279 -4.02 -22.01 24.36
CA SER A 279 -2.60 -22.34 24.42
C SER A 279 -2.09 -22.65 25.83
N GLN A 280 -2.95 -22.65 26.85
CA GLN A 280 -2.47 -22.68 28.23
C GLN A 280 -1.70 -23.96 28.56
N SER A 281 -2.20 -25.09 28.06
CA SER A 281 -1.67 -26.39 28.46
C SER A 281 -0.21 -26.57 28.08
N PHE A 282 0.27 -25.85 27.07
CA PHE A 282 1.64 -26.01 26.61
C PHE A 282 2.26 -24.64 26.36
N ALA A 283 1.81 -23.64 27.10
CA ALA A 283 2.23 -22.26 26.89
C ALA A 283 3.72 -22.13 26.66
N ILE A 284 4.51 -22.55 27.64
CA ILE A 284 5.96 -22.35 27.60
C ILE A 284 6.60 -23.20 26.49
N PRO A 285 6.28 -24.50 26.37
CA PRO A 285 6.80 -25.24 25.21
C PRO A 285 6.54 -24.58 23.85
N TYR A 286 5.32 -24.06 23.60
CA TYR A 286 5.08 -23.35 22.35
C TYR A 286 6.11 -22.26 22.10
N ILE A 287 6.37 -21.44 23.12
CA ILE A 287 7.31 -20.34 22.99
C ILE A 287 8.74 -20.85 22.79
N ALA A 288 9.08 -21.96 23.45
CA ALA A 288 10.39 -22.58 23.31
C ALA A 288 10.69 -22.91 21.84
N GLN A 289 9.73 -23.53 21.16
CA GLN A 289 9.90 -23.83 19.74
C GLN A 289 10.34 -22.61 18.95
N VAL A 290 9.68 -21.47 19.16
CA VAL A 290 9.98 -20.29 18.37
C VAL A 290 11.38 -19.79 18.66
N PHE A 291 11.76 -19.75 19.94
CA PHE A 291 13.07 -19.23 20.31
C PHE A 291 14.17 -20.18 19.85
N GLU A 292 13.92 -21.50 19.88
CA GLU A 292 14.87 -22.44 19.29
C GLU A 292 15.07 -22.13 17.81
N GLU A 293 13.98 -22.13 17.04
CA GLU A 293 14.05 -21.91 15.60
C GLU A 293 14.71 -20.59 15.24
N GLN A 294 14.68 -19.61 16.13
CA GLN A 294 15.31 -18.33 15.88
C GLN A 294 16.72 -18.25 16.45
N ASN A 295 17.27 -19.37 16.94
CA ASN A 295 18.58 -19.41 17.59
C ASN A 295 18.71 -18.28 18.61
N ALA A 296 17.74 -18.21 19.52
CA ALA A 296 17.71 -17.12 20.50
C ALA A 296 17.26 -17.58 21.87
N LEU A 297 17.50 -18.86 22.20
CA LEU A 297 17.04 -19.38 23.48
C LEU A 297 17.61 -18.60 24.67
N GLU A 298 18.69 -17.84 24.48
CA GLU A 298 19.21 -17.02 25.57
C GLU A 298 18.28 -15.87 25.92
N ASN A 299 17.36 -15.51 25.02
CA ASN A 299 16.41 -14.45 25.30
C ASN A 299 15.08 -14.97 25.83
N LEU A 300 14.93 -16.30 25.91
CA LEU A 300 13.68 -16.90 26.36
C LEU A 300 13.32 -16.43 27.77
N LYS A 301 14.28 -16.43 28.69
CA LYS A 301 13.99 -16.06 30.07
C LYS A 301 13.49 -14.63 30.17
N GLY A 302 14.09 -13.72 29.40
CA GLY A 302 13.60 -12.35 29.41
C GLY A 302 12.16 -12.26 28.94
N PHE A 303 11.84 -12.95 27.84
CA PHE A 303 10.52 -12.81 27.23
C PHE A 303 9.41 -13.43 28.08
N VAL A 304 9.66 -14.59 28.71
CA VAL A 304 8.61 -15.23 29.49
C VAL A 304 8.74 -15.01 30.99
N SER A 305 9.86 -14.44 31.47
CA SER A 305 9.94 -14.20 32.91
C SER A 305 10.31 -12.78 33.33
N ASP A 306 11.50 -12.30 32.92
CA ASP A 306 12.03 -11.07 33.50
C ASP A 306 11.15 -9.86 33.21
N PHE A 307 10.83 -9.64 31.93
CA PHE A 307 10.26 -8.36 31.53
C PHE A 307 8.85 -8.17 32.08
N GLY A 308 8.07 -9.26 32.15
CA GLY A 308 6.74 -9.16 32.73
C GLY A 308 6.76 -8.93 34.23
N ILE A 309 7.65 -9.62 34.94
CA ILE A 309 7.82 -9.40 36.37
C ILE A 309 8.23 -7.96 36.63
N SER A 310 9.24 -7.47 35.91
CA SER A 310 9.64 -6.08 36.02
C SER A 310 8.47 -5.11 35.77
N PHE A 311 7.77 -5.28 34.64
CA PHE A 311 6.78 -4.27 34.25
C PHE A 311 5.62 -4.23 35.21
N TYR A 312 5.15 -5.39 35.67
CA TYR A 312 4.08 -5.47 36.64
C TYR A 312 4.59 -5.28 38.08
N GLU A 313 5.91 -5.17 38.26
CA GLU A 313 6.52 -4.94 39.57
C GLU A 313 6.08 -6.01 40.56
N VAL A 314 6.26 -7.27 40.16
CA VAL A 314 5.90 -8.41 40.99
C VAL A 314 7.02 -8.63 41.99
N LYS A 315 6.67 -8.61 43.27
CA LYS A 315 7.60 -8.79 44.37
C LYS A 315 7.48 -10.22 44.90
N ASP A 316 8.58 -10.73 45.46
CA ASP A 316 8.59 -12.09 45.98
C ASP A 316 7.59 -12.24 47.12
N SER A 317 7.14 -11.12 47.70
CA SER A 317 6.07 -11.13 48.70
C SER A 317 4.81 -11.80 48.18
N GLU A 318 4.58 -11.74 46.87
CA GLU A 318 3.26 -12.07 46.36
C GLU A 318 3.19 -13.47 45.77
N VAL A 319 4.33 -14.07 45.42
CA VAL A 319 4.31 -15.31 44.66
C VAL A 319 3.87 -16.47 45.55
N ALA A 320 2.90 -17.23 45.07
CA ALA A 320 2.28 -18.31 45.81
C ALA A 320 3.16 -19.55 45.91
N SER A 321 4.18 -19.64 45.07
CA SER A 321 5.13 -20.72 45.14
C SER A 321 6.41 -20.22 44.50
N SER A 322 7.54 -20.56 45.12
CA SER A 322 8.84 -20.16 44.57
C SER A 322 9.39 -21.19 43.59
N ASP A 323 8.63 -22.24 43.29
CA ASP A 323 9.05 -23.25 42.32
C ASP A 323 9.41 -22.60 40.99
N LYS A 324 10.48 -23.11 40.40
CA LYS A 324 11.05 -22.59 39.16
C LYS A 324 10.62 -23.48 38.00
N ALA A 325 10.33 -22.85 36.87
CA ALA A 325 9.99 -23.61 35.68
C ALA A 325 11.27 -24.04 34.99
N ILE A 326 11.45 -25.35 34.85
CA ILE A 326 12.60 -25.90 34.13
C ILE A 326 12.11 -26.47 32.82
N LEU A 327 12.60 -25.89 31.73
CA LEU A 327 12.36 -26.40 30.39
C LEU A 327 13.37 -27.48 30.07
N PHE A 328 12.89 -28.69 29.78
CA PHE A 328 13.78 -29.76 29.37
C PHE A 328 13.34 -30.33 28.03
N LYS A 329 14.32 -30.60 27.16
CA LYS A 329 14.06 -30.97 25.78
C LYS A 329 13.63 -32.43 25.71
N LYS A 330 12.41 -32.70 26.17
CA LYS A 330 11.81 -34.04 25.95
C LYS A 330 10.66 -33.77 24.99
N GLU A 331 10.72 -34.26 23.76
CA GLU A 331 9.71 -33.94 22.72
C GLU A 331 8.37 -34.62 23.02
N GLN A 332 7.28 -33.87 23.05
CA GLN A 332 5.97 -34.47 23.35
C GLN A 332 4.99 -34.18 22.22
N VAL A 333 3.85 -34.86 22.26
CA VAL A 333 2.83 -34.70 21.25
C VAL A 333 1.59 -34.06 21.88
N ILE A 334 1.11 -33.00 21.26
CA ILE A 334 -0.09 -32.29 21.72
C ILE A 334 -1.31 -33.14 21.43
N PRO A 335 -2.17 -33.41 22.41
CA PRO A 335 -3.37 -34.20 22.15
C PRO A 335 -4.24 -33.57 21.09
N GLN A 336 -5.20 -34.35 20.60
CA GLN A 336 -6.19 -33.81 19.67
C GLN A 336 -7.27 -33.06 20.42
N VAL A 337 -7.53 -33.45 21.66
CA VAL A 337 -8.59 -32.85 22.47
C VAL A 337 -8.07 -32.71 23.90
N ILE A 338 -8.61 -31.75 24.62
CA ILE A 338 -8.35 -31.58 26.04
C ILE A 338 -9.71 -31.61 26.72
N SER A 339 -9.90 -32.58 27.61
CA SER A 339 -11.25 -32.84 28.11
C SER A 339 -11.24 -33.02 29.62
N ASP A 340 -12.34 -32.62 30.27
CA ASP A 340 -12.57 -32.94 31.68
C ASP A 340 -13.27 -34.28 31.90
N GLY A 341 -13.51 -35.06 30.84
CA GLY A 341 -14.21 -36.34 30.96
C GLY A 341 -15.70 -36.23 31.23
N LYS A 342 -16.28 -35.10 30.81
CA LYS A 342 -17.74 -34.82 30.96
C LYS A 342 -18.21 -34.14 29.68
N ASP A 343 -18.95 -33.03 29.81
CA ASP A 343 -19.43 -32.29 28.64
C ASP A 343 -18.37 -31.46 27.90
N ILE A 344 -17.20 -31.17 28.49
CA ILE A 344 -16.28 -30.17 27.94
C ILE A 344 -15.11 -30.82 27.20
N SER A 345 -14.94 -30.44 25.93
CA SER A 345 -13.77 -30.76 25.12
C SER A 345 -13.22 -29.49 24.46
N ILE A 346 -11.90 -29.35 24.45
CA ILE A 346 -11.23 -28.17 23.87
C ILE A 346 -10.18 -28.65 22.90
N ILE A 347 -10.13 -27.98 21.73
CA ILE A 347 -9.06 -28.23 20.77
C ILE A 347 -7.89 -27.32 21.13
N PRO A 348 -6.74 -27.86 21.52
CA PRO A 348 -5.60 -27.02 21.85
C PRO A 348 -4.90 -26.54 20.59
N PHE A 349 -4.23 -25.40 20.73
CA PHE A 349 -3.40 -24.87 19.66
C PHE A 349 -2.42 -25.92 19.14
N LYS A 350 -2.34 -26.04 17.81
CA LYS A 350 -1.41 -26.97 17.18
C LYS A 350 -1.68 -28.41 17.60
N ALA A 351 -2.96 -28.74 17.80
CA ALA A 351 -3.35 -30.10 18.18
C ALA A 351 -2.74 -31.13 17.26
N GLY A 352 -2.12 -32.16 17.87
CA GLY A 352 -1.54 -33.27 17.15
C GLY A 352 -0.12 -33.08 16.73
N ASP A 353 0.43 -31.88 16.89
CA ASP A 353 1.82 -31.64 16.56
C ASP A 353 2.71 -32.03 17.74
N LYS A 354 3.99 -32.19 17.44
CA LYS A 354 4.95 -32.57 18.49
C LYS A 354 5.84 -31.37 18.75
N LEU A 355 6.12 -31.15 20.03
CA LEU A 355 6.98 -30.08 20.53
C LEU A 355 8.28 -30.68 21.02
N SER A 356 9.40 -30.02 20.70
CA SER A 356 10.69 -30.49 21.16
C SER A 356 10.80 -30.46 22.68
N TRP A 357 10.15 -29.51 23.35
CA TRP A 357 10.40 -29.23 24.76
C TRP A 357 9.21 -29.58 25.66
N SER A 358 9.53 -29.99 26.89
CA SER A 358 8.56 -30.11 27.98
C SER A 358 8.98 -29.16 29.09
N VAL A 359 8.16 -29.09 30.13
CA VAL A 359 8.46 -28.21 31.27
C VAL A 359 8.05 -28.92 32.55
N ARG A 360 8.91 -28.84 33.56
CA ARG A 360 8.62 -29.38 34.90
C ARG A 360 8.94 -28.30 35.94
N TRP A 361 8.66 -28.60 37.20
CA TRP A 361 8.86 -27.65 38.30
C TRP A 361 9.90 -28.18 39.29
N GLU A 362 10.90 -27.36 39.55
CA GLU A 362 11.96 -27.59 40.52
C GLU A 362 11.82 -26.62 41.68
N PRO A 363 11.83 -27.08 42.92
CA PRO A 363 11.74 -26.15 44.06
C PRO A 363 13.02 -25.31 44.19
N ARG A 364 12.92 -24.26 44.99
CA ARG A 364 14.06 -23.44 45.31
C ARG A 364 14.60 -23.95 46.63
N LEU A 365 15.92 -23.97 46.78
CA LEU A 365 16.51 -24.71 47.91
C LEU A 365 17.52 -23.87 48.68
N VAL B 2 -46.45 -4.18 -10.35
CA VAL B 2 -45.05 -4.23 -9.98
C VAL B 2 -44.18 -4.07 -11.23
N GLN B 3 -43.01 -3.47 -11.05
CA GLN B 3 -42.08 -3.26 -12.16
C GLN B 3 -41.48 -4.60 -12.62
N GLU B 4 -41.25 -4.70 -13.92
CA GLU B 4 -40.72 -5.91 -14.55
C GLU B 4 -39.53 -5.57 -15.43
N ILE B 5 -38.59 -6.51 -15.53
CA ILE B 5 -37.43 -6.38 -16.41
C ILE B 5 -37.25 -7.67 -17.20
N ASP B 6 -37.30 -7.59 -18.52
CA ASP B 6 -37.07 -8.73 -19.40
C ASP B 6 -35.57 -8.97 -19.54
N LEU B 7 -35.05 -9.97 -18.84
CA LEU B 7 -33.63 -10.30 -18.92
C LEU B 7 -33.31 -11.27 -20.04
N GLY B 8 -34.31 -11.80 -20.74
CA GLY B 8 -34.03 -12.71 -21.84
C GLY B 8 -33.42 -14.02 -21.37
N LEU B 9 -32.42 -14.48 -22.11
CA LEU B 9 -31.76 -15.75 -21.81
C LEU B 9 -30.57 -15.48 -20.90
N THR B 10 -30.86 -15.45 -19.60
CA THR B 10 -29.84 -15.25 -18.58
C THR B 10 -28.85 -16.40 -18.59
N CYS B 11 -27.61 -16.10 -18.26
CA CYS B 11 -26.60 -17.13 -18.15
C CYS B 11 -25.72 -16.89 -16.94
N ASP B 12 -25.38 -17.98 -16.27
CA ASP B 12 -24.45 -18.05 -15.15
C ASP B 12 -23.29 -18.93 -15.59
N MET B 13 -22.12 -18.32 -15.80
CA MET B 13 -21.01 -19.01 -16.41
C MET B 13 -20.05 -19.59 -15.39
N HIS B 14 -20.49 -19.80 -14.15
CA HIS B 14 -19.61 -20.47 -13.18
C HIS B 14 -20.49 -21.15 -12.14
N VAL B 15 -20.79 -22.43 -12.37
CA VAL B 15 -21.78 -23.18 -11.60
C VAL B 15 -21.14 -24.47 -11.11
N HIS B 16 -21.33 -24.78 -9.82
CA HIS B 16 -20.99 -26.07 -9.24
C HIS B 16 -22.27 -26.78 -8.87
N VAL B 17 -22.49 -27.99 -9.38
CA VAL B 17 -23.75 -28.71 -9.05
C VAL B 17 -23.47 -30.04 -8.38
N ARG B 18 -22.21 -30.37 -8.13
CA ARG B 18 -21.82 -31.62 -7.44
C ARG B 18 -22.36 -32.88 -8.13
N GLU B 19 -22.57 -33.92 -7.34
CA GLU B 19 -23.07 -35.22 -7.83
C GLU B 19 -24.07 -35.78 -6.83
N GLY B 20 -24.65 -36.94 -7.15
CA GLY B 20 -25.55 -37.62 -6.22
C GLY B 20 -26.74 -36.80 -5.80
N ALA B 21 -27.10 -36.93 -4.52
CA ALA B 21 -28.31 -36.28 -4.02
C ALA B 21 -28.18 -34.77 -4.02
N MET B 22 -26.98 -34.29 -3.71
CA MET B 22 -26.73 -32.85 -3.74
C MET B 22 -27.02 -32.31 -5.14
N CYS B 23 -26.56 -33.04 -6.16
CA CYS B 23 -26.81 -32.60 -7.52
C CYS B 23 -28.30 -32.62 -7.83
N GLU B 24 -29.02 -33.62 -7.32
CA GLU B 24 -30.48 -33.67 -7.49
C GLU B 24 -31.17 -32.48 -6.84
N LEU B 25 -30.65 -32.02 -5.69
CA LEU B 25 -31.22 -30.86 -5.02
C LEU B 25 -30.93 -29.56 -5.78
N VAL B 26 -29.66 -29.35 -6.18
CA VAL B 26 -29.26 -28.01 -6.61
C VAL B 26 -29.50 -27.75 -8.10
N THR B 27 -29.35 -28.77 -8.96
CA THR B 27 -29.50 -28.53 -10.40
C THR B 27 -30.84 -27.90 -10.79
N PRO B 28 -32.00 -28.27 -10.21
CA PRO B 28 -33.23 -27.54 -10.53
C PRO B 28 -33.23 -26.12 -10.06
N LYS B 29 -32.35 -25.77 -9.12
CA LYS B 29 -32.30 -24.41 -8.60
C LYS B 29 -31.69 -23.43 -9.59
N ILE B 30 -31.01 -23.92 -10.62
CA ILE B 30 -30.49 -23.04 -11.66
C ILE B 30 -31.65 -22.29 -12.31
N ARG B 31 -32.67 -23.05 -12.74
CA ARG B 31 -33.85 -22.41 -13.31
C ARG B 31 -34.58 -21.58 -12.26
N ASP B 32 -34.76 -22.11 -11.05
CA ASP B 32 -35.50 -21.36 -10.04
C ASP B 32 -34.80 -20.06 -9.68
N GLY B 33 -33.48 -20.01 -9.77
CA GLY B 33 -32.80 -18.77 -9.48
C GLY B 33 -32.80 -17.77 -10.63
N GLY B 34 -33.40 -18.11 -11.77
CA GLY B 34 -33.47 -17.20 -12.88
C GLY B 34 -32.42 -17.37 -13.95
N VAL B 35 -31.74 -18.50 -14.01
CA VAL B 35 -30.64 -18.73 -14.95
C VAL B 35 -31.09 -19.75 -15.99
N SER B 36 -30.95 -19.39 -17.27
CA SER B 36 -31.27 -20.28 -18.38
C SER B 36 -30.09 -21.13 -18.80
N ILE B 37 -28.91 -20.54 -18.84
CA ILE B 37 -27.70 -21.19 -19.33
C ILE B 37 -26.67 -21.24 -18.21
N ALA B 38 -26.06 -22.41 -18.00
CA ALA B 38 -25.11 -22.60 -16.92
C ALA B 38 -23.84 -23.28 -17.45
N TYR B 39 -22.68 -22.69 -17.12
CA TYR B 39 -21.37 -23.32 -17.37
C TYR B 39 -20.99 -24.15 -16.16
N ILE B 40 -20.85 -25.46 -16.35
CA ILE B 40 -20.70 -26.44 -15.27
C ILE B 40 -19.22 -26.73 -15.05
N MET B 41 -18.74 -26.48 -13.82
CA MET B 41 -17.34 -26.65 -13.47
C MET B 41 -17.06 -28.12 -13.17
N PRO B 42 -15.82 -28.57 -13.38
CA PRO B 42 -15.52 -30.01 -13.39
C PRO B 42 -14.88 -30.60 -12.14
N ASN B 43 -14.83 -29.85 -11.06
CA ASN B 43 -14.04 -30.39 -9.93
C ASN B 43 -14.80 -31.36 -9.04
N LEU B 44 -15.19 -32.46 -9.64
CA LEU B 44 -15.79 -33.60 -8.96
C LEU B 44 -14.70 -34.48 -8.34
N GLN B 45 -15.12 -35.46 -7.53
CA GLN B 45 -14.24 -36.55 -7.07
C GLN B 45 -14.60 -37.81 -7.83
N PRO B 46 -13.77 -38.26 -8.78
CA PRO B 46 -12.55 -37.61 -9.24
C PRO B 46 -12.89 -36.53 -10.28
N PRO B 47 -11.95 -35.64 -10.60
CA PRO B 47 -12.25 -34.58 -11.57
C PRO B 47 -12.64 -35.16 -12.91
N ILE B 48 -13.43 -34.39 -13.66
CA ILE B 48 -13.88 -34.81 -14.98
C ILE B 48 -12.75 -34.64 -15.98
N THR B 49 -12.13 -35.74 -16.39
CA THR B 49 -11.03 -35.71 -17.34
C THR B 49 -11.21 -36.69 -18.50
N THR B 50 -12.37 -37.34 -18.61
CA THR B 50 -12.59 -38.34 -19.65
C THR B 50 -13.85 -37.98 -20.40
N LEU B 51 -13.86 -38.29 -21.70
CA LEU B 51 -15.03 -38.00 -22.53
C LEU B 51 -16.27 -38.70 -22.00
N ASP B 52 -16.14 -39.95 -21.55
CA ASP B 52 -17.32 -40.73 -21.16
C ASP B 52 -18.03 -40.10 -19.97
N ARG B 53 -17.27 -39.64 -18.98
CA ARG B 53 -17.92 -39.07 -17.78
C ARG B 53 -18.49 -37.68 -18.05
N VAL B 54 -17.87 -36.87 -18.91
CA VAL B 54 -18.51 -35.56 -19.14
C VAL B 54 -19.81 -35.73 -19.92
N ILE B 55 -19.89 -36.71 -20.81
CA ILE B 55 -21.14 -36.96 -21.55
C ILE B 55 -22.22 -37.46 -20.62
N GLU B 56 -21.87 -38.42 -19.76
CA GLU B 56 -22.83 -38.97 -18.82
C GLU B 56 -23.28 -37.92 -17.80
N TYR B 57 -22.34 -37.10 -17.32
CA TYR B 57 -22.66 -36.03 -16.37
C TYR B 57 -23.66 -35.03 -16.94
N LYS B 58 -23.42 -34.54 -18.18
CA LYS B 58 -24.34 -33.58 -18.80
C LYS B 58 -25.75 -34.16 -18.92
N LYS B 59 -25.84 -35.40 -19.40
CA LYS B 59 -27.16 -36.04 -19.55
C LYS B 59 -27.86 -36.14 -18.21
N THR B 60 -27.11 -36.47 -17.16
CA THR B 60 -27.67 -36.48 -15.81
C THR B 60 -28.25 -35.12 -15.45
N LEU B 61 -27.53 -34.04 -15.78
CA LEU B 61 -28.05 -32.71 -15.51
C LEU B 61 -29.28 -32.43 -16.37
N GLN B 62 -29.26 -32.87 -17.63
CA GLN B 62 -30.39 -32.60 -18.51
C GLN B 62 -31.63 -33.32 -18.03
N LYS B 63 -31.46 -34.53 -17.51
CA LYS B 63 -32.58 -35.26 -16.93
C LYS B 63 -33.15 -34.52 -15.72
N LEU B 64 -32.28 -33.89 -14.94
CA LEU B 64 -32.70 -33.16 -13.74
C LEU B 64 -33.32 -31.82 -14.04
N ALA B 65 -32.96 -31.20 -15.17
CA ALA B 65 -33.48 -29.88 -15.55
C ALA B 65 -33.59 -29.79 -17.07
N PRO B 66 -34.68 -30.30 -17.63
CA PRO B 66 -34.85 -30.31 -19.09
C PRO B 66 -34.79 -28.93 -19.75
N LYS B 67 -35.14 -27.87 -19.02
CA LYS B 67 -35.19 -26.53 -19.59
C LYS B 67 -33.90 -25.70 -19.41
N THR B 68 -32.84 -26.26 -18.82
CA THR B 68 -31.59 -25.54 -18.56
C THR B 68 -30.56 -25.91 -19.62
N THR B 69 -29.93 -24.89 -20.22
CA THR B 69 -28.85 -25.15 -21.16
C THR B 69 -27.54 -25.35 -20.40
N PHE B 70 -26.87 -26.47 -20.67
CA PHE B 70 -25.64 -26.83 -19.98
C PHE B 70 -24.45 -26.77 -20.92
N LEU B 71 -23.47 -25.94 -20.55
CA LEU B 71 -22.15 -25.94 -21.18
C LEU B 71 -21.17 -26.63 -20.26
N MET B 72 -20.44 -27.61 -20.77
CA MET B 72 -19.63 -28.49 -19.95
C MET B 72 -18.15 -28.10 -20.07
N SER B 73 -17.33 -28.71 -19.21
CA SER B 73 -15.91 -28.39 -19.16
C SER B 73 -15.14 -29.63 -18.73
N PHE B 74 -13.85 -29.64 -19.05
CA PHE B 74 -12.87 -30.56 -18.48
C PHE B 74 -12.05 -29.88 -17.36
N TYR B 75 -11.47 -30.71 -16.50
CA TYR B 75 -10.54 -30.29 -15.46
C TYR B 75 -9.11 -30.39 -15.99
N LEU B 76 -8.37 -29.28 -16.01
CA LEU B 76 -6.99 -29.31 -16.52
C LEU B 76 -6.10 -30.26 -15.72
N SER B 77 -5.59 -31.29 -16.38
CA SER B 77 -4.88 -32.35 -15.71
C SER B 77 -3.78 -32.87 -16.63
N LYS B 78 -2.86 -33.67 -16.07
CA LYS B 78 -1.86 -34.33 -16.92
C LYS B 78 -2.46 -35.53 -17.65
N ASP B 79 -3.66 -35.99 -17.26
CA ASP B 79 -4.26 -37.08 -18.00
C ASP B 79 -4.75 -36.62 -19.37
N LEU B 80 -4.96 -35.32 -19.55
CA LEU B 80 -5.49 -34.81 -20.81
C LEU B 80 -4.45 -34.90 -21.92
N THR B 81 -4.93 -34.99 -23.16
CA THR B 81 -4.12 -35.03 -24.37
C THR B 81 -4.78 -34.22 -25.46
N PRO B 82 -4.00 -33.58 -26.33
CA PRO B 82 -4.60 -32.87 -27.47
C PRO B 82 -5.58 -33.72 -28.27
N ASP B 83 -5.29 -35.01 -28.44
CA ASP B 83 -6.23 -35.89 -29.14
C ASP B 83 -7.58 -35.92 -28.42
N LEU B 84 -7.56 -36.10 -27.10
CA LEU B 84 -8.80 -36.09 -26.32
C LEU B 84 -9.53 -34.76 -26.47
N ILE B 85 -8.78 -33.65 -26.45
CA ILE B 85 -9.39 -32.32 -26.61
C ILE B 85 -10.10 -32.22 -27.94
N HIS B 86 -9.41 -32.56 -29.04
CA HIS B 86 -10.01 -32.50 -30.36
C HIS B 86 -11.26 -33.35 -30.44
N GLU B 87 -11.17 -34.59 -29.97
CA GLU B 87 -12.31 -35.50 -30.02
C GLU B 87 -13.50 -34.95 -29.25
N ALA B 88 -13.26 -34.45 -28.03
CA ALA B 88 -14.35 -33.93 -27.21
C ALA B 88 -14.93 -32.66 -27.80
N ALA B 89 -14.07 -31.79 -28.34
CA ALA B 89 -14.57 -30.57 -28.98
C ALA B 89 -15.38 -30.90 -30.21
N GLN B 90 -14.95 -31.91 -30.97
CA GLN B 90 -15.62 -32.21 -32.22
C GLN B 90 -16.97 -32.88 -31.97
N GLN B 91 -17.12 -33.52 -30.81
CA GLN B 91 -18.37 -34.12 -30.39
C GLN B 91 -19.26 -33.16 -29.59
N HIS B 92 -18.86 -31.89 -29.48
CA HIS B 92 -19.61 -30.87 -28.73
C HIS B 92 -19.85 -31.30 -27.28
N ALA B 93 -18.85 -31.91 -26.66
CA ALA B 93 -18.99 -32.39 -25.29
C ALA B 93 -18.46 -31.42 -24.24
N ILE B 94 -17.70 -30.40 -24.64
CA ILE B 94 -17.13 -29.40 -23.74
C ILE B 94 -17.10 -28.06 -24.47
N ARG B 95 -17.17 -26.97 -23.70
CA ARG B 95 -16.91 -25.62 -24.21
C ARG B 95 -15.64 -25.02 -23.64
N GLY B 96 -14.98 -25.69 -22.70
CA GLY B 96 -13.77 -25.12 -22.13
C GLY B 96 -13.10 -26.13 -21.23
N VAL B 97 -11.94 -25.72 -20.71
CA VAL B 97 -11.20 -26.47 -19.69
C VAL B 97 -10.95 -25.54 -18.52
N KCX B 98 -11.13 -26.06 -17.29
CA KCX B 98 -10.98 -25.20 -16.08
CB KCX B 98 -12.23 -25.36 -15.19
CG KCX B 98 -12.09 -24.84 -13.77
CD KCX B 98 -11.54 -23.44 -13.68
CE KCX B 98 -11.52 -22.90 -12.28
NZ KCX B 98 -12.85 -22.76 -11.74
C KCX B 98 -9.68 -25.53 -15.34
O KCX B 98 -9.44 -26.73 -15.07
CX KCX B 98 -13.12 -23.07 -10.46
OQ1 KCX B 98 -14.03 -23.80 -10.13
OQ2 KCX B 98 -12.31 -22.50 -9.59
N CYS B 99 -8.88 -24.52 -15.00
CA CYS B 99 -7.63 -24.70 -14.30
C CYS B 99 -7.69 -24.45 -12.78
N TYR B 100 -7.37 -25.47 -12.01
CA TYR B 100 -7.21 -25.31 -10.58
C TYR B 100 -5.74 -25.44 -10.23
N PRO B 101 -5.10 -24.40 -9.73
CA PRO B 101 -3.78 -24.61 -9.10
C PRO B 101 -3.92 -25.51 -7.89
N ALA B 102 -2.94 -26.39 -7.71
CA ALA B 102 -2.99 -27.39 -6.65
C ALA B 102 -3.06 -26.76 -5.26
N GLY B 103 -4.10 -27.13 -4.50
CA GLY B 103 -4.22 -26.82 -3.08
C GLY B 103 -5.05 -25.59 -2.73
N VAL B 104 -5.48 -24.81 -3.71
CA VAL B 104 -6.09 -23.50 -3.43
C VAL B 104 -7.58 -23.56 -3.10
N THR B 105 -8.32 -24.59 -3.51
CA THR B 105 -9.77 -24.62 -3.29
C THR B 105 -10.29 -26.05 -3.34
N THR B 106 -11.62 -26.20 -3.29
CA THR B 106 -12.25 -27.53 -3.28
C THR B 106 -11.81 -28.39 -4.48
N ASN B 107 -11.39 -29.62 -4.18
CA ASN B 107 -11.03 -30.62 -5.20
C ASN B 107 -9.99 -30.05 -6.17
N SER B 108 -9.00 -29.37 -5.62
CA SER B 108 -7.87 -28.83 -6.37
C SER B 108 -6.58 -29.62 -6.11
N ALA B 109 -6.65 -30.71 -5.34
CA ALA B 109 -5.45 -31.49 -5.04
C ALA B 109 -4.85 -32.11 -6.29
N ALA B 110 -5.68 -32.45 -7.27
CA ALA B 110 -5.24 -33.00 -8.55
C ALA B 110 -4.92 -31.91 -9.57
N GLY B 111 -4.67 -30.69 -9.10
CA GLY B 111 -4.49 -29.55 -9.97
C GLY B 111 -3.05 -29.34 -10.38
N VAL B 112 -2.79 -28.15 -10.92
CA VAL B 112 -1.56 -27.85 -11.62
C VAL B 112 -0.72 -26.92 -10.77
N ASP B 113 0.56 -26.89 -11.07
CA ASP B 113 1.45 -25.86 -10.55
C ASP B 113 1.46 -24.69 -11.53
N PRO B 114 0.98 -23.50 -11.15
CA PRO B 114 0.97 -22.37 -12.08
C PRO B 114 2.32 -21.67 -12.21
N ASN B 115 3.35 -22.23 -11.58
CA ASN B 115 4.73 -21.84 -11.82
C ASN B 115 5.28 -22.59 -13.00
N ASP B 116 4.39 -23.29 -13.72
CA ASP B 116 4.79 -24.01 -14.91
C ASP B 116 3.85 -23.41 -15.96
N PHE B 117 2.71 -24.08 -16.15
CA PHE B 117 1.78 -23.90 -17.26
C PHE B 117 2.42 -24.06 -18.64
N SER B 118 3.64 -24.59 -18.69
CA SER B 118 4.26 -24.91 -19.98
C SER B 118 3.90 -26.30 -20.43
N ALA B 119 3.83 -27.24 -19.47
CA ALA B 119 3.47 -28.62 -19.72
C ALA B 119 2.09 -28.76 -20.36
N PHE B 120 1.22 -27.77 -20.18
CA PHE B 120 -0.13 -27.84 -20.74
C PHE B 120 -0.28 -27.04 -22.03
N TYR B 121 0.80 -26.48 -22.56
CA TYR B 121 0.73 -25.76 -23.84
C TYR B 121 0.22 -26.63 -24.99
N PRO B 122 0.59 -27.91 -25.14
CA PRO B 122 -0.11 -28.73 -26.14
C PRO B 122 -1.64 -28.74 -25.97
N ILE B 123 -2.08 -28.75 -24.71
CA ILE B 123 -3.53 -28.75 -24.37
C ILE B 123 -4.15 -27.42 -24.80
N PHE B 124 -3.49 -26.30 -24.52
CA PHE B 124 -4.00 -24.98 -24.88
C PHE B 124 -3.99 -24.80 -26.40
N LYS B 125 -2.93 -25.31 -27.05
CA LYS B 125 -2.86 -25.30 -28.50
C LYS B 125 -4.08 -25.98 -29.10
N ALA B 126 -4.40 -27.20 -28.64
CA ALA B 126 -5.58 -27.90 -29.13
C ALA B 126 -6.86 -27.11 -28.83
N MET B 127 -6.96 -26.58 -27.61
CA MET B 127 -8.16 -25.79 -27.19
C MET B 127 -8.32 -24.56 -28.07
N GLN B 128 -7.20 -23.90 -28.43
CA GLN B 128 -7.25 -22.70 -29.24
C GLN B 128 -7.75 -23.01 -30.65
N GLU B 129 -7.28 -24.13 -31.23
CA GLU B 129 -7.76 -24.54 -32.54
C GLU B 129 -9.27 -24.78 -32.53
N GLU B 130 -9.76 -25.40 -31.46
CA GLU B 130 -11.15 -25.83 -31.37
C GLU B 130 -12.07 -24.76 -30.81
N ASN B 131 -11.51 -23.57 -30.51
CA ASN B 131 -12.26 -22.39 -29.99
C ASN B 131 -12.80 -22.60 -28.56
N LEU B 132 -12.23 -23.56 -27.82
CA LEU B 132 -12.57 -23.82 -26.44
C LEU B 132 -12.05 -22.70 -25.53
N VAL B 133 -12.72 -22.49 -24.39
CA VAL B 133 -12.40 -21.44 -23.45
C VAL B 133 -11.53 -21.97 -22.30
N LEU B 134 -10.48 -21.21 -21.92
CA LEU B 134 -9.64 -21.53 -20.77
C LEU B 134 -10.11 -20.72 -19.56
N ASN B 135 -10.75 -21.41 -18.61
CA ASN B 135 -11.20 -20.82 -17.35
C ASN B 135 -10.09 -20.99 -16.32
N LEU B 136 -9.75 -19.90 -15.65
CA LEU B 136 -8.66 -19.91 -14.68
C LEU B 136 -9.21 -19.61 -13.28
N HIS B 137 -8.93 -20.50 -12.34
CA HIS B 137 -8.99 -20.08 -10.94
C HIS B 137 -7.67 -19.39 -10.68
N GLY B 138 -7.67 -18.06 -10.77
CA GLY B 138 -6.45 -17.28 -10.76
C GLY B 138 -5.87 -17.01 -9.39
N GLU B 139 -5.26 -18.00 -8.77
CA GLU B 139 -4.60 -17.83 -7.49
C GLU B 139 -3.34 -18.68 -7.47
N LYS B 140 -2.19 -18.07 -7.12
CA LYS B 140 -0.98 -18.86 -6.87
C LYS B 140 -1.09 -19.60 -5.54
N PRO B 141 -0.56 -20.80 -5.46
CA PRO B 141 -0.40 -21.45 -4.16
C PRO B 141 0.42 -20.58 -3.22
N SER B 142 0.11 -20.68 -1.93
CA SER B 142 0.72 -19.84 -0.91
C SER B 142 2.15 -20.26 -0.60
N VAL B 143 3.00 -19.25 -0.45
CA VAL B 143 4.40 -19.37 -0.09
C VAL B 143 4.75 -18.19 0.77
N HIS B 144 5.41 -18.53 1.85
CA HIS B 144 5.73 -17.79 3.07
C HIS B 144 7.21 -17.70 3.36
N ASP B 145 7.94 -18.77 3.07
CA ASP B 145 9.42 -18.74 3.16
C ASP B 145 10.04 -18.62 1.75
N GLY B 146 11.35 -18.52 1.70
CA GLY B 146 11.96 -18.23 0.42
C GLY B 146 11.95 -16.72 0.23
N ASP B 147 12.98 -16.16 -0.45
CA ASP B 147 13.14 -14.73 -0.56
C ASP B 147 12.21 -14.17 -1.60
N LYS B 148 11.36 -15.01 -2.11
CA LYS B 148 10.44 -14.54 -3.09
C LYS B 148 9.35 -14.02 -2.23
N GLU B 149 8.52 -13.16 -2.70
CA GLU B 149 7.89 -12.56 -1.58
C GLU B 149 6.58 -13.33 -1.24
N PRO B 150 6.09 -13.21 0.00
CA PRO B 150 5.06 -14.12 0.52
C PRO B 150 3.76 -14.02 -0.27
N ILE B 151 3.18 -15.19 -0.47
CA ILE B 151 1.90 -15.37 -1.11
C ILE B 151 0.94 -15.91 -0.06
N HIS B 152 -0.14 -15.19 0.15
CA HIS B 152 -1.20 -15.54 1.09
C HIS B 152 -2.55 -15.33 0.41
N VAL B 153 -3.61 -15.72 1.12
CA VAL B 153 -4.96 -15.69 0.54
C VAL B 153 -5.37 -14.31 0.08
N LEU B 154 -4.75 -13.24 0.59
CA LEU B 154 -5.17 -11.89 0.19
C LEU B 154 -4.50 -11.40 -1.08
N ASN B 155 -3.27 -11.80 -1.36
CA ASN B 155 -2.56 -11.37 -2.56
C ASN B 155 -2.37 -12.50 -3.56
N ALA B 156 -2.92 -13.68 -3.28
CA ALA B 156 -2.71 -14.81 -4.18
C ALA B 156 -3.32 -14.54 -5.56
N GLU B 157 -4.42 -13.79 -5.63
CA GLU B 157 -4.99 -13.47 -6.93
C GLU B 157 -4.12 -12.48 -7.68
N GLU B 158 -3.61 -11.46 -6.99
CA GLU B 158 -2.69 -10.52 -7.62
C GLU B 158 -1.43 -11.24 -8.09
N ALA B 159 -0.87 -12.12 -7.26
CA ALA B 159 0.33 -12.84 -7.63
C ALA B 159 0.13 -13.69 -8.87
N PHE B 160 -1.12 -13.97 -9.24
CA PHE B 160 -1.39 -14.79 -10.41
C PHE B 160 -1.45 -13.97 -11.70
N LEU B 161 -1.66 -12.66 -11.61
CA LEU B 161 -1.86 -11.87 -12.82
C LEU B 161 -0.73 -12.02 -13.84
N PRO B 162 0.55 -12.03 -13.46
CA PRO B 162 1.60 -12.29 -14.46
C PRO B 162 1.36 -13.56 -15.26
N ALA B 163 0.95 -14.64 -14.59
CA ALA B 163 0.66 -15.90 -15.31
C ALA B 163 -0.45 -15.71 -16.32
N LEU B 164 -1.47 -14.92 -15.96
CA LEU B 164 -2.55 -14.64 -16.90
C LEU B 164 -2.02 -13.88 -18.12
N LYS B 165 -1.21 -12.85 -17.88
CA LYS B 165 -0.68 -12.02 -18.95
C LYS B 165 0.20 -12.84 -19.87
N LYS B 166 1.04 -13.71 -19.30
CA LYS B 166 1.87 -14.57 -20.13
C LYS B 166 1.02 -15.52 -20.98
N LEU B 167 -0.01 -16.13 -20.40
CA LEU B 167 -0.86 -17.05 -21.17
C LEU B 167 -1.55 -16.34 -22.32
N HIS B 168 -2.09 -15.14 -22.08
CA HIS B 168 -2.72 -14.39 -23.16
C HIS B 168 -1.70 -14.03 -24.24
N ASN B 169 -0.47 -13.73 -23.82
CA ASN B 169 0.55 -13.35 -24.79
C ASN B 169 0.93 -14.54 -25.66
N ASP B 170 1.11 -15.71 -25.06
CA ASP B 170 1.52 -16.90 -25.78
C ASP B 170 0.40 -17.54 -26.60
N PHE B 171 -0.86 -17.24 -26.29
CA PHE B 171 -2.00 -17.83 -27.01
C PHE B 171 -3.00 -16.71 -27.30
N PRO B 172 -2.63 -15.77 -28.17
CA PRO B 172 -3.46 -14.56 -28.32
C PRO B 172 -4.84 -14.81 -28.88
N ASN B 173 -5.10 -15.97 -29.49
CA ASN B 173 -6.44 -16.25 -30.01
C ASN B 173 -7.25 -17.18 -29.13
N LEU B 174 -6.64 -17.73 -28.08
CA LEU B 174 -7.34 -18.55 -27.09
C LEU B 174 -8.21 -17.66 -26.22
N LYS B 175 -9.49 -18.03 -26.08
CA LYS B 175 -10.37 -17.34 -25.14
C LYS B 175 -10.04 -17.75 -23.71
N ILE B 176 -9.81 -16.77 -22.84
CA ILE B 176 -9.42 -16.99 -21.46
C ILE B 176 -10.34 -16.19 -20.55
N ILE B 177 -10.76 -16.79 -19.44
CA ILE B 177 -11.52 -16.13 -18.38
C ILE B 177 -10.75 -16.23 -17.04
N LEU B 178 -10.50 -15.09 -16.43
CA LEU B 178 -10.15 -15.03 -15.02
C LEU B 178 -11.47 -15.14 -14.27
N GLU B 179 -11.72 -16.31 -13.70
CA GLU B 179 -12.96 -16.57 -13.00
C GLU B 179 -13.00 -15.75 -11.70
N HIS B 180 -14.22 -15.34 -11.31
CA HIS B 180 -14.50 -14.75 -10.00
C HIS B 180 -13.42 -13.79 -9.51
N CYS B 181 -13.26 -12.66 -10.19
CA CYS B 181 -12.35 -11.62 -9.71
C CYS B 181 -12.78 -11.09 -8.36
N THR B 182 -11.79 -10.89 -7.49
CA THR B 182 -12.06 -10.42 -6.13
C THR B 182 -11.30 -9.16 -5.76
N SER B 183 -10.30 -8.76 -6.53
CA SER B 183 -9.40 -7.67 -6.20
C SER B 183 -9.45 -6.59 -7.28
N GLU B 184 -9.25 -5.33 -6.86
CA GLU B 184 -9.13 -4.21 -7.79
C GLU B 184 -7.99 -4.40 -8.81
N SER B 185 -6.89 -4.99 -8.39
CA SER B 185 -5.78 -5.19 -9.32
C SER B 185 -6.22 -6.05 -10.51
N ALA B 186 -7.06 -7.06 -10.25
CA ALA B 186 -7.47 -7.96 -11.34
C ALA B 186 -8.41 -7.26 -12.28
N ILE B 187 -9.36 -6.47 -11.72
CA ILE B 187 -10.23 -5.66 -12.57
C ILE B 187 -9.40 -4.79 -13.50
N LYS B 188 -8.42 -4.06 -12.95
CA LYS B 188 -7.52 -3.25 -13.77
C LYS B 188 -6.78 -4.07 -14.81
N THR B 189 -6.22 -5.23 -14.42
CA THR B 189 -5.52 -6.06 -15.39
C THR B 189 -6.43 -6.47 -16.52
N ILE B 190 -7.70 -6.78 -16.21
CA ILE B 190 -8.64 -7.15 -17.26
C ILE B 190 -8.94 -5.97 -18.19
N GLU B 191 -9.15 -4.79 -17.62
CA GLU B 191 -9.38 -3.60 -18.44
C GLU B 191 -8.17 -3.29 -19.32
N ASP B 192 -6.97 -3.36 -18.76
CA ASP B 192 -5.78 -3.03 -19.53
C ASP B 192 -5.58 -4.04 -20.67
N ILE B 193 -5.92 -5.31 -20.43
CA ILE B 193 -5.82 -6.33 -21.48
C ILE B 193 -6.78 -6.01 -22.62
N ASN B 194 -7.93 -5.40 -22.32
CA ASN B 194 -8.97 -5.07 -23.30
C ASN B 194 -8.96 -3.60 -23.67
N LYS B 195 -7.80 -2.96 -23.63
CA LYS B 195 -7.75 -1.53 -23.91
C LYS B 195 -8.11 -1.21 -25.35
N ASN B 196 -7.62 -2.00 -26.31
CA ASN B 196 -7.90 -1.77 -27.73
C ASN B 196 -9.04 -2.67 -28.21
N VAL B 197 -10.25 -2.45 -27.67
CA VAL B 197 -11.40 -3.31 -27.96
C VAL B 197 -12.61 -2.42 -28.17
N LYS B 198 -13.21 -2.53 -29.35
CA LYS B 198 -14.43 -1.80 -29.67
C LYS B 198 -15.66 -2.68 -29.80
N LYS B 199 -15.45 -3.87 -30.37
CA LYS B 199 -16.57 -4.81 -30.59
C LYS B 199 -16.62 -5.79 -29.43
N ALA B 200 -17.81 -6.05 -28.88
CA ALA B 200 -17.86 -7.06 -27.80
C ALA B 200 -17.28 -8.40 -28.28
N THR B 201 -17.38 -8.65 -29.58
CA THR B 201 -16.94 -9.92 -30.14
C THR B 201 -15.41 -10.01 -30.24
N ASP B 202 -14.68 -8.92 -29.98
CA ASP B 202 -13.22 -8.94 -29.95
C ASP B 202 -12.64 -9.32 -28.60
N VAL B 203 -13.47 -9.40 -27.55
CA VAL B 203 -12.93 -9.77 -26.25
C VAL B 203 -12.38 -11.18 -26.34
N LYS B 204 -11.12 -11.33 -25.94
CA LYS B 204 -10.49 -12.65 -25.83
C LYS B 204 -10.20 -13.04 -24.40
N VAL B 205 -9.92 -12.06 -23.53
CA VAL B 205 -9.78 -12.29 -22.09
C VAL B 205 -10.91 -11.56 -21.38
N ALA B 206 -11.73 -12.31 -20.63
CA ALA B 206 -12.82 -11.72 -19.84
C ALA B 206 -12.73 -12.19 -18.38
N ALA B 207 -13.63 -11.65 -17.54
CA ALA B 207 -13.73 -12.06 -16.13
C ALA B 207 -15.18 -12.20 -15.71
N THR B 208 -15.46 -13.22 -14.89
CA THR B 208 -16.76 -13.38 -14.23
C THR B 208 -16.72 -12.81 -12.82
N LEU B 209 -17.88 -12.33 -12.36
CA LEU B 209 -18.07 -11.80 -11.02
C LEU B 209 -19.22 -12.55 -10.36
N THR B 210 -18.99 -13.00 -9.12
CA THR B 210 -19.98 -13.72 -8.34
C THR B 210 -20.99 -12.74 -7.78
N ALA B 211 -22.12 -13.27 -7.30
CA ALA B 211 -23.01 -12.44 -6.49
C ALA B 211 -22.37 -12.04 -5.17
N HIS B 212 -21.73 -13.00 -4.49
CA HIS B 212 -21.33 -12.76 -3.10
C HIS B 212 -20.13 -11.81 -2.98
N HIS B 213 -19.27 -11.76 -4.00
CA HIS B 213 -18.18 -10.79 -3.95
C HIS B 213 -18.63 -9.35 -4.20
N LEU B 214 -19.88 -9.15 -4.60
CA LEU B 214 -20.44 -7.80 -4.71
C LEU B 214 -21.05 -7.31 -3.39
N PHE B 215 -21.13 -8.16 -2.36
CA PHE B 215 -21.63 -7.84 -1.02
C PHE B 215 -20.56 -7.93 0.07
N LEU B 216 -19.73 -8.98 0.04
CA LEU B 216 -18.86 -9.40 1.14
C LEU B 216 -17.50 -8.70 1.13
N THR B 217 -16.99 -8.47 2.33
CA THR B 217 -15.61 -8.13 2.61
C THR B 217 -15.08 -9.08 3.69
N ILE B 218 -13.77 -8.96 3.98
CA ILE B 218 -13.12 -9.86 4.94
C ILE B 218 -13.91 -9.94 6.22
N ASP B 219 -14.53 -8.83 6.62
CA ASP B 219 -15.24 -8.81 7.89
C ASP B 219 -16.43 -9.77 7.90
N ASP B 220 -17.08 -10.03 6.75
CA ASP B 220 -18.27 -10.88 6.76
C ASP B 220 -17.94 -12.36 6.88
N TRP B 221 -16.71 -12.78 6.53
CA TRP B 221 -16.35 -14.19 6.72
C TRP B 221 -15.35 -14.41 7.83
N ALA B 222 -14.75 -13.35 8.39
CA ALA B 222 -13.95 -13.50 9.60
C ALA B 222 -14.93 -13.87 10.71
N GLY B 223 -14.97 -15.16 11.06
CA GLY B 223 -15.89 -15.64 12.07
C GLY B 223 -17.14 -16.30 11.52
N ASN B 224 -17.27 -16.40 10.20
CA ASN B 224 -18.47 -16.92 9.54
C ASN B 224 -18.09 -17.81 8.38
N PRO B 225 -17.79 -19.08 8.63
CA PRO B 225 -17.46 -19.99 7.52
C PRO B 225 -18.50 -19.99 6.43
N VAL B 226 -19.76 -19.74 6.75
CA VAL B 226 -20.79 -19.71 5.72
C VAL B 226 -20.43 -18.70 4.62
N ASN B 227 -19.66 -17.68 4.95
CA ASN B 227 -19.26 -16.70 3.97
C ASN B 227 -17.85 -16.93 3.46
N PHE B 228 -17.17 -17.97 3.93
CA PHE B 228 -15.82 -18.29 3.46
C PHE B 228 -15.86 -18.98 2.10
N CYS B 229 -15.05 -18.49 1.18
CA CYS B 229 -14.92 -19.07 -0.17
C CYS B 229 -13.59 -18.64 -0.79
N LYS B 230 -13.21 -19.29 -1.88
CA LYS B 230 -12.02 -18.89 -2.63
C LYS B 230 -12.41 -18.31 -3.99
N PRO B 231 -11.77 -17.22 -4.41
CA PRO B 231 -10.88 -16.46 -3.54
C PRO B 231 -11.68 -15.75 -2.47
N VAL B 232 -11.07 -15.57 -1.30
CA VAL B 232 -11.77 -14.95 -0.18
C VAL B 232 -12.19 -13.54 -0.58
N ALA B 233 -13.31 -13.10 -0.03
CA ALA B 233 -13.63 -11.69 -0.11
C ALA B 233 -12.56 -10.88 0.62
N LYS B 234 -12.14 -9.78 -0.01
CA LYS B 234 -11.04 -8.93 0.41
C LYS B 234 -11.52 -7.63 1.05
N LEU B 235 -10.77 -6.55 0.83
CA LEU B 235 -10.97 -5.28 1.50
C LEU B 235 -12.10 -4.47 0.89
N PRO B 236 -12.64 -3.49 1.64
CA PRO B 236 -13.71 -2.64 1.10
C PRO B 236 -13.38 -1.98 -0.22
N ASN B 237 -12.15 -1.54 -0.42
CA ASN B 237 -11.84 -1.06 -1.76
C ASN B 237 -11.91 -2.14 -2.84
N ASP B 238 -11.63 -3.39 -2.48
CA ASP B 238 -11.69 -4.44 -3.52
C ASP B 238 -13.17 -4.60 -3.89
N LYS B 239 -14.06 -4.62 -2.91
CA LYS B 239 -15.48 -4.74 -3.18
C LYS B 239 -15.97 -3.65 -4.12
N LYS B 240 -15.58 -2.40 -3.83
CA LYS B 240 -15.99 -1.23 -4.64
C LYS B 240 -15.59 -1.45 -6.10
N ALA B 241 -14.37 -1.86 -6.34
CA ALA B 241 -13.93 -2.04 -7.73
C ALA B 241 -14.73 -3.13 -8.44
N LEU B 242 -15.13 -4.19 -7.72
CA LEU B 242 -15.87 -5.27 -8.35
C LEU B 242 -17.28 -4.81 -8.75
N VAL B 243 -17.94 -4.04 -7.88
CA VAL B 243 -19.25 -3.52 -8.19
C VAL B 243 -19.19 -2.55 -9.39
N LYS B 244 -18.18 -1.66 -9.42
CA LYS B 244 -18.09 -0.74 -10.56
C LYS B 244 -17.94 -1.53 -11.85
N ALA B 245 -17.12 -2.58 -11.84
CA ALA B 245 -16.99 -3.40 -13.04
C ALA B 245 -18.30 -4.09 -13.37
N ALA B 246 -19.00 -4.62 -12.36
CA ALA B 246 -20.24 -5.36 -12.63
C ALA B 246 -21.26 -4.48 -13.33
N VAL B 247 -21.36 -3.22 -12.92
CA VAL B 247 -22.34 -2.29 -13.49
C VAL B 247 -21.73 -1.47 -14.63
N SER B 248 -20.49 -1.78 -15.03
CA SER B 248 -19.81 -0.88 -15.97
C SER B 248 -20.35 -0.96 -17.40
N GLY B 249 -21.01 -2.06 -17.79
CA GLY B 249 -21.39 -2.22 -19.18
C GLY B 249 -20.29 -2.69 -20.10
N LYS B 250 -19.12 -2.99 -19.58
CA LYS B 250 -18.04 -3.46 -20.43
C LYS B 250 -18.23 -4.94 -20.78
N PRO B 251 -18.01 -5.34 -22.03
CA PRO B 251 -18.31 -6.72 -22.43
C PRO B 251 -17.35 -7.76 -21.87
N TYR B 252 -16.30 -7.37 -21.14
CA TYR B 252 -15.36 -8.33 -20.60
C TYR B 252 -15.61 -8.67 -19.13
N PHE B 253 -16.73 -8.24 -18.55
CA PHE B 253 -17.16 -8.63 -17.21
C PHE B 253 -18.58 -9.19 -17.30
N PHE B 254 -18.76 -10.47 -16.92
CA PHE B 254 -20.13 -11.00 -16.85
C PHE B 254 -20.30 -11.96 -15.67
N PHE B 255 -21.55 -12.33 -15.44
CA PHE B 255 -21.95 -13.02 -14.22
C PHE B 255 -21.49 -14.47 -14.21
N GLY B 256 -20.81 -14.85 -13.14
CA GLY B 256 -20.53 -16.23 -12.82
C GLY B 256 -20.68 -16.40 -11.33
N SER B 257 -21.64 -17.20 -10.88
CA SER B 257 -22.00 -17.19 -9.47
C SER B 257 -20.91 -17.82 -8.60
N ASP B 258 -20.25 -18.85 -9.12
CA ASP B 258 -19.47 -19.77 -8.30
C ASP B 258 -20.32 -20.27 -7.14
N SER B 259 -21.59 -20.49 -7.42
CA SER B 259 -22.43 -21.17 -6.45
C SER B 259 -21.82 -22.52 -6.13
N ALA B 260 -21.47 -22.73 -4.87
CA ALA B 260 -20.67 -23.87 -4.46
C ALA B 260 -21.37 -24.52 -3.27
N PRO B 261 -22.33 -25.42 -3.53
CA PRO B 261 -23.10 -26.00 -2.42
C PRO B 261 -22.26 -26.99 -1.62
N HIS B 262 -22.34 -26.87 -0.29
CA HIS B 262 -21.80 -27.78 0.70
C HIS B 262 -22.87 -28.04 1.75
N PRO B 263 -23.03 -29.28 2.22
CA PRO B 263 -23.95 -29.52 3.34
C PRO B 263 -23.47 -28.78 4.56
N VAL B 264 -24.43 -28.26 5.35
CA VAL B 264 -24.11 -27.40 6.50
C VAL B 264 -23.04 -28.03 7.39
N GLN B 265 -23.07 -29.35 7.58
CA GLN B 265 -22.07 -29.94 8.46
C GLN B 265 -20.66 -29.84 7.85
N ASN B 266 -20.54 -29.58 6.56
CA ASN B 266 -19.22 -29.33 5.99
C ASN B 266 -18.80 -27.87 6.08
N LYS B 267 -19.67 -26.98 6.54
CA LYS B 267 -19.25 -25.62 6.88
C LYS B 267 -19.02 -25.43 8.37
N ALA B 268 -19.68 -26.22 9.20
CA ALA B 268 -19.62 -26.07 10.65
C ALA B 268 -18.56 -27.00 11.23
N ASN B 269 -17.32 -26.73 10.84
CA ASN B 269 -16.16 -27.49 11.28
C ASN B 269 -15.26 -26.59 12.11
N TYR B 270 -14.63 -27.16 13.15
CA TYR B 270 -13.57 -26.39 13.80
C TYR B 270 -12.28 -26.40 13.00
N GLU B 271 -12.22 -27.21 11.95
CA GLU B 271 -11.01 -27.41 11.16
C GLU B 271 -11.43 -27.84 9.77
N GLY B 272 -10.67 -27.42 8.77
CA GLY B 272 -10.99 -27.84 7.41
C GLY B 272 -12.34 -27.43 6.91
N VAL B 273 -12.81 -26.21 7.25
CA VAL B 273 -14.06 -25.70 6.68
C VAL B 273 -13.98 -25.71 5.17
N CYS B 274 -15.00 -26.26 4.50
CA CYS B 274 -15.06 -26.24 3.03
C CYS B 274 -15.35 -24.83 2.51
N ALA B 275 -14.60 -24.37 1.51
CA ALA B 275 -14.78 -23.04 0.99
C ALA B 275 -16.03 -23.12 0.14
N GLY B 276 -16.75 -22.01 -0.02
CA GLY B 276 -17.83 -22.07 -0.99
C GLY B 276 -19.11 -21.49 -0.46
N VAL B 277 -19.75 -20.66 -1.28
CA VAL B 277 -20.98 -19.97 -0.94
C VAL B 277 -22.04 -20.43 -1.91
N TYR B 278 -23.25 -20.74 -1.39
CA TYR B 278 -24.36 -21.20 -2.22
C TYR B 278 -25.30 -20.07 -2.60
N SER B 279 -25.28 -19.66 -3.87
CA SER B 279 -26.14 -18.57 -4.35
C SER B 279 -27.10 -18.98 -5.45
N GLN B 280 -27.14 -20.26 -5.83
CA GLN B 280 -27.88 -20.63 -7.03
C GLN B 280 -29.37 -20.33 -6.90
N SER B 281 -29.91 -20.54 -5.69
CA SER B 281 -31.36 -20.47 -5.51
C SER B 281 -31.92 -19.09 -5.78
N PHE B 282 -31.10 -18.04 -5.66
CA PHE B 282 -31.59 -16.69 -5.91
C PHE B 282 -30.57 -15.89 -6.72
N ALA B 283 -29.80 -16.58 -7.57
CA ALA B 283 -28.70 -15.97 -8.31
C ALA B 283 -29.08 -14.62 -8.89
N ILE B 284 -30.06 -14.58 -9.79
CA ILE B 284 -30.38 -13.34 -10.49
C ILE B 284 -30.96 -12.29 -9.53
N PRO B 285 -31.92 -12.62 -8.65
CA PRO B 285 -32.32 -11.61 -7.66
C PRO B 285 -31.15 -11.00 -6.88
N TYR B 286 -30.18 -11.81 -6.40
CA TYR B 286 -29.04 -11.23 -5.70
C TYR B 286 -28.40 -10.13 -6.53
N ILE B 287 -28.19 -10.39 -7.82
CA ILE B 287 -27.53 -9.41 -8.68
C ILE B 287 -28.40 -8.18 -8.87
N ALA B 288 -29.73 -8.36 -8.93
CA ALA B 288 -30.66 -7.25 -9.07
C ALA B 288 -30.47 -6.23 -7.94
N GLN B 289 -30.37 -6.70 -6.68
CA GLN B 289 -30.10 -5.81 -5.55
C GLN B 289 -28.94 -4.87 -5.85
N VAL B 290 -27.84 -5.42 -6.35
CA VAL B 290 -26.64 -4.60 -6.54
C VAL B 290 -26.89 -3.56 -7.63
N PHE B 291 -27.48 -3.96 -8.75
CA PHE B 291 -27.71 -3.02 -9.85
C PHE B 291 -28.74 -1.97 -9.49
N GLU B 292 -29.65 -2.32 -8.60
CA GLU B 292 -30.67 -1.35 -8.14
C GLU B 292 -29.98 -0.28 -7.29
N GLU B 293 -29.21 -0.69 -6.29
CA GLU B 293 -28.52 0.23 -5.38
C GLU B 293 -27.52 1.11 -6.10
N GLN B 294 -27.02 0.67 -7.25
CA GLN B 294 -26.08 1.44 -8.05
C GLN B 294 -26.77 2.26 -9.15
N ASN B 295 -28.11 2.32 -9.14
CA ASN B 295 -28.91 2.96 -10.19
C ASN B 295 -28.40 2.57 -11.58
N ALA B 296 -28.30 1.27 -11.81
CA ALA B 296 -27.72 0.75 -13.04
C ALA B 296 -28.50 -0.45 -13.57
N LEU B 297 -29.81 -0.49 -13.29
CA LEU B 297 -30.64 -1.59 -13.78
C LEU B 297 -30.65 -1.68 -15.30
N GLU B 298 -30.34 -0.60 -16.02
CA GLU B 298 -30.31 -0.70 -17.48
C GLU B 298 -29.15 -1.56 -17.97
N ASN B 299 -28.13 -1.77 -17.14
CA ASN B 299 -26.99 -2.61 -17.49
C ASN B 299 -27.14 -4.05 -17.00
N LEU B 300 -28.24 -4.36 -16.31
CA LEU B 300 -28.39 -5.69 -15.75
C LEU B 300 -28.33 -6.77 -16.84
N LYS B 301 -29.05 -6.54 -17.94
CA LYS B 301 -29.14 -7.55 -19.00
C LYS B 301 -27.78 -7.90 -19.59
N GLY B 302 -26.93 -6.89 -19.84
CA GLY B 302 -25.61 -7.18 -20.37
C GLY B 302 -24.81 -8.06 -19.42
N PHE B 303 -24.84 -7.73 -18.13
CA PHE B 303 -24.00 -8.44 -17.17
C PHE B 303 -24.46 -9.87 -16.96
N VAL B 304 -25.79 -10.13 -16.95
CA VAL B 304 -26.30 -11.49 -16.75
C VAL B 304 -26.76 -12.19 -18.03
N SER B 305 -26.84 -11.49 -19.18
CA SER B 305 -27.22 -12.20 -20.40
C SER B 305 -26.32 -11.98 -21.61
N ASP B 306 -26.26 -10.73 -22.08
CA ASP B 306 -25.67 -10.44 -23.39
C ASP B 306 -24.21 -10.87 -23.45
N PHE B 307 -23.43 -10.44 -22.46
CA PHE B 307 -21.98 -10.56 -22.58
C PHE B 307 -21.51 -12.01 -22.44
N GLY B 308 -22.19 -12.81 -21.61
CA GLY B 308 -21.84 -14.23 -21.50
C GLY B 308 -22.19 -15.01 -22.75
N ILE B 309 -23.37 -14.74 -23.31
CA ILE B 309 -23.79 -15.35 -24.57
C ILE B 309 -22.81 -15.01 -25.70
N SER B 310 -22.48 -13.74 -25.86
CA SER B 310 -21.48 -13.36 -26.86
C SER B 310 -20.16 -14.08 -26.63
N PHE B 311 -19.64 -14.03 -25.41
CA PHE B 311 -18.29 -14.56 -25.20
C PHE B 311 -18.24 -16.08 -25.42
N TYR B 312 -19.23 -16.80 -24.93
CA TYR B 312 -19.22 -18.25 -25.12
C TYR B 312 -19.80 -18.66 -26.47
N GLU B 313 -20.33 -17.71 -27.24
CA GLU B 313 -20.89 -17.97 -28.58
C GLU B 313 -22.01 -19.02 -28.52
N VAL B 314 -22.98 -18.73 -27.65
CA VAL B 314 -24.19 -19.52 -27.49
C VAL B 314 -25.22 -19.07 -28.54
N LYS B 315 -25.68 -20.05 -29.31
CA LYS B 315 -26.63 -19.91 -30.45
C LYS B 315 -28.03 -20.40 -30.08
N ASP B 316 -29.08 -19.77 -30.62
CA ASP B 316 -30.46 -20.21 -30.29
C ASP B 316 -30.63 -21.69 -30.68
N SER B 317 -29.66 -22.24 -31.44
CA SER B 317 -29.73 -23.62 -31.87
C SER B 317 -29.60 -24.57 -30.69
N GLU B 318 -28.86 -24.18 -29.64
CA GLU B 318 -28.54 -25.05 -28.53
C GLU B 318 -29.30 -24.79 -27.25
N VAL B 319 -29.97 -23.64 -27.10
CA VAL B 319 -30.62 -23.38 -25.82
C VAL B 319 -31.80 -24.33 -25.67
N ALA B 320 -31.87 -24.99 -24.50
CA ALA B 320 -32.85 -26.04 -24.25
C ALA B 320 -34.25 -25.50 -24.08
N SER B 321 -34.39 -24.20 -23.83
CA SER B 321 -35.71 -23.60 -23.68
C SER B 321 -35.62 -22.14 -24.06
N SER B 322 -36.62 -21.64 -24.78
CA SER B 322 -36.62 -20.25 -25.20
C SER B 322 -37.24 -19.35 -24.16
N ASP B 323 -37.68 -19.89 -23.04
CA ASP B 323 -38.27 -19.08 -21.99
C ASP B 323 -37.32 -17.97 -21.55
N LYS B 324 -37.89 -16.81 -21.31
CA LYS B 324 -37.14 -15.64 -20.87
C LYS B 324 -37.32 -15.48 -19.37
N ALA B 325 -36.24 -15.13 -18.67
CA ALA B 325 -36.31 -14.86 -17.25
C ALA B 325 -36.82 -13.44 -17.07
N ILE B 326 -37.94 -13.28 -16.37
CA ILE B 326 -38.50 -11.97 -16.09
C ILE B 326 -38.36 -11.67 -14.61
N LEU B 327 -37.67 -10.58 -14.34
CA LEU B 327 -37.48 -10.11 -12.96
C LEU B 327 -38.64 -9.19 -12.65
N PHE B 328 -39.40 -9.47 -11.60
CA PHE B 328 -40.49 -8.62 -11.14
C PHE B 328 -40.27 -8.23 -9.69
N LYS B 329 -40.61 -6.98 -9.37
CA LYS B 329 -40.29 -6.35 -8.08
C LYS B 329 -41.29 -6.74 -6.97
N LYS B 330 -41.21 -7.99 -6.60
CA LYS B 330 -41.89 -8.54 -5.42
C LYS B 330 -40.88 -8.93 -4.34
N GLU B 331 -40.92 -8.25 -3.20
CA GLU B 331 -40.10 -8.68 -2.07
C GLU B 331 -40.32 -10.15 -1.70
N GLN B 332 -39.21 -10.82 -1.41
CA GLN B 332 -39.21 -12.13 -0.80
C GLN B 332 -38.17 -12.16 0.31
N VAL B 333 -38.21 -13.22 1.10
CA VAL B 333 -37.28 -13.45 2.19
C VAL B 333 -36.49 -14.69 1.82
N ILE B 334 -35.17 -14.61 1.95
CA ILE B 334 -34.34 -15.80 1.69
C ILE B 334 -34.51 -16.77 2.85
N PRO B 335 -34.85 -18.04 2.60
CA PRO B 335 -34.99 -19.02 3.68
C PRO B 335 -33.73 -19.15 4.49
N GLN B 336 -33.86 -19.84 5.62
CA GLN B 336 -32.73 -20.12 6.51
C GLN B 336 -31.88 -21.29 6.01
N VAL B 337 -32.49 -22.24 5.30
CA VAL B 337 -31.83 -23.44 4.82
C VAL B 337 -32.45 -23.80 3.49
N ILE B 338 -31.71 -24.56 2.69
CA ILE B 338 -32.21 -25.15 1.46
C ILE B 338 -32.02 -26.65 1.62
N SER B 339 -33.11 -27.41 1.55
CA SER B 339 -33.06 -28.81 1.96
C SER B 339 -33.76 -29.70 0.94
N ASP B 340 -33.27 -30.93 0.83
CA ASP B 340 -33.99 -31.93 0.07
C ASP B 340 -34.97 -32.75 0.93
N GLY B 341 -35.12 -32.43 2.21
CA GLY B 341 -36.01 -33.23 3.04
C GLY B 341 -35.52 -34.65 3.22
N LYS B 342 -34.20 -34.81 3.20
CA LYS B 342 -33.46 -36.07 3.24
C LYS B 342 -32.26 -35.69 4.09
N ASP B 343 -31.08 -36.20 3.74
CA ASP B 343 -29.85 -35.92 4.47
C ASP B 343 -29.25 -34.52 4.21
N ILE B 344 -29.64 -33.78 3.17
CA ILE B 344 -28.88 -32.61 2.75
C ILE B 344 -29.59 -31.32 3.15
N SER B 345 -28.87 -30.46 3.88
CA SER B 345 -29.32 -29.12 4.21
C SER B 345 -28.20 -28.13 3.88
N ILE B 346 -28.54 -27.02 3.22
CA ILE B 346 -27.58 -26.01 2.77
C ILE B 346 -27.98 -24.65 3.30
N ILE B 347 -26.99 -23.88 3.78
CA ILE B 347 -27.22 -22.51 4.21
C ILE B 347 -27.03 -21.62 3.00
N PRO B 348 -28.08 -20.91 2.54
CA PRO B 348 -27.95 -20.04 1.38
C PRO B 348 -27.29 -18.70 1.69
N PHE B 349 -26.67 -18.13 0.66
CA PHE B 349 -26.11 -16.79 0.76
C PHE B 349 -27.18 -15.81 1.24
N LYS B 350 -26.81 -14.97 2.21
CA LYS B 350 -27.71 -13.94 2.74
C LYS B 350 -28.98 -14.54 3.37
N ALA B 351 -28.84 -15.73 3.97
CA ALA B 351 -29.97 -16.40 4.62
C ALA B 351 -30.66 -15.46 5.58
N GLY B 352 -31.98 -15.33 5.42
CA GLY B 352 -32.80 -14.50 6.28
C GLY B 352 -32.99 -13.07 5.83
N ASP B 353 -32.30 -12.63 4.78
CA ASP B 353 -32.44 -11.27 4.28
C ASP B 353 -33.59 -11.14 3.27
N LYS B 354 -33.98 -9.90 3.01
CA LYS B 354 -35.03 -9.58 2.06
C LYS B 354 -34.45 -9.11 0.73
N LEU B 355 -35.02 -9.61 -0.37
CA LEU B 355 -34.68 -9.15 -1.71
C LEU B 355 -35.84 -8.37 -2.32
N SER B 356 -35.53 -7.27 -3.00
CA SER B 356 -36.56 -6.49 -3.69
C SER B 356 -37.21 -7.25 -4.85
N TRP B 357 -36.44 -8.07 -5.56
CA TRP B 357 -36.89 -8.66 -6.82
C TRP B 357 -37.09 -10.16 -6.71
N SER B 358 -38.08 -10.67 -7.44
CA SER B 358 -38.28 -12.11 -7.65
C SER B 358 -38.09 -12.41 -9.13
N VAL B 359 -38.18 -13.67 -9.53
CA VAL B 359 -37.95 -14.00 -10.93
C VAL B 359 -38.96 -15.06 -11.37
N ARG B 360 -39.45 -14.91 -12.60
CA ARG B 360 -40.42 -15.84 -13.21
C ARG B 360 -40.00 -16.13 -14.66
N TRP B 361 -40.69 -17.05 -15.30
CA TRP B 361 -40.38 -17.40 -16.69
C TRP B 361 -41.56 -17.14 -17.61
N GLU B 362 -41.30 -16.40 -18.70
CA GLU B 362 -42.31 -16.02 -19.66
C GLU B 362 -41.91 -16.62 -21.01
N PRO B 363 -42.80 -17.28 -21.75
CA PRO B 363 -42.43 -17.83 -23.07
C PRO B 363 -42.11 -16.73 -24.08
N ARG B 364 -41.46 -17.15 -25.16
CA ARG B 364 -41.05 -16.20 -26.22
C ARG B 364 -42.13 -16.11 -27.29
N LEU B 365 -41.88 -15.26 -28.29
CA LEU B 365 -42.70 -15.09 -29.50
C LEU B 365 -44.16 -14.80 -29.21
N VAL C 2 -11.70 11.14 -36.49
CA VAL C 2 -12.49 12.13 -37.22
C VAL C 2 -11.53 13.18 -37.81
N GLN C 3 -11.93 13.79 -38.94
CA GLN C 3 -11.17 14.88 -39.52
C GLN C 3 -11.45 16.20 -38.79
N GLU C 4 -12.71 16.52 -38.56
CA GLU C 4 -13.09 17.74 -37.85
C GLU C 4 -14.07 17.44 -36.72
N ILE C 5 -13.95 18.20 -35.64
CA ILE C 5 -14.92 18.10 -34.54
C ILE C 5 -15.31 19.51 -34.12
N ASP C 6 -16.61 19.81 -34.16
CA ASP C 6 -17.16 21.08 -33.70
C ASP C 6 -17.26 21.03 -32.17
N LEU C 7 -16.36 21.71 -31.48
CA LEU C 7 -16.37 21.72 -30.03
C LEU C 7 -17.25 22.82 -29.46
N GLY C 8 -17.76 23.73 -30.28
CA GLY C 8 -18.61 24.79 -29.76
C GLY C 8 -17.84 25.79 -28.90
N LEU C 9 -18.50 26.22 -27.82
CA LEU C 9 -17.95 27.23 -26.92
C LEU C 9 -17.16 26.53 -25.81
N THR C 10 -15.90 26.25 -26.12
CA THR C 10 -15.01 25.56 -25.20
C THR C 10 -14.70 26.43 -23.99
N CYS C 11 -14.47 25.78 -22.85
CA CYS C 11 -14.09 26.49 -21.64
C CYS C 11 -12.91 25.80 -20.96
N ASP C 12 -12.03 26.63 -20.41
CA ASP C 12 -10.92 26.22 -19.56
C ASP C 12 -11.20 26.88 -18.22
N MET C 13 -11.53 26.06 -17.22
CA MET C 13 -12.00 26.63 -15.95
C MET C 13 -10.92 26.73 -14.89
N HIS C 14 -9.66 26.76 -15.30
CA HIS C 14 -8.59 27.01 -14.33
C HIS C 14 -7.43 27.64 -15.10
N VAL C 15 -7.38 28.98 -15.13
CA VAL C 15 -6.45 29.70 -16.00
C VAL C 15 -5.66 30.71 -15.17
N HIS C 16 -4.36 30.77 -15.41
CA HIS C 16 -3.52 31.83 -14.86
C HIS C 16 -2.96 32.66 -16.01
N VAL C 17 -3.18 33.98 -15.98
CA VAL C 17 -2.64 34.83 -17.08
C VAL C 17 -1.67 35.84 -16.50
N ARG C 18 -1.43 35.78 -15.19
CA ARG C 18 -0.47 36.67 -14.50
C ARG C 18 -0.72 38.15 -14.78
N GLU C 19 0.34 38.94 -14.82
CA GLU C 19 0.14 40.38 -15.07
C GLU C 19 1.26 40.92 -15.94
N GLY C 20 1.21 42.22 -16.21
CA GLY C 20 2.27 42.88 -16.95
C GLY C 20 2.52 42.27 -18.31
N ALA C 21 3.80 42.20 -18.69
CA ALA C 21 4.15 41.73 -20.01
C ALA C 21 3.74 40.26 -20.19
N MET C 22 3.90 39.45 -19.12
CA MET C 22 3.49 38.06 -19.19
C MET C 22 2.01 37.95 -19.50
N CYS C 23 1.20 38.76 -18.84
CA CYS C 23 -0.23 38.78 -19.17
C CYS C 23 -0.46 39.22 -20.61
N GLU C 24 0.30 40.19 -21.11
CA GLU C 24 0.13 40.56 -22.51
C GLU C 24 0.46 39.38 -23.42
N LEU C 25 1.48 38.63 -23.05
CA LEU C 25 1.91 37.50 -23.89
C LEU C 25 0.92 36.33 -23.83
N VAL C 26 0.45 35.93 -22.65
CA VAL C 26 -0.34 34.68 -22.56
C VAL C 26 -1.84 34.87 -22.71
N THR C 27 -2.40 36.02 -22.38
CA THR C 27 -3.87 36.15 -22.44
C THR C 27 -4.43 35.86 -23.84
N PRO C 28 -3.82 36.31 -24.95
CA PRO C 28 -4.30 36.01 -26.28
C PRO C 28 -4.08 34.56 -26.64
N LYS C 29 -3.20 33.87 -25.92
CA LYS C 29 -3.02 32.44 -26.19
C LYS C 29 -4.21 31.60 -25.75
N ILE C 30 -5.10 32.15 -24.92
CA ILE C 30 -6.33 31.41 -24.57
C ILE C 30 -7.09 31.07 -25.83
N ARG C 31 -7.35 32.08 -26.67
CA ARG C 31 -8.04 31.82 -27.94
C ARG C 31 -7.21 30.94 -28.86
N ASP C 32 -5.93 31.26 -29.02
CA ASP C 32 -5.08 30.47 -29.90
C ASP C 32 -5.00 29.01 -29.45
N GLY C 33 -5.26 28.73 -28.17
CA GLY C 33 -5.26 27.37 -27.70
C GLY C 33 -6.55 26.62 -27.87
N GLY C 34 -7.58 27.26 -28.42
CA GLY C 34 -8.85 26.63 -28.64
C GLY C 34 -9.88 26.86 -27.57
N VAL C 35 -9.68 27.85 -26.70
CA VAL C 35 -10.55 28.09 -25.56
C VAL C 35 -11.32 29.39 -25.77
N SER C 36 -12.64 29.32 -25.62
CA SER C 36 -13.53 30.47 -25.67
C SER C 36 -13.75 31.11 -24.30
N ILE C 37 -13.95 30.29 -23.26
CA ILE C 37 -14.31 30.75 -21.92
C ILE C 37 -13.20 30.37 -20.94
N ALA C 38 -12.79 31.32 -20.12
CA ALA C 38 -11.69 31.11 -19.21
C ALA C 38 -12.07 31.58 -17.81
N TYR C 39 -11.87 30.71 -16.80
CA TYR C 39 -11.98 31.09 -15.39
C TYR C 39 -10.62 31.54 -14.87
N ILE C 40 -10.52 32.81 -14.48
CA ILE C 40 -9.23 33.45 -14.16
C ILE C 40 -8.94 33.34 -12.67
N MET C 41 -7.79 32.76 -12.34
CA MET C 41 -7.45 32.54 -10.95
C MET C 41 -6.82 33.80 -10.34
N PRO C 42 -6.94 33.98 -9.03
CA PRO C 42 -6.63 35.28 -8.40
C PRO C 42 -5.26 35.37 -7.73
N ASN C 43 -4.38 34.40 -7.91
CA ASN C 43 -3.09 34.40 -7.17
C ASN C 43 -2.02 35.29 -7.82
N LEU C 44 -2.27 36.59 -7.91
CA LEU C 44 -1.28 37.57 -8.45
C LEU C 44 -0.44 38.12 -7.28
N GLN C 45 0.46 39.07 -7.55
CA GLN C 45 1.33 39.63 -6.48
C GLN C 45 1.07 41.12 -6.28
N PRO C 46 0.09 41.57 -5.23
CA PRO C 46 -0.81 40.95 -4.22
C PRO C 46 -2.10 40.30 -4.78
N PRO C 47 -2.71 39.38 -4.00
CA PRO C 47 -3.87 38.63 -4.50
C PRO C 47 -5.05 39.55 -4.76
N ILE C 48 -5.94 39.11 -5.63
CA ILE C 48 -7.15 39.85 -5.91
C ILE C 48 -8.11 39.62 -4.75
N THR C 49 -8.27 40.61 -3.87
CA THR C 49 -9.17 40.50 -2.74
C THR C 49 -10.06 41.73 -2.60
N THR C 50 -10.09 42.63 -3.60
CA THR C 50 -10.91 43.83 -3.58
C THR C 50 -11.67 43.96 -4.89
N LEU C 51 -12.85 44.57 -4.80
CA LEU C 51 -13.69 44.78 -5.98
C LEU C 51 -12.97 45.59 -7.05
N ASP C 52 -12.31 46.68 -6.65
CA ASP C 52 -11.69 47.56 -7.66
C ASP C 52 -10.69 46.80 -8.52
N ARG C 53 -9.89 45.93 -7.91
CA ARG C 53 -8.86 45.19 -8.67
C ARG C 53 -9.50 44.12 -9.55
N VAL C 54 -10.58 43.49 -9.10
CA VAL C 54 -11.15 42.41 -9.96
C VAL C 54 -11.75 43.05 -11.21
N ILE C 55 -12.35 44.22 -11.07
CA ILE C 55 -12.91 44.96 -12.21
C ILE C 55 -11.82 45.45 -13.15
N GLU C 56 -10.75 46.05 -12.60
CA GLU C 56 -9.68 46.55 -13.48
C GLU C 56 -8.94 45.42 -14.17
N TYR C 57 -8.65 44.33 -13.44
CA TYR C 57 -8.01 43.17 -14.04
C TYR C 57 -8.81 42.64 -15.24
N LYS C 58 -10.12 42.44 -15.06
CA LYS C 58 -10.97 41.99 -16.16
C LYS C 58 -10.89 42.93 -17.37
N LYS C 59 -10.96 44.25 -17.14
CA LYS C 59 -10.88 45.19 -18.26
C LYS C 59 -9.57 45.04 -19.02
N THR C 60 -8.45 44.91 -18.30
CA THR C 60 -7.18 44.63 -18.96
C THR C 60 -7.24 43.35 -19.79
N LEU C 61 -7.79 42.28 -19.23
CA LEU C 61 -7.85 41.03 -19.99
C LEU C 61 -8.79 41.20 -21.17
N GLN C 62 -9.91 41.89 -20.98
CA GLN C 62 -10.86 42.05 -22.08
C GLN C 62 -10.27 42.91 -23.19
N LYS C 63 -9.49 43.93 -22.85
CA LYS C 63 -8.82 44.68 -23.90
C LYS C 63 -7.81 43.82 -24.66
N LEU C 64 -7.10 42.93 -23.96
CA LEU C 64 -6.10 42.07 -24.59
C LEU C 64 -6.71 40.94 -25.41
N ALA C 65 -7.93 40.51 -25.10
CA ALA C 65 -8.57 39.43 -25.84
C ALA C 65 -10.06 39.70 -25.92
N PRO C 66 -10.48 40.54 -26.87
CA PRO C 66 -11.91 40.88 -27.00
C PRO C 66 -12.82 39.68 -27.23
N LYS C 67 -12.32 38.60 -27.82
CA LYS C 67 -13.19 37.48 -28.14
C LYS C 67 -13.24 36.41 -27.04
N THR C 68 -12.58 36.62 -25.91
CA THR C 68 -12.52 35.64 -24.83
C THR C 68 -13.45 36.06 -23.71
N THR C 69 -14.29 35.13 -23.25
CA THR C 69 -15.14 35.34 -22.09
C THR C 69 -14.37 35.06 -20.80
N PHE C 70 -14.34 36.03 -19.91
CA PHE C 70 -13.58 35.93 -18.67
C PHE C 70 -14.52 35.82 -17.49
N LEU C 71 -14.41 34.73 -16.73
CA LEU C 71 -15.04 34.59 -15.41
C LEU C 71 -13.99 34.80 -14.33
N MET C 72 -14.24 35.72 -13.39
CA MET C 72 -13.23 36.17 -12.44
C MET C 72 -13.46 35.56 -11.05
N SER C 73 -12.49 35.79 -10.17
CA SER C 73 -12.54 35.18 -8.85
C SER C 73 -11.82 36.08 -7.85
N PHE C 74 -12.19 35.92 -6.59
CA PHE C 74 -11.40 36.42 -5.47
C PHE C 74 -10.50 35.33 -4.92
N TYR C 75 -9.42 35.76 -4.28
CA TYR C 75 -8.52 34.90 -3.51
C TYR C 75 -9.00 34.86 -2.07
N LEU C 76 -9.37 33.68 -1.59
CA LEU C 76 -9.92 33.55 -0.24
C LEU C 76 -8.91 34.00 0.80
N SER C 77 -9.28 35.04 1.54
CA SER C 77 -8.38 35.70 2.47
C SER C 77 -9.19 36.17 3.68
N LYS C 78 -8.47 36.59 4.72
CA LYS C 78 -9.17 37.16 5.86
C LYS C 78 -9.61 38.59 5.58
N ASP C 79 -9.11 39.22 4.53
CA ASP C 79 -9.58 40.57 4.18
C ASP C 79 -11.01 40.55 3.67
N LEU C 80 -11.49 39.39 3.20
CA LEU C 80 -12.83 39.28 2.65
C LEU C 80 -13.87 39.36 3.76
N THR C 81 -15.07 39.81 3.40
CA THR C 81 -16.20 39.92 4.31
C THR C 81 -17.44 39.53 3.54
N PRO C 82 -18.47 39.03 4.24
CA PRO C 82 -19.74 38.75 3.55
C PRO C 82 -20.27 39.93 2.75
N ASP C 83 -20.12 41.16 3.28
CA ASP C 83 -20.54 42.35 2.54
C ASP C 83 -19.81 42.44 1.20
N LEU C 84 -18.50 42.26 1.23
CA LEU C 84 -17.71 42.29 0.00
C LEU C 84 -18.18 41.21 -0.97
N ILE C 85 -18.41 40.00 -0.46
CA ILE C 85 -18.90 38.92 -1.32
C ILE C 85 -20.20 39.33 -2.01
N HIS C 86 -21.15 39.84 -1.22
CA HIS C 86 -22.43 40.34 -1.76
C HIS C 86 -22.23 41.46 -2.80
N GLU C 87 -21.38 42.43 -2.49
CA GLU C 87 -21.16 43.53 -3.44
C GLU C 87 -20.58 43.03 -4.76
N ALA C 88 -19.56 42.17 -4.68
CA ALA C 88 -18.93 41.69 -5.90
C ALA C 88 -19.88 40.81 -6.71
N ALA C 89 -20.65 39.96 -6.02
CA ALA C 89 -21.65 39.15 -6.71
C ALA C 89 -22.71 40.03 -7.34
N GLN C 90 -23.09 41.11 -6.65
CA GLN C 90 -24.21 41.91 -7.15
C GLN C 90 -23.83 42.73 -8.37
N GLN C 91 -22.55 43.02 -8.56
CA GLN C 91 -22.10 43.65 -9.80
C GLN C 91 -21.58 42.66 -10.81
N HIS C 92 -21.76 41.36 -10.58
CA HIS C 92 -21.28 40.31 -11.47
C HIS C 92 -19.79 40.49 -11.73
N ALA C 93 -19.05 40.77 -10.67
CA ALA C 93 -17.61 40.99 -10.79
C ALA C 93 -16.77 39.74 -10.51
N ILE C 94 -17.36 38.66 -9.96
CA ILE C 94 -16.69 37.39 -9.69
C ILE C 94 -17.71 36.27 -9.88
N ARG C 95 -17.19 35.06 -10.09
CA ARG C 95 -18.02 33.85 -10.24
C ARG C 95 -17.65 32.87 -9.12
N GLY C 96 -16.59 33.15 -8.36
CA GLY C 96 -16.21 32.22 -7.31
C GLY C 96 -15.10 32.80 -6.49
N VAL C 97 -14.73 32.05 -5.46
CA VAL C 97 -13.62 32.34 -4.58
C VAL C 97 -12.70 31.14 -4.58
N KCX C 98 -11.39 31.39 -4.63
CA KCX C 98 -10.39 30.34 -4.76
CB KCX C 98 -9.45 30.62 -5.92
CG KCX C 98 -8.25 29.63 -5.95
CD KCX C 98 -8.73 28.21 -6.29
CE KCX C 98 -7.57 27.29 -6.57
NZ KCX C 98 -6.64 27.96 -7.51
C KCX C 98 -9.58 30.18 -3.49
O KCX C 98 -8.94 31.12 -3.02
CX KCX C 98 -5.55 27.34 -7.97
OQ1 KCX C 98 -5.31 26.15 -7.64
OQ2 KCX C 98 -4.80 27.96 -8.75
N CYS C 99 -9.58 28.97 -2.96
CA CYS C 99 -8.89 28.72 -1.73
C CYS C 99 -7.53 28.08 -1.96
N TYR C 100 -6.48 28.75 -1.49
CA TYR C 100 -5.13 28.22 -1.47
C TYR C 100 -4.73 27.99 -0.03
N PRO C 101 -4.50 26.76 0.40
CA PRO C 101 -3.87 26.55 1.71
C PRO C 101 -2.48 27.18 1.73
N ALA C 102 -2.12 27.75 2.86
CA ALA C 102 -0.87 28.50 2.98
C ALA C 102 0.34 27.63 2.69
N GLY C 103 1.15 28.06 1.71
CA GLY C 103 2.48 27.52 1.46
C GLY C 103 2.54 26.42 0.41
N VAL C 104 1.41 25.94 -0.09
CA VAL C 104 1.47 24.73 -0.90
C VAL C 104 1.82 25.02 -2.36
N THR C 105 1.60 26.24 -2.86
CA THR C 105 1.85 26.51 -4.27
C THR C 105 2.14 28.00 -4.47
N THR C 106 2.29 28.38 -5.74
CA THR C 106 2.67 29.75 -6.09
C THR C 106 1.71 30.77 -5.49
N ASN C 107 2.29 31.77 -4.84
CA ASN C 107 1.53 32.90 -4.29
C ASN C 107 0.43 32.43 -3.37
N SER C 108 0.75 31.46 -2.53
CA SER C 108 -0.17 30.94 -1.53
C SER C 108 0.21 31.32 -0.11
N ALA C 109 1.25 32.16 0.08
CA ALA C 109 1.67 32.55 1.43
C ALA C 109 0.58 33.31 2.18
N ALA C 110 -0.28 34.04 1.47
CA ALA C 110 -1.42 34.75 2.03
C ALA C 110 -2.68 33.88 2.11
N GLY C 111 -2.54 32.56 2.08
CA GLY C 111 -3.65 31.63 2.01
C GLY C 111 -4.17 31.22 3.38
N VAL C 112 -4.92 30.11 3.38
CA VAL C 112 -5.70 29.72 4.53
C VAL C 112 -5.09 28.50 5.22
N ASP C 113 -5.45 28.31 6.48
CA ASP C 113 -5.20 27.06 7.18
C ASP C 113 -6.41 26.16 6.96
N PRO C 114 -6.28 25.04 6.25
CA PRO C 114 -7.46 24.20 5.97
C PRO C 114 -7.87 23.30 7.13
N ASN C 115 -7.21 23.42 8.28
CA ASN C 115 -7.70 22.81 9.52
C ASN C 115 -8.60 23.75 10.30
N ASP C 116 -8.82 24.97 9.80
CA ASP C 116 -9.67 25.98 10.40
C ASP C 116 -10.57 26.64 9.37
N PHE C 117 -11.24 25.83 8.55
CA PHE C 117 -12.12 26.44 7.56
C PHE C 117 -13.33 27.13 8.18
N SER C 118 -13.64 26.82 9.45
CA SER C 118 -14.82 27.41 10.08
C SER C 118 -14.75 28.94 10.11
N ALA C 119 -13.55 29.50 10.28
CA ALA C 119 -13.43 30.96 10.27
C ALA C 119 -13.96 31.59 8.99
N PHE C 120 -14.01 30.84 7.89
CA PHE C 120 -14.50 31.36 6.62
C PHE C 120 -15.94 30.96 6.32
N TYR C 121 -16.62 30.31 7.25
CA TYR C 121 -18.00 29.93 7.04
C TYR C 121 -18.92 31.11 6.74
N PRO C 122 -18.79 32.28 7.40
CA PRO C 122 -19.57 33.43 6.93
C PRO C 122 -19.41 33.72 5.45
N ILE C 123 -18.18 33.57 4.92
CA ILE C 123 -17.93 33.83 3.51
C ILE C 123 -18.67 32.82 2.64
N PHE C 124 -18.59 31.53 3.00
CA PHE C 124 -19.21 30.46 2.21
C PHE C 124 -20.73 30.59 2.20
N LYS C 125 -21.30 30.94 3.35
CA LYS C 125 -22.73 31.22 3.45
C LYS C 125 -23.14 32.32 2.47
N ALA C 126 -22.44 33.45 2.51
CA ALA C 126 -22.69 34.52 1.53
C ALA C 126 -22.49 34.02 0.10
N MET C 127 -21.42 33.24 -0.14
CA MET C 127 -21.20 32.65 -1.46
C MET C 127 -22.35 31.74 -1.85
N GLN C 128 -22.87 30.97 -0.88
CA GLN C 128 -23.98 30.08 -1.15
C GLN C 128 -25.22 30.86 -1.58
N GLU C 129 -25.54 31.93 -0.85
CA GLU C 129 -26.68 32.77 -1.21
C GLU C 129 -26.53 33.31 -2.61
N GLU C 130 -25.32 33.75 -2.98
CA GLU C 130 -25.09 34.43 -4.24
C GLU C 130 -24.77 33.48 -5.39
N ASN C 131 -24.82 32.17 -5.16
CA ASN C 131 -24.58 31.15 -6.19
C ASN C 131 -23.17 31.26 -6.78
N LEU C 132 -22.20 31.66 -5.96
CA LEU C 132 -20.79 31.67 -6.34
C LEU C 132 -20.16 30.30 -6.06
N VAL C 133 -19.08 29.97 -6.82
CA VAL C 133 -18.41 28.68 -6.74
C VAL C 133 -17.21 28.74 -5.78
N LEU C 134 -17.04 27.69 -4.97
CA LEU C 134 -15.86 27.55 -4.11
C LEU C 134 -14.85 26.64 -4.80
N ASN C 135 -13.75 27.22 -5.29
CA ASN C 135 -12.66 26.47 -5.89
C ASN C 135 -11.62 26.13 -4.83
N LEU C 136 -11.23 24.87 -4.78
CA LEU C 136 -10.26 24.41 -3.79
C LEU C 136 -9.01 23.90 -4.47
N HIS C 137 -7.86 24.49 -4.14
CA HIS C 137 -6.59 23.80 -4.33
C HIS C 137 -6.47 22.90 -3.12
N GLY C 138 -6.91 21.63 -3.30
CA GLY C 138 -7.05 20.64 -2.23
C GLY C 138 -5.79 19.88 -1.84
N GLU C 139 -4.90 20.55 -1.13
CA GLU C 139 -3.69 19.95 -0.60
C GLU C 139 -3.47 20.46 0.82
N LYS C 140 -3.31 19.54 1.76
CA LYS C 140 -2.95 19.93 3.11
C LYS C 140 -1.46 20.28 3.17
N PRO C 141 -1.08 21.29 3.96
CA PRO C 141 0.34 21.55 4.17
C PRO C 141 1.07 20.32 4.69
N SER C 142 2.33 20.20 4.30
CA SER C 142 3.12 19.02 4.63
C SER C 142 3.53 19.03 6.12
N VAL C 143 3.51 17.85 6.75
CA VAL C 143 3.93 17.71 8.15
C VAL C 143 4.57 16.33 8.31
N HIS C 144 5.74 16.28 8.95
CA HIS C 144 6.42 15.01 9.25
C HIS C 144 6.61 14.80 10.75
N ASP C 145 6.25 15.77 11.58
CA ASP C 145 6.39 15.70 13.03
C ASP C 145 5.09 15.22 13.67
N GLY C 146 5.05 15.27 15.01
CA GLY C 146 3.97 14.76 15.86
C GLY C 146 3.57 13.31 15.61
N ASP C 147 2.43 12.92 16.21
CA ASP C 147 1.99 11.54 16.16
C ASP C 147 1.13 11.19 14.96
N LYS C 148 0.82 12.12 14.07
CA LYS C 148 -0.09 11.81 12.99
C LYS C 148 0.68 11.35 11.75
N GLU C 149 -0.03 10.69 10.84
CA GLU C 149 0.58 10.21 9.62
C GLU C 149 1.25 11.39 8.89
N PRO C 150 2.48 11.23 8.40
CA PRO C 150 3.13 12.34 7.71
C PRO C 150 2.42 12.72 6.42
N ILE C 151 2.39 14.02 6.14
CA ILE C 151 1.80 14.55 4.91
C ILE C 151 2.94 15.09 4.06
N HIS C 152 3.02 14.60 2.82
CA HIS C 152 4.04 14.99 1.85
C HIS C 152 3.34 15.22 0.51
N VAL C 153 4.11 15.68 -0.49
CA VAL C 153 3.52 16.05 -1.77
C VAL C 153 2.76 14.92 -2.45
N LEU C 154 3.03 13.67 -2.10
CA LEU C 154 2.30 12.57 -2.73
C LEU C 154 0.96 12.24 -2.05
N ASN C 155 0.82 12.48 -0.76
CA ASN C 155 -0.47 12.19 -0.14
C ASN C 155 -1.20 13.45 0.29
N ALA C 156 -0.64 14.64 0.02
CA ALA C 156 -1.24 15.87 0.51
C ALA C 156 -2.63 16.10 -0.06
N GLU C 157 -2.87 15.64 -1.29
CA GLU C 157 -4.20 15.75 -1.87
C GLU C 157 -5.16 14.75 -1.24
N GLU C 158 -4.71 13.51 -1.01
CA GLU C 158 -5.54 12.54 -0.28
C GLU C 158 -5.83 13.02 1.13
N ALA C 159 -4.81 13.60 1.78
CA ALA C 159 -4.98 14.13 3.12
C ALA C 159 -6.02 15.25 3.18
N PHE C 160 -6.38 15.85 2.05
CA PHE C 160 -7.33 16.97 2.04
C PHE C 160 -8.76 16.52 1.86
N LEU C 161 -8.98 15.29 1.38
CA LEU C 161 -10.33 14.83 1.07
C LEU C 161 -11.32 14.95 2.22
N PRO C 162 -10.98 14.60 3.49
CA PRO C 162 -11.94 14.84 4.57
C PRO C 162 -12.39 16.30 4.64
N ALA C 163 -11.46 17.25 4.47
CA ALA C 163 -11.88 18.66 4.48
C ALA C 163 -12.89 18.95 3.38
N LEU C 164 -12.70 18.35 2.20
CA LEU C 164 -13.67 18.51 1.13
C LEU C 164 -15.01 17.92 1.52
N LYS C 165 -14.99 16.71 2.09
CA LYS C 165 -16.23 16.04 2.48
C LYS C 165 -16.98 16.84 3.54
N LYS C 166 -16.26 17.37 4.53
CA LYS C 166 -16.90 18.19 5.55
C LYS C 166 -17.50 19.46 4.97
N LEU C 167 -16.80 20.09 4.03
CA LEU C 167 -17.30 21.33 3.39
C LEU C 167 -18.58 21.04 2.59
N HIS C 168 -18.63 19.92 1.87
CA HIS C 168 -19.82 19.52 1.08
C HIS C 168 -20.95 19.18 2.03
N ASN C 169 -20.61 18.57 3.15
CA ASN C 169 -21.66 18.20 4.13
C ASN C 169 -22.30 19.45 4.73
N ASP C 170 -21.48 20.40 5.14
CA ASP C 170 -21.92 21.59 5.86
C ASP C 170 -22.58 22.63 4.97
N PHE C 171 -22.31 22.62 3.66
CA PHE C 171 -22.87 23.57 2.72
C PHE C 171 -23.37 22.78 1.53
N PRO C 172 -24.41 21.95 1.72
CA PRO C 172 -24.80 21.01 0.66
C PRO C 172 -25.25 21.69 -0.60
N ASN C 173 -25.62 22.97 -0.54
CA ASN C 173 -26.06 23.71 -1.73
C ASN C 173 -24.97 24.57 -2.37
N LEU C 174 -23.80 24.68 -1.75
CA LEU C 174 -22.68 25.42 -2.32
C LEU C 174 -22.02 24.62 -3.43
N LYS C 175 -21.77 25.26 -4.56
CA LYS C 175 -21.04 24.61 -5.66
C LYS C 175 -19.56 24.63 -5.30
N ILE C 176 -18.93 23.47 -5.28
CA ILE C 176 -17.54 23.31 -4.87
C ILE C 176 -16.76 22.59 -5.96
N ILE C 177 -15.57 23.07 -6.27
CA ILE C 177 -14.68 22.37 -7.20
C ILE C 177 -13.38 21.98 -6.51
N LEU C 178 -13.07 20.69 -6.54
CA LEU C 178 -11.71 20.21 -6.29
C LEU C 178 -10.92 20.42 -7.59
N GLU C 179 -10.07 21.44 -7.61
CA GLU C 179 -9.31 21.77 -8.80
C GLU C 179 -8.23 20.73 -9.06
N HIS C 180 -7.89 20.56 -10.36
CA HIS C 180 -6.74 19.78 -10.77
C HIS C 180 -6.48 18.50 -9.96
N CYS C 181 -7.38 17.53 -10.06
CA CYS C 181 -7.18 16.24 -9.40
C CYS C 181 -5.96 15.51 -9.95
N THR C 182 -5.22 14.90 -9.05
CA THR C 182 -3.99 14.18 -9.44
C THR C 182 -3.94 12.76 -8.86
N SER C 183 -4.85 12.39 -7.96
CA SER C 183 -4.74 11.07 -7.35
C SER C 183 -6.00 10.28 -7.64
N GLU C 184 -5.83 8.96 -7.74
CA GLU C 184 -6.98 8.06 -7.82
C GLU C 184 -7.91 8.23 -6.62
N SER C 185 -7.36 8.46 -5.42
CA SER C 185 -8.25 8.64 -4.28
C SER C 185 -9.21 9.79 -4.52
N ALA C 186 -8.73 10.89 -5.13
CA ALA C 186 -9.59 12.05 -5.30
C ALA C 186 -10.68 11.75 -6.30
N ILE C 187 -10.32 11.08 -7.40
CA ILE C 187 -11.31 10.64 -8.36
C ILE C 187 -12.39 9.83 -7.66
N LYS C 188 -11.98 8.81 -6.88
CA LYS C 188 -12.96 7.99 -6.16
C LYS C 188 -13.82 8.82 -5.21
N THR C 189 -13.19 9.71 -4.43
CA THR C 189 -14.00 10.54 -3.53
C THR C 189 -15.01 11.38 -4.30
N ILE C 190 -14.61 11.96 -5.44
CA ILE C 190 -15.53 12.78 -6.23
C ILE C 190 -16.67 11.95 -6.78
N GLU C 191 -16.36 10.75 -7.29
CA GLU C 191 -17.42 9.87 -7.80
C GLU C 191 -18.41 9.51 -6.70
N ASP C 192 -17.91 9.18 -5.51
CA ASP C 192 -18.78 8.75 -4.42
C ASP C 192 -19.70 9.88 -3.97
N ILE C 193 -19.20 11.12 -3.99
CA ILE C 193 -20.00 12.27 -3.61
C ILE C 193 -21.16 12.45 -4.57
N ASN C 194 -20.94 12.09 -5.84
CA ASN C 194 -21.92 12.24 -6.89
C ASN C 194 -22.57 10.93 -7.28
N LYS C 195 -22.68 10.01 -6.33
CA LYS C 195 -23.20 8.69 -6.66
C LYS C 195 -24.66 8.75 -7.13
N ASN C 196 -25.47 9.62 -6.52
CA ASN C 196 -26.91 9.71 -6.85
C ASN C 196 -27.20 10.81 -7.87
N VAL C 197 -26.61 10.69 -9.08
CA VAL C 197 -26.63 11.72 -10.14
C VAL C 197 -26.55 11.18 -11.59
N LYS C 198 -27.56 11.47 -12.43
CA LYS C 198 -27.57 11.29 -13.87
C LYS C 198 -27.41 12.67 -14.45
N LYS C 199 -28.36 13.53 -14.09
CA LYS C 199 -28.51 14.93 -14.57
C LYS C 199 -27.28 15.78 -14.24
N ALA C 200 -26.75 16.47 -15.23
CA ALA C 200 -25.58 17.34 -15.05
C ALA C 200 -25.86 18.52 -14.10
N THR C 201 -27.10 19.04 -14.07
CA THR C 201 -27.35 20.18 -13.20
C THR C 201 -27.50 19.76 -11.73
N ASP C 202 -27.47 18.46 -11.42
CA ASP C 202 -27.47 18.00 -10.04
C ASP C 202 -26.09 17.99 -9.41
N VAL C 203 -25.02 18.11 -10.21
CA VAL C 203 -23.68 18.13 -9.65
C VAL C 203 -23.51 19.38 -8.80
N LYS C 204 -23.06 19.20 -7.57
CA LYS C 204 -22.66 20.31 -6.73
C LYS C 204 -21.18 20.30 -6.45
N VAL C 205 -20.58 19.12 -6.36
CA VAL C 205 -19.14 18.96 -6.20
C VAL C 205 -18.59 18.39 -7.50
N ALA C 206 -17.64 19.11 -8.11
CA ALA C 206 -16.99 18.71 -9.34
C ALA C 206 -15.48 18.76 -9.13
N ALA C 207 -14.76 18.29 -10.15
CA ALA C 207 -13.32 18.39 -10.17
C ALA C 207 -12.86 18.73 -11.59
N THR C 208 -11.86 19.60 -11.69
CA THR C 208 -11.22 19.88 -12.95
C THR C 208 -9.99 19.00 -13.13
N LEU C 209 -9.68 18.70 -14.38
CA LEU C 209 -8.52 17.92 -14.75
C LEU C 209 -7.67 18.74 -15.72
N THR C 210 -6.36 18.78 -15.47
CA THR C 210 -5.43 19.51 -16.31
C THR C 210 -5.12 18.70 -17.55
N ALA C 211 -4.51 19.37 -18.53
CA ALA C 211 -3.93 18.65 -19.66
C ALA C 211 -2.74 17.81 -19.22
N HIS C 212 -1.82 18.40 -18.48
CA HIS C 212 -0.54 17.72 -18.23
C HIS C 212 -0.68 16.55 -17.27
N HIS C 213 -1.67 16.56 -16.38
CA HIS C 213 -1.80 15.42 -15.48
C HIS C 213 -2.33 14.18 -16.20
N LEU C 214 -2.81 14.32 -17.42
CA LEU C 214 -3.18 13.18 -18.25
C LEU C 214 -1.97 12.60 -18.97
N PHE C 215 -0.80 13.24 -18.87
CA PHE C 215 0.46 12.74 -19.43
C PHE C 215 1.50 12.42 -18.38
N LEU C 216 1.66 13.28 -17.37
CA LEU C 216 2.84 13.27 -16.53
C LEU C 216 2.71 12.29 -15.37
N THR C 217 3.84 11.69 -15.00
CA THR C 217 4.00 10.97 -13.75
C THR C 217 5.27 11.46 -13.07
N ILE C 218 5.49 10.98 -11.84
CA ILE C 218 6.66 11.44 -11.07
C ILE C 218 7.96 11.35 -11.88
N ASP C 219 8.07 10.36 -12.76
CA ASP C 219 9.31 10.21 -13.55
C ASP C 219 9.53 11.40 -14.50
N ASP C 220 8.46 12.03 -14.97
CA ASP C 220 8.65 13.14 -15.92
C ASP C 220 9.10 14.43 -15.27
N TRP C 221 8.90 14.62 -13.95
CA TRP C 221 9.35 15.85 -13.33
C TRP C 221 10.49 15.65 -12.34
N ALA C 222 10.90 14.41 -12.06
CA ALA C 222 11.97 14.23 -11.09
C ALA C 222 13.20 15.05 -11.48
N GLY C 223 13.67 14.90 -12.70
CA GLY C 223 14.82 15.68 -13.16
C GLY C 223 14.45 16.83 -14.05
N ASN C 224 13.17 17.16 -14.20
CA ASN C 224 12.72 18.14 -15.17
C ASN C 224 11.80 19.16 -14.51
N PRO C 225 12.37 20.23 -13.90
CA PRO C 225 11.52 21.29 -13.32
C PRO C 225 10.45 21.81 -14.27
N VAL C 226 10.69 21.82 -15.60
CA VAL C 226 9.67 22.28 -16.56
C VAL C 226 8.36 21.53 -16.33
N ASN C 227 8.43 20.32 -15.80
CA ASN C 227 7.26 19.50 -15.56
C ASN C 227 6.84 19.50 -14.10
N PHE C 228 7.54 20.26 -13.25
CA PHE C 228 7.17 20.38 -11.85
C PHE C 228 5.98 21.30 -11.72
N CYS C 229 4.93 20.82 -11.06
CA CYS C 229 3.79 21.65 -10.74
C CYS C 229 3.18 21.15 -9.43
N LYS C 230 2.18 21.90 -8.94
CA LYS C 230 1.36 21.51 -7.80
C LYS C 230 -0.10 21.35 -8.24
N PRO C 231 -0.79 20.27 -7.82
CA PRO C 231 -0.18 19.14 -7.12
C PRO C 231 0.72 18.35 -8.06
N VAL C 232 1.80 17.76 -7.53
CA VAL C 232 2.75 17.07 -8.38
C VAL C 232 2.08 15.92 -9.11
N ALA C 233 2.51 15.68 -10.34
CA ALA C 233 2.13 14.44 -10.99
C ALA C 233 2.66 13.26 -10.18
N LYS C 234 1.80 12.27 -9.98
CA LYS C 234 2.02 11.11 -9.12
C LYS C 234 2.34 9.84 -9.93
N LEU C 235 1.89 8.69 -9.45
CA LEU C 235 2.24 7.37 -9.94
C LEU C 235 1.44 6.99 -11.18
N PRO C 236 1.92 6.00 -11.93
CA PRO C 236 1.17 5.50 -13.10
C PRO C 236 -0.28 5.12 -12.81
N ASN C 237 -0.56 4.53 -11.66
CA ASN C 237 -1.93 4.21 -11.27
C ASN C 237 -2.78 5.48 -11.19
N ASP C 238 -2.21 6.57 -10.68
CA ASP C 238 -2.93 7.83 -10.58
C ASP C 238 -3.24 8.40 -11.96
N LYS C 239 -2.24 8.44 -12.83
CA LYS C 239 -2.47 8.91 -14.20
C LYS C 239 -3.60 8.14 -14.86
N LYS C 240 -3.56 6.79 -14.78
CA LYS C 240 -4.59 5.96 -15.37
C LYS C 240 -5.97 6.34 -14.86
N ALA C 241 -6.09 6.58 -13.54
CA ALA C 241 -7.38 7.00 -13.00
C ALA C 241 -7.80 8.35 -13.57
N LEU C 242 -6.83 9.26 -13.73
CA LEU C 242 -7.10 10.62 -14.28
C LEU C 242 -7.64 10.52 -15.70
N VAL C 243 -6.93 9.80 -16.58
CA VAL C 243 -7.34 9.65 -17.98
C VAL C 243 -8.73 9.02 -18.04
N LYS C 244 -8.94 7.95 -17.25
CA LYS C 244 -10.24 7.29 -17.21
C LYS C 244 -11.35 8.25 -16.80
N ALA C 245 -11.11 9.06 -15.78
CA ALA C 245 -12.14 10.02 -15.36
C ALA C 245 -12.40 11.05 -16.44
N ALA C 246 -11.34 11.55 -17.08
CA ALA C 246 -11.48 12.58 -18.10
C ALA C 246 -12.37 12.12 -19.25
N VAL C 247 -12.23 10.86 -19.69
CA VAL C 247 -12.96 10.40 -20.87
C VAL C 247 -14.27 9.72 -20.47
N SER C 248 -14.61 9.78 -19.18
CA SER C 248 -15.71 8.97 -18.67
C SER C 248 -17.08 9.43 -19.14
N GLY C 249 -17.23 10.68 -19.56
CA GLY C 249 -18.55 11.24 -19.81
C GLY C 249 -19.28 11.66 -18.56
N LYS C 250 -18.66 11.57 -17.40
CA LYS C 250 -19.36 11.98 -16.18
C LYS C 250 -19.37 13.51 -16.06
N PRO C 251 -20.51 14.12 -15.69
CA PRO C 251 -20.63 15.59 -15.72
C PRO C 251 -19.85 16.31 -14.61
N TYR C 252 -19.18 15.56 -13.73
CA TYR C 252 -18.52 16.18 -12.54
C TYR C 252 -17.00 16.15 -12.66
N PHE C 253 -16.50 15.90 -13.87
CA PHE C 253 -15.12 16.12 -14.30
C PHE C 253 -15.18 16.96 -15.58
N PHE C 254 -14.54 18.14 -15.57
CA PHE C 254 -14.37 18.93 -16.80
C PHE C 254 -13.00 19.61 -16.80
N PHE C 255 -12.66 20.20 -17.94
CA PHE C 255 -11.32 20.69 -18.22
C PHE C 255 -10.97 21.95 -17.43
N GLY C 256 -9.81 21.93 -16.78
CA GLY C 256 -9.18 23.12 -16.21
C GLY C 256 -7.69 22.98 -16.42
N SER C 257 -7.11 23.88 -17.21
CA SER C 257 -5.74 23.65 -17.65
C SER C 257 -4.76 23.80 -16.50
N ASP C 258 -5.04 24.70 -15.57
CA ASP C 258 -4.03 25.20 -14.65
C ASP C 258 -2.77 25.58 -15.42
N SER C 259 -2.98 26.13 -16.61
CA SER C 259 -1.86 26.70 -17.32
C SER C 259 -1.30 27.80 -16.44
N ALA C 260 -0.02 27.66 -16.09
CA ALA C 260 0.62 28.49 -15.09
C ALA C 260 1.93 28.95 -15.68
N PRO C 261 1.93 30.03 -16.45
CA PRO C 261 3.17 30.46 -17.12
C PRO C 261 4.15 31.05 -16.13
N HIS C 262 5.43 30.68 -16.30
CA HIS C 262 6.59 31.22 -15.62
C HIS C 262 7.69 31.50 -16.63
N PRO C 263 8.42 32.61 -16.50
CA PRO C 263 9.57 32.79 -17.40
C PRO C 263 10.62 31.72 -17.10
N VAL C 264 11.28 31.24 -18.16
CA VAL C 264 12.22 30.12 -18.07
C VAL C 264 13.23 30.29 -16.93
N GLN C 265 13.72 31.51 -16.70
CA GLN C 265 14.72 31.62 -15.65
C GLN C 265 14.14 31.32 -14.27
N ASN C 266 12.81 31.32 -14.10
CA ASN C 266 12.20 30.92 -12.83
C ASN C 266 11.92 29.42 -12.74
N LYS C 267 12.11 28.69 -13.84
CA LYS C 267 12.11 27.25 -13.79
C LYS C 267 13.50 26.68 -13.68
N ALA C 268 14.51 27.41 -14.09
CA ALA C 268 15.89 26.92 -14.07
C ALA C 268 16.61 27.38 -12.81
N ASN C 269 16.12 26.93 -11.66
CA ASN C 269 16.70 27.27 -10.37
C ASN C 269 17.31 26.03 -9.73
N TYR C 270 18.42 26.20 -9.03
CA TYR C 270 18.88 25.06 -8.24
C TYR C 270 18.07 24.88 -6.98
N GLU C 271 17.22 25.86 -6.64
CA GLU C 271 16.35 25.83 -5.47
C GLU C 271 15.17 26.76 -5.72
N GLY C 272 14.04 26.43 -5.11
CA GLY C 272 12.86 27.27 -5.27
C GLY C 272 12.35 27.32 -6.69
N VAL C 273 12.45 26.20 -7.42
CA VAL C 273 11.80 26.12 -8.71
C VAL C 273 10.34 26.47 -8.54
N CYS C 274 9.86 27.38 -9.39
CA CYS C 274 8.46 27.73 -9.38
C CYS C 274 7.62 26.57 -9.82
N ALA C 275 6.63 26.20 -9.02
CA ALA C 275 5.76 25.11 -9.43
C ALA C 275 4.96 25.67 -10.59
N GLY C 276 4.62 24.85 -11.60
CA GLY C 276 3.71 25.32 -12.66
C GLY C 276 4.06 24.91 -14.09
N VAL C 277 3.07 24.48 -14.89
CA VAL C 277 3.27 24.06 -16.27
C VAL C 277 2.42 24.92 -17.22
N TYR C 278 3.02 25.36 -18.35
CA TYR C 278 2.34 26.21 -19.33
C TYR C 278 1.74 25.38 -20.48
N SER C 279 0.42 25.25 -20.50
CA SER C 279 -0.27 24.49 -21.53
C SER C 279 -1.25 25.32 -22.35
N GLN C 280 -1.35 26.63 -22.13
CA GLN C 280 -2.42 27.41 -22.73
C GLN C 280 -2.35 27.40 -24.26
N SER C 281 -1.13 27.44 -24.82
CA SER C 281 -0.99 27.63 -26.27
C SER C 281 -1.54 26.48 -27.09
N PHE C 282 -1.63 25.26 -26.52
CA PHE C 282 -2.15 24.13 -27.29
C PHE C 282 -3.11 23.30 -26.45
N ALA C 283 -3.80 23.95 -25.51
CA ALA C 283 -4.69 23.32 -24.56
C ALA C 283 -5.62 22.28 -25.18
N ILE C 284 -6.44 22.71 -26.14
CA ILE C 284 -7.44 21.78 -26.70
C ILE C 284 -6.73 20.67 -27.48
N PRO C 285 -5.77 20.96 -28.37
CA PRO C 285 -5.02 19.84 -28.98
C PRO C 285 -4.39 18.86 -27.98
N TYR C 286 -3.81 19.32 -26.87
CA TYR C 286 -3.30 18.39 -25.85
C TYR C 286 -4.37 17.41 -25.43
N ILE C 287 -5.57 17.93 -25.15
CA ILE C 287 -6.68 17.09 -24.72
C ILE C 287 -7.16 16.19 -25.86
N ALA C 288 -7.08 16.69 -27.10
CA ALA C 288 -7.44 15.90 -28.27
C ALA C 288 -6.63 14.60 -28.36
N GLN C 289 -5.30 14.71 -28.22
CA GLN C 289 -4.46 13.50 -28.22
C GLN C 289 -4.96 12.46 -27.21
N VAL C 290 -5.31 12.89 -25.99
CA VAL C 290 -5.72 11.91 -24.98
C VAL C 290 -7.03 11.24 -25.40
N PHE C 291 -7.99 12.02 -25.86
CA PHE C 291 -9.28 11.43 -26.21
C PHE C 291 -9.20 10.55 -27.45
N GLU C 292 -8.35 10.91 -28.43
CA GLU C 292 -8.13 10.00 -29.56
C GLU C 292 -7.60 8.66 -29.07
N GLU C 293 -6.45 8.67 -28.37
CA GLU C 293 -5.81 7.45 -27.90
C GLU C 293 -6.73 6.60 -27.04
N GLN C 294 -7.73 7.20 -26.40
CA GLN C 294 -8.66 6.46 -25.57
C GLN C 294 -9.93 6.06 -26.32
N ASN C 295 -9.96 6.25 -27.65
CA ASN C 295 -11.14 5.98 -28.46
C ASN C 295 -12.39 6.57 -27.81
N ALA C 296 -12.31 7.87 -27.53
CA ALA C 296 -13.38 8.54 -26.81
C ALA C 296 -13.62 9.95 -27.34
N LEU C 297 -13.33 10.21 -28.61
CA LEU C 297 -13.50 11.57 -29.13
C LEU C 297 -14.93 12.09 -29.02
N GLU C 298 -15.94 11.21 -28.93
CA GLU C 298 -17.31 11.67 -28.76
C GLU C 298 -17.56 12.29 -27.39
N ASN C 299 -16.71 12.04 -26.40
CA ASN C 299 -16.84 12.64 -25.08
C ASN C 299 -16.02 13.92 -24.92
N LEU C 300 -15.23 14.29 -25.94
CA LEU C 300 -14.37 15.45 -25.85
C LEU C 300 -15.16 16.72 -25.60
N LYS C 301 -16.27 16.92 -26.32
CA LYS C 301 -17.05 18.15 -26.20
C LYS C 301 -17.58 18.34 -24.78
N GLY C 302 -18.07 17.27 -24.17
CA GLY C 302 -18.54 17.38 -22.79
C GLY C 302 -17.43 17.81 -21.84
N PHE C 303 -16.26 17.21 -22.00
CA PHE C 303 -15.16 17.46 -21.08
C PHE C 303 -14.61 18.88 -21.24
N VAL C 304 -14.54 19.40 -22.47
CA VAL C 304 -14.02 20.74 -22.67
C VAL C 304 -15.09 21.79 -22.94
N SER C 305 -16.35 21.40 -23.14
CA SER C 305 -17.35 22.45 -23.32
C SER C 305 -18.58 22.34 -22.41
N ASP C 306 -19.35 21.26 -22.56
CA ASP C 306 -20.68 21.19 -21.94
C ASP C 306 -20.62 21.26 -20.42
N PHE C 307 -19.76 20.43 -19.80
CA PHE C 307 -19.90 20.19 -18.37
C PHE C 307 -19.48 21.41 -17.56
N GLY C 308 -18.45 22.14 -18.01
CA GLY C 308 -18.09 23.36 -17.32
C GLY C 308 -19.12 24.45 -17.51
N ILE C 309 -19.66 24.58 -18.73
CA ILE C 309 -20.74 25.55 -18.99
C ILE C 309 -21.92 25.27 -18.08
N SER C 310 -22.38 24.02 -18.06
CA SER C 310 -23.46 23.62 -17.16
C SER C 310 -23.14 23.97 -15.71
N PHE C 311 -21.96 23.59 -15.23
CA PHE C 311 -21.65 23.76 -13.81
C PHE C 311 -21.49 25.24 -13.44
N TYR C 312 -20.83 26.03 -14.29
CA TYR C 312 -20.73 27.45 -13.95
C TYR C 312 -21.99 28.22 -14.33
N GLU C 313 -22.96 27.56 -14.98
CA GLU C 313 -24.21 28.16 -15.44
C GLU C 313 -23.92 29.36 -16.33
N VAL C 314 -23.09 29.15 -17.34
CA VAL C 314 -22.70 30.23 -18.24
C VAL C 314 -23.84 30.46 -19.24
N LYS C 315 -24.31 31.69 -19.33
CA LYS C 315 -25.44 32.00 -20.25
C LYS C 315 -24.92 32.80 -21.45
N ASP C 316 -25.59 32.65 -22.60
CA ASP C 316 -25.19 33.35 -23.85
C ASP C 316 -25.03 34.84 -23.57
N SER C 317 -25.79 35.38 -22.59
CA SER C 317 -25.70 36.76 -22.25
C SER C 317 -24.28 37.16 -21.96
N GLU C 318 -23.45 36.24 -21.50
CA GLU C 318 -22.17 36.63 -20.96
C GLU C 318 -21.08 36.46 -21.98
N VAL C 319 -21.35 35.64 -22.99
CA VAL C 319 -20.32 35.25 -23.92
C VAL C 319 -19.90 36.42 -24.80
N ALA C 320 -18.59 36.65 -24.84
CA ALA C 320 -17.98 37.74 -25.58
C ALA C 320 -17.87 37.45 -27.06
N SER C 321 -17.97 36.18 -27.46
CA SER C 321 -17.95 35.82 -28.86
C SER C 321 -18.65 34.49 -29.04
N SER C 322 -19.49 34.39 -30.07
CA SER C 322 -20.18 33.16 -30.37
C SER C 322 -19.38 32.27 -31.31
N ASP C 323 -18.16 32.67 -31.68
CA ASP C 323 -17.28 31.86 -32.52
C ASP C 323 -17.09 30.48 -31.89
N LYS C 324 -17.15 29.45 -32.73
CA LYS C 324 -17.02 28.08 -32.30
C LYS C 324 -15.61 27.57 -32.59
N ALA C 325 -15.06 26.81 -31.66
CA ALA C 325 -13.76 26.19 -31.85
C ALA C 325 -13.92 24.92 -32.67
N ILE C 326 -13.22 24.83 -33.80
CA ILE C 326 -13.23 23.66 -34.65
C ILE C 326 -11.88 22.96 -34.53
N LEU C 327 -11.95 21.71 -34.13
CA LEU C 327 -10.76 20.86 -33.97
C LEU C 327 -10.54 20.12 -35.28
N PHE C 328 -9.39 20.34 -35.95
CA PHE C 328 -9.11 19.61 -37.18
C PHE C 328 -7.77 18.87 -37.09
N LYS C 329 -7.74 17.67 -37.67
CA LYS C 329 -6.60 16.76 -37.56
C LYS C 329 -5.50 17.14 -38.58
N LYS C 330 -4.86 18.27 -38.31
CA LYS C 330 -3.67 18.73 -39.01
C LYS C 330 -2.49 18.69 -38.04
N GLU C 331 -1.49 17.86 -38.35
CA GLU C 331 -0.23 17.79 -37.60
C GLU C 331 0.34 19.18 -37.34
N GLN C 332 0.83 19.39 -36.12
CA GLN C 332 1.71 20.52 -35.85
C GLN C 332 2.79 20.09 -34.87
N VAL C 333 3.78 20.96 -34.70
CA VAL C 333 4.88 20.75 -33.77
C VAL C 333 4.84 21.88 -32.72
N ILE C 334 4.91 21.50 -31.46
CA ILE C 334 4.99 22.48 -30.36
C ILE C 334 6.38 23.11 -30.37
N PRO C 335 6.50 24.43 -30.36
CA PRO C 335 7.82 25.06 -30.33
C PRO C 335 8.63 24.61 -29.13
N GLN C 336 9.92 24.93 -29.16
CA GLN C 336 10.77 24.66 -28.00
C GLN C 336 10.64 25.76 -26.95
N VAL C 337 10.29 26.98 -27.37
CA VAL C 337 10.14 28.12 -26.48
C VAL C 337 9.04 29.00 -27.06
N ILE C 338 8.37 29.76 -26.20
CA ILE C 338 7.37 30.75 -26.59
C ILE C 338 7.76 32.08 -25.97
N SER C 339 7.87 33.12 -26.80
CA SER C 339 8.49 34.37 -26.41
C SER C 339 7.65 35.56 -26.83
N ASP C 340 7.76 36.66 -26.08
CA ASP C 340 7.25 37.95 -26.52
C ASP C 340 8.27 38.75 -27.35
N GLY C 341 9.41 38.16 -27.69
CA GLY C 341 10.46 38.85 -28.43
C GLY C 341 11.09 39.96 -27.63
N LYS C 342 11.05 39.85 -26.31
CA LYS C 342 11.51 40.80 -25.30
C LYS C 342 12.06 39.98 -24.14
N ASP C 343 11.78 40.42 -22.91
CA ASP C 343 12.31 39.77 -21.72
C ASP C 343 11.74 38.37 -21.44
N ILE C 344 10.62 37.96 -22.04
CA ILE C 344 9.89 36.76 -21.60
C ILE C 344 10.12 35.58 -22.55
N SER C 345 10.59 34.45 -22.01
CA SER C 345 10.58 33.17 -22.71
C SER C 345 9.95 32.13 -21.78
N ILE C 346 9.03 31.32 -22.31
CA ILE C 346 8.35 30.30 -21.51
C ILE C 346 8.46 28.97 -22.25
N ILE C 347 8.76 27.90 -21.51
CA ILE C 347 8.89 26.57 -22.07
C ILE C 347 7.49 25.93 -22.06
N PRO C 348 6.89 25.68 -23.21
CA PRO C 348 5.54 25.10 -23.23
C PRO C 348 5.55 23.60 -22.92
N PHE C 349 4.41 23.15 -22.40
CA PHE C 349 4.21 21.74 -22.14
C PHE C 349 4.50 20.91 -23.38
N LYS C 350 5.29 19.84 -23.21
CA LYS C 350 5.61 18.91 -24.29
C LYS C 350 6.38 19.58 -25.44
N ALA C 351 7.23 20.54 -25.07
CA ALA C 351 8.02 21.29 -26.04
C ALA C 351 8.75 20.37 -27.02
N GLY C 352 8.55 20.62 -28.32
CA GLY C 352 9.22 19.84 -29.34
C GLY C 352 8.45 18.63 -29.80
N ASP C 353 7.33 18.32 -29.18
CA ASP C 353 6.56 17.17 -29.60
C ASP C 353 5.64 17.52 -30.74
N LYS C 354 5.19 16.49 -31.40
CA LYS C 354 4.30 16.62 -32.53
C LYS C 354 2.90 16.34 -32.01
N LEU C 355 1.94 17.16 -32.41
CA LEU C 355 0.54 16.95 -32.08
C LEU C 355 -0.23 16.61 -33.34
N SER C 356 -1.17 15.67 -33.22
CA SER C 356 -1.95 15.31 -34.39
C SER C 356 -2.93 16.39 -34.79
N TRP C 357 -3.48 17.13 -33.84
CA TRP C 357 -4.62 17.99 -34.06
C TRP C 357 -4.28 19.47 -33.94
N SER C 358 -5.03 20.27 -34.70
CA SER C 358 -5.03 21.71 -34.59
C SER C 358 -6.43 22.17 -34.23
N VAL C 359 -6.58 23.46 -33.96
CA VAL C 359 -7.88 24.04 -33.63
C VAL C 359 -7.96 25.38 -34.34
N ARG C 360 -9.10 25.62 -34.94
CA ARG C 360 -9.35 26.90 -35.67
C ARG C 360 -10.67 27.49 -35.20
N TRP C 361 -10.91 28.76 -35.50
CA TRP C 361 -12.16 29.41 -35.03
C TRP C 361 -13.09 29.64 -36.20
N GLU C 362 -14.33 29.15 -36.09
CA GLU C 362 -15.37 29.28 -37.13
C GLU C 362 -16.31 30.39 -36.70
N PRO C 363 -16.35 31.57 -37.35
CA PRO C 363 -17.22 32.66 -36.95
C PRO C 363 -18.71 32.30 -37.02
N ARG C 364 -19.45 32.81 -36.03
CA ARG C 364 -20.91 32.66 -36.05
C ARG C 364 -21.39 34.03 -36.50
N LEU C 365 -22.34 34.06 -37.42
CA LEU C 365 -22.75 35.33 -38.08
C LEU C 365 -24.26 35.58 -38.15
N VAL D 2 34.13 21.75 25.54
CA VAL D 2 33.66 21.32 24.23
C VAL D 2 33.74 19.80 24.22
N GLN D 3 32.71 19.14 23.68
CA GLN D 3 32.68 17.66 23.61
C GLN D 3 33.54 17.16 22.45
N GLU D 4 34.33 16.11 22.68
CA GLU D 4 35.16 15.52 21.64
C GLU D 4 34.85 14.03 21.50
N ILE D 5 34.96 13.53 20.28
CA ILE D 5 34.86 12.11 20.00
C ILE D 5 35.97 11.73 19.02
N ASP D 6 36.81 10.77 19.42
CA ASP D 6 37.86 10.21 18.57
C ASP D 6 37.21 9.24 17.59
N LEU D 7 37.08 9.66 16.34
CA LEU D 7 36.48 8.79 15.34
C LEU D 7 37.47 7.85 14.67
N GLY D 8 38.77 7.97 14.96
CA GLY D 8 39.77 7.08 14.38
C GLY D 8 39.96 7.24 12.88
N LEU D 9 40.11 6.10 12.20
CA LEU D 9 40.34 6.09 10.75
C LEU D 9 38.99 6.02 10.06
N THR D 10 38.40 7.20 9.84
CA THR D 10 37.10 7.31 9.19
C THR D 10 37.16 6.87 7.73
N CYS D 11 36.06 6.31 7.24
CA CYS D 11 35.97 5.93 5.86
C CYS D 11 34.65 6.37 5.25
N ASP D 12 34.71 6.78 4.00
CA ASP D 12 33.56 7.07 3.16
C ASP D 12 33.66 6.14 1.96
N MET D 13 32.79 5.13 1.91
CA MET D 13 32.85 4.03 0.90
C MET D 13 32.09 4.33 -0.41
N HIS D 14 31.67 5.56 -0.67
CA HIS D 14 31.00 5.86 -1.96
C HIS D 14 31.35 7.32 -2.29
N VAL D 15 32.39 7.53 -3.08
CA VAL D 15 32.90 8.87 -3.31
C VAL D 15 32.98 9.15 -4.80
N HIS D 16 32.49 10.34 -5.22
CA HIS D 16 32.59 10.86 -6.61
C HIS D 16 33.43 12.14 -6.58
N VAL D 17 34.62 12.12 -7.19
CA VAL D 17 35.54 13.29 -7.19
C VAL D 17 35.76 13.81 -8.61
N ARG D 18 35.18 13.17 -9.62
CA ARG D 18 35.29 13.61 -11.04
C ARG D 18 36.73 13.74 -11.53
N GLU D 19 36.97 14.61 -12.50
CA GLU D 19 38.30 14.84 -13.08
C GLU D 19 38.52 16.33 -13.30
N GLY D 20 39.65 16.69 -13.88
CA GLY D 20 39.96 18.06 -14.22
C GLY D 20 39.91 18.98 -13.02
N ALA D 21 39.42 20.19 -13.27
CA ALA D 21 39.44 21.24 -12.25
C ALA D 21 38.53 20.89 -11.08
N MET D 22 37.40 20.24 -11.37
CA MET D 22 36.49 19.77 -10.34
C MET D 22 37.19 18.82 -9.37
N CYS D 23 37.98 17.89 -9.92
CA CYS D 23 38.72 16.95 -9.10
C CYS D 23 39.74 17.66 -8.22
N GLU D 24 40.40 18.68 -8.77
CA GLU D 24 41.34 19.45 -7.98
C GLU D 24 40.63 20.14 -6.83
N LEU D 25 39.39 20.57 -7.06
CA LEU D 25 38.62 21.24 -6.00
C LEU D 25 38.19 20.28 -4.90
N VAL D 26 37.57 19.16 -5.27
CA VAL D 26 36.84 18.35 -4.28
C VAL D 26 37.77 17.35 -3.59
N THR D 27 38.74 16.78 -4.30
CA THR D 27 39.53 15.70 -3.73
C THR D 27 40.18 16.06 -2.40
N PRO D 28 40.76 17.26 -2.21
CA PRO D 28 41.21 17.64 -0.87
C PRO D 28 40.08 17.76 0.14
N LYS D 29 38.83 17.89 -0.32
CA LYS D 29 37.73 18.03 0.64
C LYS D 29 37.40 16.72 1.32
N ILE D 30 37.90 15.58 0.81
CA ILE D 30 37.75 14.32 1.52
C ILE D 30 38.36 14.43 2.91
N ARG D 31 39.61 14.89 2.99
CA ARG D 31 40.29 15.09 4.29
C ARG D 31 39.58 16.17 5.08
N ASP D 32 39.26 17.30 4.45
CA ASP D 32 38.64 18.42 5.15
C ASP D 32 37.27 18.08 5.72
N GLY D 33 36.58 17.12 5.13
CA GLY D 33 35.30 16.72 5.66
C GLY D 33 35.37 15.68 6.76
N GLY D 34 36.57 15.26 7.12
CA GLY D 34 36.77 14.31 8.18
C GLY D 34 36.95 12.88 7.75
N VAL D 35 37.27 12.62 6.49
CA VAL D 35 37.36 11.26 5.96
C VAL D 35 38.81 10.91 5.68
N SER D 36 39.24 9.76 6.21
CA SER D 36 40.57 9.24 5.95
C SER D 36 40.60 8.33 4.72
N ILE D 37 39.61 7.44 4.59
CA ILE D 37 39.59 6.41 3.56
C ILE D 37 38.39 6.65 2.64
N ALA D 38 38.65 6.63 1.33
CA ALA D 38 37.61 6.89 0.34
C ALA D 38 37.60 5.82 -0.73
N TYR D 39 36.43 5.24 -0.99
CA TYR D 39 36.23 4.36 -2.14
C TYR D 39 35.78 5.20 -3.33
N ILE D 40 36.58 5.21 -4.40
CA ILE D 40 36.39 6.11 -5.53
C ILE D 40 35.58 5.40 -6.61
N MET D 41 34.46 6.02 -7.03
CA MET D 41 33.58 5.45 -8.04
C MET D 41 34.06 5.78 -9.46
N PRO D 42 33.71 4.96 -10.44
CA PRO D 42 34.35 5.03 -11.77
C PRO D 42 33.58 5.72 -12.89
N ASN D 43 32.44 6.37 -12.65
CA ASN D 43 31.58 6.82 -13.75
C ASN D 43 32.04 8.15 -14.34
N LEU D 44 33.27 8.10 -14.82
CA LEU D 44 33.92 9.16 -15.58
C LEU D 44 33.51 9.11 -17.04
N GLN D 45 34.01 10.06 -17.79
CA GLN D 45 33.42 10.19 -19.09
C GLN D 45 34.60 10.25 -20.04
N PRO D 46 34.99 9.09 -20.65
CA PRO D 46 34.34 7.76 -20.50
C PRO D 46 34.60 6.95 -19.19
N PRO D 47 33.82 5.88 -18.95
CA PRO D 47 33.97 5.10 -17.71
C PRO D 47 35.38 4.54 -17.56
N ILE D 48 35.80 4.36 -16.31
CA ILE D 48 37.11 3.77 -16.05
C ILE D 48 36.98 2.26 -16.21
N THR D 49 37.50 1.73 -17.32
CA THR D 49 37.40 0.30 -17.61
C THR D 49 38.73 -0.36 -17.97
N THR D 50 39.83 0.40 -17.90
CA THR D 50 41.16 -0.09 -18.33
C THR D 50 42.19 0.25 -17.26
N LEU D 51 43.05 -0.72 -16.92
CA LEU D 51 44.09 -0.52 -15.89
C LEU D 51 44.88 0.76 -16.15
N ASP D 52 45.37 0.92 -17.37
CA ASP D 52 46.20 2.11 -17.71
C ASP D 52 45.59 3.35 -17.07
N ARG D 53 44.26 3.47 -17.12
CA ARG D 53 43.62 4.68 -16.63
C ARG D 53 43.41 4.69 -15.09
N VAL D 54 43.05 3.54 -14.55
CA VAL D 54 42.80 3.46 -13.08
C VAL D 54 44.06 3.89 -12.33
N ILE D 55 45.20 3.31 -12.70
CA ILE D 55 46.43 3.55 -11.97
C ILE D 55 46.83 5.01 -12.04
N GLU D 56 46.74 5.62 -13.22
CA GLU D 56 47.04 7.04 -13.31
C GLU D 56 46.03 7.90 -12.53
N TYR D 57 44.74 7.55 -12.59
CA TYR D 57 43.72 8.28 -11.84
C TYR D 57 44.06 8.32 -10.35
N LYS D 58 44.37 7.15 -9.77
CA LYS D 58 44.75 7.10 -8.37
C LYS D 58 45.94 8.02 -8.07
N LYS D 59 46.96 7.99 -8.94
CA LYS D 59 48.13 8.85 -8.72
C LYS D 59 47.73 10.33 -8.72
N THR D 60 46.87 10.73 -9.65
CA THR D 60 46.39 12.11 -9.66
C THR D 60 45.75 12.44 -8.31
N LEU D 61 44.93 11.54 -7.78
CA LEU D 61 44.30 11.78 -6.48
C LEU D 61 45.34 11.81 -5.37
N GLN D 62 46.34 10.92 -5.44
CA GLN D 62 47.36 10.86 -4.39
C GLN D 62 48.21 12.12 -4.37
N LYS D 63 48.51 12.69 -5.56
CA LYS D 63 49.20 13.97 -5.62
C LYS D 63 48.35 15.08 -4.99
N LEU D 64 47.02 15.03 -5.19
CA LEU D 64 46.13 16.04 -4.66
C LEU D 64 45.86 15.89 -3.17
N ALA D 65 45.95 14.68 -2.64
CA ALA D 65 45.70 14.43 -1.22
C ALA D 65 46.63 13.32 -0.76
N PRO D 66 47.88 13.65 -0.44
CA PRO D 66 48.82 12.62 -0.02
C PRO D 66 48.39 11.85 1.21
N LYS D 67 47.62 12.45 2.11
CA LYS D 67 47.27 11.79 3.36
C LYS D 67 45.95 11.03 3.29
N THR D 68 45.33 10.94 2.11
CA THR D 68 44.06 10.24 1.94
C THR D 68 44.31 8.88 1.30
N THR D 69 43.76 7.84 1.90
CA THR D 69 43.82 6.50 1.35
C THR D 69 42.73 6.31 0.31
N PHE D 70 43.10 5.91 -0.90
CA PHE D 70 42.16 5.74 -2.01
C PHE D 70 42.00 4.27 -2.36
N LEU D 71 40.77 3.76 -2.30
CA LEU D 71 40.41 2.47 -2.87
C LEU D 71 39.67 2.70 -4.18
N MET D 72 40.11 2.05 -5.26
CA MET D 72 39.60 2.33 -6.59
C MET D 72 38.68 1.22 -7.07
N SER D 73 38.04 1.47 -8.22
CA SER D 73 37.04 0.56 -8.76
C SER D 73 37.02 0.63 -10.29
N PHE D 74 36.56 -0.46 -10.91
CA PHE D 74 36.21 -0.51 -12.32
C PHE D 74 34.72 -0.31 -12.50
N TYR D 75 34.39 0.08 -13.73
CA TYR D 75 32.98 0.29 -14.10
C TYR D 75 32.53 -0.93 -14.90
N LEU D 76 31.55 -1.65 -14.40
CA LEU D 76 30.96 -2.85 -15.05
C LEU D 76 30.48 -2.48 -16.44
N SER D 77 31.11 -3.11 -17.43
CA SER D 77 30.89 -2.84 -18.84
C SER D 77 31.11 -4.15 -19.60
N LYS D 78 30.87 -4.10 -20.91
CA LYS D 78 31.19 -5.28 -21.75
C LYS D 78 32.66 -5.15 -22.15
N ASP D 79 33.29 -4.02 -21.83
CA ASP D 79 34.73 -3.85 -22.14
C ASP D 79 35.51 -4.58 -21.06
N LEU D 80 34.90 -5.64 -20.49
CA LEU D 80 35.51 -6.35 -19.36
C LEU D 80 35.95 -7.73 -19.80
N THR D 81 37.00 -8.24 -19.17
CA THR D 81 37.70 -9.50 -19.45
C THR D 81 38.18 -10.03 -18.11
N PRO D 82 37.84 -11.27 -17.71
CA PRO D 82 38.33 -11.80 -16.42
C PRO D 82 39.83 -11.64 -16.23
N ASP D 83 40.59 -11.72 -17.33
CA ASP D 83 42.03 -11.51 -17.25
C ASP D 83 42.36 -10.15 -16.65
N LEU D 84 41.64 -9.10 -17.08
CA LEU D 84 41.87 -7.74 -16.54
C LEU D 84 41.60 -7.74 -15.05
N ILE D 85 40.52 -8.38 -14.60
CA ILE D 85 40.16 -8.42 -13.17
C ILE D 85 41.29 -9.03 -12.36
N HIS D 86 41.77 -10.19 -12.77
CA HIS D 86 42.89 -10.82 -12.09
C HIS D 86 44.11 -9.92 -12.09
N GLU D 87 44.47 -9.39 -13.25
CA GLU D 87 45.65 -8.54 -13.33
C GLU D 87 45.49 -7.33 -12.42
N ALA D 88 44.34 -6.65 -12.48
CA ALA D 88 44.13 -5.43 -11.70
C ALA D 88 44.05 -5.69 -10.20
N ALA D 89 43.37 -6.77 -9.80
CA ALA D 89 43.23 -7.08 -8.37
C ALA D 89 44.56 -7.35 -7.71
N GLN D 90 45.40 -8.14 -8.41
CA GLN D 90 46.76 -8.57 -8.06
C GLN D 90 47.81 -7.53 -8.29
N GLN D 91 47.44 -6.47 -8.98
CA GLN D 91 48.19 -5.23 -8.91
C GLN D 91 47.73 -4.29 -7.83
N HIS D 92 46.79 -4.70 -6.97
CA HIS D 92 46.28 -3.88 -5.86
C HIS D 92 45.85 -2.49 -6.35
N ALA D 93 45.32 -2.47 -7.56
CA ALA D 93 44.84 -1.28 -8.24
C ALA D 93 43.33 -1.14 -8.16
N ILE D 94 42.64 -2.18 -7.65
CA ILE D 94 41.19 -2.25 -7.58
C ILE D 94 40.77 -2.94 -6.29
N ARG D 95 39.63 -2.50 -5.71
CA ARG D 95 38.93 -3.21 -4.64
C ARG D 95 37.54 -3.67 -5.03
N GLY D 96 37.03 -3.26 -6.18
CA GLY D 96 35.68 -3.68 -6.53
C GLY D 96 35.31 -3.21 -7.91
N VAL D 97 34.13 -3.66 -8.33
CA VAL D 97 33.56 -3.19 -9.63
C VAL D 97 32.17 -2.64 -9.30
N KCX D 98 31.83 -1.48 -9.84
CA KCX D 98 30.53 -0.83 -9.55
CB KCX D 98 30.77 0.64 -9.25
CG KCX D 98 29.53 1.52 -9.12
CD KCX D 98 28.71 1.26 -7.88
CE KCX D 98 27.68 2.31 -7.60
NZ KCX D 98 28.21 3.65 -7.75
C KCX D 98 29.56 -1.04 -10.71
O KCX D 98 30.00 -0.90 -11.87
CX KCX D 98 27.40 4.71 -7.82
OQ1 KCX D 98 26.22 4.67 -7.61
OQ2 KCX D 98 28.06 5.82 -8.10
N CYS D 99 28.30 -1.37 -10.42
CA CYS D 99 27.29 -1.60 -11.47
C CYS D 99 26.26 -0.48 -11.59
N TYR D 100 26.18 0.13 -12.77
CA TYR D 100 25.19 1.14 -13.13
C TYR D 100 24.17 0.53 -14.11
N PRO D 101 22.91 0.32 -13.73
CA PRO D 101 21.91 0.01 -14.74
C PRO D 101 21.78 1.16 -15.73
N ALA D 102 21.65 0.82 -17.00
CA ALA D 102 21.67 1.82 -18.07
C ALA D 102 20.52 2.82 -17.92
N GLY D 103 20.88 4.11 -17.85
CA GLY D 103 19.93 5.20 -17.91
C GLY D 103 19.46 5.75 -16.58
N VAL D 104 19.80 5.11 -15.46
CA VAL D 104 19.19 5.53 -14.20
C VAL D 104 19.91 6.70 -13.53
N THR D 105 21.18 6.98 -13.85
CA THR D 105 21.89 8.02 -13.12
C THR D 105 23.05 8.57 -13.96
N THR D 106 23.85 9.47 -13.36
CA THR D 106 24.94 10.13 -14.07
C THR D 106 25.94 9.14 -14.66
N ASN D 107 26.25 9.33 -15.94
CA ASN D 107 27.24 8.54 -16.70
C ASN D 107 26.96 7.04 -16.59
N SER D 108 25.68 6.69 -16.75
CA SER D 108 25.23 5.31 -16.76
C SER D 108 24.76 4.87 -18.15
N ALA D 109 24.90 5.74 -19.17
CA ALA D 109 24.45 5.38 -20.51
C ALA D 109 25.22 4.20 -21.05
N ALA D 110 26.49 4.05 -20.64
CA ALA D 110 27.31 2.91 -21.01
C ALA D 110 27.14 1.74 -20.05
N GLY D 111 26.02 1.70 -19.32
CA GLY D 111 25.80 0.71 -18.28
C GLY D 111 25.12 -0.55 -18.78
N VAL D 112 24.61 -1.32 -17.82
CA VAL D 112 24.15 -2.69 -18.02
C VAL D 112 22.63 -2.76 -17.91
N ASP D 113 22.07 -3.81 -18.51
CA ASP D 113 20.68 -4.21 -18.27
C ASP D 113 20.65 -5.18 -17.11
N PRO D 114 19.99 -4.84 -16.00
CA PRO D 114 19.95 -5.71 -14.81
C PRO D 114 18.94 -6.85 -14.83
N ASN D 115 18.26 -7.09 -15.94
CA ASN D 115 17.41 -8.27 -16.10
C ASN D 115 18.18 -9.47 -16.66
N ASP D 116 19.37 -9.28 -17.22
CA ASP D 116 20.23 -10.36 -17.67
C ASP D 116 21.64 -10.03 -17.18
N PHE D 117 21.89 -10.42 -15.93
CA PHE D 117 23.22 -10.22 -15.33
C PHE D 117 24.12 -11.39 -15.77
N SER D 118 23.53 -12.42 -16.38
CA SER D 118 24.24 -13.67 -16.80
C SER D 118 25.53 -13.40 -17.57
N ALA D 119 25.54 -12.42 -18.46
CA ALA D 119 26.77 -12.08 -19.23
C ALA D 119 27.93 -11.63 -18.34
N PHE D 120 27.67 -11.06 -17.15
CA PHE D 120 28.76 -10.60 -16.27
C PHE D 120 29.15 -11.67 -15.25
N TYR D 121 28.51 -12.84 -15.31
CA TYR D 121 28.92 -13.87 -14.35
C TYR D 121 30.41 -14.23 -14.45
N PRO D 122 31.03 -14.35 -15.63
CA PRO D 122 32.49 -14.52 -15.67
C PRO D 122 33.27 -13.47 -14.87
N ILE D 123 32.76 -12.24 -14.86
CA ILE D 123 33.47 -11.17 -14.11
C ILE D 123 33.23 -11.36 -12.62
N PHE D 124 32.00 -11.72 -12.22
CA PHE D 124 31.74 -11.89 -10.81
C PHE D 124 32.53 -13.06 -10.25
N LYS D 125 32.64 -14.14 -11.03
CA LYS D 125 33.51 -15.26 -10.66
C LYS D 125 34.94 -14.79 -10.39
N ALA D 126 35.53 -14.05 -11.35
CA ALA D 126 36.89 -13.55 -11.17
C ALA D 126 37.02 -12.64 -9.95
N MET D 127 36.13 -11.65 -9.80
CA MET D 127 36.17 -10.80 -8.62
C MET D 127 35.84 -11.58 -7.34
N GLN D 128 35.02 -12.63 -7.42
CA GLN D 128 34.82 -13.46 -6.23
C GLN D 128 36.12 -14.14 -5.81
N GLU D 129 36.87 -14.67 -6.78
CA GLU D 129 38.15 -15.32 -6.49
C GLU D 129 39.11 -14.35 -5.83
N GLU D 130 39.14 -13.11 -6.31
CA GLU D 130 40.11 -12.12 -5.83
C GLU D 130 39.62 -11.36 -4.61
N ASN D 131 38.47 -11.72 -4.05
CA ASN D 131 37.90 -11.06 -2.86
C ASN D 131 37.60 -9.59 -3.12
N LEU D 132 37.20 -9.27 -4.36
CA LEU D 132 36.79 -7.93 -4.75
C LEU D 132 35.31 -7.70 -4.43
N VAL D 133 34.96 -6.41 -4.21
CA VAL D 133 33.61 -6.02 -3.80
C VAL D 133 32.75 -5.69 -5.02
N LEU D 134 31.51 -6.17 -5.03
CA LEU D 134 30.53 -5.81 -6.04
C LEU D 134 29.64 -4.67 -5.51
N ASN D 135 29.85 -3.47 -6.03
CA ASN D 135 29.02 -2.34 -5.66
C ASN D 135 27.85 -2.21 -6.63
N LEU D 136 26.66 -2.11 -6.07
CA LEU D 136 25.47 -2.08 -6.93
C LEU D 136 24.61 -0.82 -6.75
N HIS D 137 24.41 -0.08 -7.84
CA HIS D 137 23.34 0.92 -7.87
C HIS D 137 22.03 0.18 -8.12
N GLY D 138 21.31 -0.14 -7.04
CA GLY D 138 20.15 -1.01 -7.09
C GLY D 138 18.82 -0.37 -7.49
N GLU D 139 18.65 -0.05 -8.77
CA GLU D 139 17.42 0.53 -9.29
C GLU D 139 17.03 -0.08 -10.64
N LYS D 140 15.79 -0.49 -10.79
CA LYS D 140 15.67 -0.82 -12.17
C LYS D 140 15.26 0.35 -13.07
N PRO D 141 15.69 0.28 -14.33
CA PRO D 141 15.23 1.25 -15.33
C PRO D 141 13.71 1.28 -15.34
N SER D 142 13.20 2.48 -15.58
CA SER D 142 11.77 2.69 -15.49
C SER D 142 11.09 2.09 -16.70
N VAL D 143 9.92 1.49 -16.45
CA VAL D 143 9.10 0.87 -17.53
C VAL D 143 7.65 1.27 -17.27
N HIS D 144 6.98 1.74 -18.32
CA HIS D 144 5.58 2.21 -18.19
C HIS D 144 4.66 1.37 -19.09
N ASP D 145 5.19 0.91 -20.23
CA ASP D 145 4.43 0.09 -21.20
C ASP D 145 4.83 -1.38 -21.05
N GLY D 146 4.06 -2.29 -21.66
CA GLY D 146 4.33 -3.75 -21.52
C GLY D 146 3.25 -4.23 -20.57
N ASP D 147 3.06 -5.56 -20.57
CA ASP D 147 2.15 -6.18 -19.59
C ASP D 147 2.97 -6.35 -18.31
N LYS D 148 3.78 -5.35 -17.94
CA LYS D 148 4.67 -5.49 -16.77
C LYS D 148 4.34 -4.46 -15.69
N GLU D 149 4.48 -4.84 -14.41
CA GLU D 149 4.25 -3.88 -13.30
C GLU D 149 5.10 -2.65 -13.56
N PRO D 150 4.54 -1.43 -13.50
CA PRO D 150 5.27 -0.22 -13.86
C PRO D 150 6.40 0.09 -12.85
N ILE D 151 7.55 0.55 -13.35
CA ILE D 151 8.69 0.88 -12.49
C ILE D 151 8.94 2.39 -12.59
N HIS D 152 8.98 3.06 -11.44
CA HIS D 152 9.24 4.50 -11.38
C HIS D 152 10.28 4.82 -10.31
N VAL D 153 10.68 6.09 -10.26
CA VAL D 153 11.74 6.50 -9.36
C VAL D 153 11.43 6.16 -7.90
N LEU D 154 10.17 5.95 -7.57
CA LEU D 154 9.84 5.61 -6.18
C LEU D 154 9.94 4.13 -5.87
N ASN D 155 9.66 3.26 -6.83
CA ASN D 155 9.69 1.82 -6.59
C ASN D 155 10.83 1.12 -7.34
N ALA D 156 11.68 1.86 -8.05
CA ALA D 156 12.76 1.22 -8.79
C ALA D 156 13.74 0.51 -7.87
N GLU D 157 13.95 1.03 -6.67
CA GLU D 157 14.87 0.36 -5.76
C GLU D 157 14.28 -0.92 -5.21
N GLU D 158 12.96 -0.89 -4.95
CA GLU D 158 12.24 -2.08 -4.44
C GLU D 158 12.23 -3.15 -5.54
N ALA D 159 11.99 -2.73 -6.79
CA ALA D 159 11.98 -3.64 -7.92
C ALA D 159 13.33 -4.29 -8.14
N PHE D 160 14.40 -3.73 -7.58
CA PHE D 160 15.72 -4.29 -7.81
C PHE D 160 16.08 -5.36 -6.79
N LEU D 161 15.38 -5.41 -5.67
CA LEU D 161 15.76 -6.32 -4.60
C LEU D 161 15.84 -7.79 -5.02
N PRO D 162 14.93 -8.34 -5.83
CA PRO D 162 15.14 -9.73 -6.29
C PRO D 162 16.50 -9.97 -6.95
N ALA D 163 16.93 -9.06 -7.84
CA ALA D 163 18.22 -9.21 -8.50
C ALA D 163 19.36 -9.27 -7.50
N LEU D 164 19.29 -8.47 -6.44
CA LEU D 164 20.31 -8.51 -5.40
C LEU D 164 20.38 -9.90 -4.79
N LYS D 165 19.20 -10.45 -4.46
CA LYS D 165 19.12 -11.73 -3.78
C LYS D 165 19.66 -12.87 -4.64
N LYS D 166 19.31 -12.87 -5.93
CA LYS D 166 19.77 -13.93 -6.88
C LYS D 166 21.30 -13.85 -7.03
N LEU D 167 21.87 -12.64 -7.05
CA LEU D 167 23.32 -12.46 -7.15
C LEU D 167 24.02 -12.95 -5.89
N HIS D 168 23.47 -12.62 -4.72
CA HIS D 168 24.03 -13.14 -3.48
C HIS D 168 23.90 -14.65 -3.40
N ASN D 169 22.79 -15.19 -3.93
CA ASN D 169 22.57 -16.62 -3.90
C ASN D 169 23.54 -17.36 -4.82
N ASP D 170 23.77 -16.81 -6.01
CA ASP D 170 24.64 -17.45 -7.00
C ASP D 170 26.12 -17.27 -6.71
N PHE D 171 26.50 -16.26 -5.91
CA PHE D 171 27.90 -16.01 -5.55
C PHE D 171 27.99 -15.76 -4.05
N PRO D 172 27.73 -16.78 -3.22
CA PRO D 172 27.55 -16.53 -1.77
C PRO D 172 28.80 -16.01 -1.06
N ASN D 173 29.97 -16.15 -1.66
CA ASN D 173 31.26 -15.66 -1.15
C ASN D 173 31.70 -14.33 -1.74
N LEU D 174 30.97 -13.81 -2.73
CA LEU D 174 31.22 -12.48 -3.25
C LEU D 174 30.72 -11.43 -2.26
N LYS D 175 31.58 -10.47 -1.92
CA LYS D 175 31.14 -9.32 -1.14
C LYS D 175 30.32 -8.38 -2.02
N ILE D 176 29.08 -8.08 -1.62
CA ILE D 176 28.17 -7.23 -2.39
C ILE D 176 27.63 -6.13 -1.49
N ILE D 177 27.64 -4.90 -2.01
CA ILE D 177 27.05 -3.76 -1.32
C ILE D 177 25.92 -3.21 -2.18
N LEU D 178 24.72 -3.12 -1.60
CA LEU D 178 23.65 -2.30 -2.15
C LEU D 178 23.96 -0.87 -1.75
N GLU D 179 24.43 -0.09 -2.72
CA GLU D 179 24.81 1.29 -2.44
C GLU D 179 23.59 2.16 -2.17
N HIS D 180 23.79 3.17 -1.31
CA HIS D 180 22.85 4.25 -1.01
C HIS D 180 21.40 3.78 -0.89
N CYS D 181 21.10 2.97 0.12
CA CYS D 181 19.71 2.58 0.33
C CYS D 181 18.83 3.76 0.65
N THR D 182 17.63 3.75 0.07
CA THR D 182 16.68 4.83 0.25
C THR D 182 15.30 4.39 0.70
N SER D 183 15.03 3.11 0.63
CA SER D 183 13.67 2.63 0.97
C SER D 183 13.72 1.78 2.23
N GLU D 184 12.57 1.66 2.89
CA GLU D 184 12.46 0.80 4.09
C GLU D 184 12.44 -0.65 3.64
N SER D 185 11.94 -0.90 2.43
CA SER D 185 11.86 -2.29 1.93
C SER D 185 13.27 -2.80 1.68
N ALA D 186 14.20 -1.93 1.31
CA ALA D 186 15.59 -2.34 1.11
C ALA D 186 16.26 -2.61 2.44
N ILE D 187 16.05 -1.75 3.43
CA ILE D 187 16.57 -2.01 4.78
C ILE D 187 16.11 -3.38 5.27
N LYS D 188 14.81 -3.67 5.16
CA LYS D 188 14.29 -4.98 5.57
C LYS D 188 15.00 -6.11 4.83
N THR D 189 15.15 -5.99 3.52
CA THR D 189 15.85 -7.03 2.75
C THR D 189 17.28 -7.23 3.25
N ILE D 190 17.99 -6.15 3.57
CA ILE D 190 19.37 -6.25 4.03
C ILE D 190 19.41 -6.97 5.38
N GLU D 191 18.49 -6.61 6.28
CA GLU D 191 18.46 -7.26 7.59
C GLU D 191 18.22 -8.76 7.46
N ASP D 192 17.30 -9.17 6.58
CA ASP D 192 16.97 -10.59 6.47
C ASP D 192 18.15 -11.39 5.93
N ILE D 193 18.90 -10.81 4.98
CA ILE D 193 20.08 -11.49 4.46
C ILE D 193 21.11 -11.69 5.55
N ASN D 194 21.15 -10.77 6.53
CA ASN D 194 22.11 -10.82 7.61
C ASN D 194 21.49 -11.23 8.96
N LYS D 195 20.44 -12.05 8.94
CA LYS D 195 19.80 -12.40 10.22
C LYS D 195 20.74 -13.23 11.09
N ASN D 196 21.47 -14.16 10.48
CA ASN D 196 22.37 -15.07 11.21
C ASN D 196 23.81 -14.54 11.18
N VAL D 197 23.99 -13.41 11.85
CA VAL D 197 25.28 -12.71 11.88
C VAL D 197 25.48 -12.21 13.30
N LYS D 198 26.56 -12.66 13.94
CA LYS D 198 26.93 -12.16 15.26
C LYS D 198 28.20 -11.32 15.26
N LYS D 199 29.19 -11.68 14.44
CA LYS D 199 30.42 -10.91 14.35
C LYS D 199 30.52 -10.24 12.98
N ALA D 200 31.08 -9.03 12.97
CA ALA D 200 31.12 -8.20 11.77
C ALA D 200 31.75 -8.89 10.56
N THR D 201 32.67 -9.83 10.78
CA THR D 201 33.30 -10.43 9.60
C THR D 201 32.39 -11.45 8.90
N ASP D 202 31.21 -11.76 9.47
CA ASP D 202 30.27 -12.66 8.81
C ASP D 202 29.52 -11.99 7.68
N VAL D 203 29.52 -10.66 7.66
CA VAL D 203 28.79 -9.88 6.67
C VAL D 203 29.38 -10.12 5.29
N LYS D 204 28.53 -10.53 4.36
CA LYS D 204 28.89 -10.62 2.95
C LYS D 204 28.10 -9.65 2.08
N VAL D 205 26.85 -9.35 2.46
CA VAL D 205 26.05 -8.31 1.81
C VAL D 205 25.78 -7.20 2.83
N ALA D 206 26.22 -5.99 2.47
CA ALA D 206 25.99 -4.81 3.31
C ALA D 206 25.45 -3.68 2.44
N ALA D 207 25.06 -2.58 3.08
CA ALA D 207 24.54 -1.42 2.39
C ALA D 207 25.20 -0.16 2.93
N THR D 208 25.49 0.78 2.03
CA THR D 208 25.91 2.10 2.45
C THR D 208 24.69 3.03 2.52
N LEU D 209 24.77 3.99 3.43
CA LEU D 209 23.76 5.03 3.59
C LEU D 209 24.44 6.38 3.44
N THR D 210 23.85 7.26 2.64
CA THR D 210 24.42 8.57 2.42
C THR D 210 24.13 9.47 3.63
N ALA D 211 24.81 10.61 3.69
CA ALA D 211 24.41 11.63 4.64
C ALA D 211 23.04 12.20 4.29
N HIS D 212 22.84 12.57 3.03
CA HIS D 212 21.65 13.34 2.66
C HIS D 212 20.38 12.49 2.75
N HIS D 213 20.49 11.18 2.54
CA HIS D 213 19.30 10.34 2.66
C HIS D 213 18.85 10.17 4.10
N LEU D 214 19.65 10.59 5.07
CA LEU D 214 19.23 10.62 6.47
C LEU D 214 18.53 11.93 6.82
N PHE D 215 18.49 12.89 5.90
CA PHE D 215 17.81 14.16 6.10
C PHE D 215 16.60 14.35 5.18
N LEU D 216 16.73 13.95 3.92
CA LEU D 216 15.81 14.35 2.86
C LEU D 216 14.63 13.39 2.70
N THR D 217 13.48 13.96 2.35
CA THR D 217 12.34 13.24 1.80
C THR D 217 11.95 13.90 0.49
N ILE D 218 10.97 13.29 -0.20
CA ILE D 218 10.50 13.80 -1.49
C ILE D 218 10.18 15.29 -1.43
N ASP D 219 9.73 15.78 -0.27
CA ASP D 219 9.37 17.20 -0.13
C ASP D 219 10.59 18.13 -0.28
N ASP D 220 11.78 17.66 0.11
CA ASP D 220 12.96 18.51 0.08
C ASP D 220 13.55 18.67 -1.30
N TRP D 221 13.26 17.77 -2.23
CA TRP D 221 13.76 17.95 -3.57
C TRP D 221 12.67 18.29 -4.58
N ALA D 222 11.40 18.15 -4.21
CA ALA D 222 10.31 18.61 -5.08
C ALA D 222 10.41 20.13 -5.15
N GLY D 223 11.03 20.63 -6.21
CA GLY D 223 11.24 22.06 -6.38
C GLY D 223 12.62 22.53 -6.02
N ASN D 224 13.53 21.62 -5.64
CA ASN D 224 14.89 21.98 -5.25
C ASN D 224 15.83 20.99 -5.92
N PRO D 225 16.20 21.23 -7.18
CA PRO D 225 17.14 20.32 -7.86
C PRO D 225 18.41 20.07 -7.09
N VAL D 226 18.84 21.01 -6.25
CA VAL D 226 20.03 20.82 -5.43
C VAL D 226 19.92 19.56 -4.62
N ASN D 227 18.70 19.14 -4.30
CA ASN D 227 18.47 17.98 -3.46
C ASN D 227 18.06 16.77 -4.27
N PHE D 228 17.99 16.90 -5.57
CA PHE D 228 17.69 15.80 -6.46
C PHE D 228 18.92 14.91 -6.61
N CYS D 229 18.75 13.62 -6.38
CA CYS D 229 19.80 12.65 -6.62
C CYS D 229 19.15 11.33 -6.98
N LYS D 230 19.97 10.35 -7.35
CA LYS D 230 19.51 8.99 -7.53
C LYS D 230 20.16 8.14 -6.45
N PRO D 231 19.44 7.18 -5.86
CA PRO D 231 17.98 7.10 -5.91
C PRO D 231 17.35 8.28 -5.14
N VAL D 232 16.20 8.74 -5.64
CA VAL D 232 15.57 9.91 -5.06
C VAL D 232 15.22 9.65 -3.60
N ALA D 233 15.31 10.70 -2.79
CA ALA D 233 14.79 10.63 -1.44
C ALA D 233 13.29 10.37 -1.49
N LYS D 234 12.81 9.45 -0.65
CA LYS D 234 11.48 8.87 -0.67
C LYS D 234 10.63 9.45 0.46
N LEU D 235 9.70 8.66 0.98
CA LEU D 235 8.67 9.12 1.89
C LEU D 235 9.18 9.21 3.33
N PRO D 236 8.47 9.95 4.19
CA PRO D 236 8.91 10.02 5.61
C PRO D 236 9.11 8.68 6.29
N ASN D 237 8.29 7.67 6.00
CA ASN D 237 8.52 6.35 6.58
C ASN D 237 9.88 5.81 6.16
N ASP D 238 10.27 6.06 4.92
CA ASP D 238 11.56 5.56 4.45
C ASP D 238 12.73 6.22 5.18
N LYS D 239 12.72 7.55 5.28
CA LYS D 239 13.79 8.23 6.00
C LYS D 239 13.92 7.64 7.40
N LYS D 240 12.78 7.47 8.07
CA LYS D 240 12.78 6.90 9.41
C LYS D 240 13.44 5.51 9.43
N ALA D 241 13.20 4.65 8.43
CA ALA D 241 13.91 3.35 8.38
C ALA D 241 15.43 3.52 8.20
N LEU D 242 15.85 4.48 7.35
CA LEU D 242 17.27 4.67 7.07
C LEU D 242 18.01 5.21 8.28
N VAL D 243 17.41 6.18 8.98
CA VAL D 243 18.01 6.71 10.20
C VAL D 243 18.17 5.60 11.23
N LYS D 244 17.09 4.82 11.44
CA LYS D 244 17.11 3.74 12.43
C LYS D 244 18.21 2.73 12.10
N ALA D 245 18.37 2.40 10.83
CA ALA D 245 19.45 1.51 10.43
C ALA D 245 20.82 2.16 10.66
N ALA D 246 20.94 3.44 10.34
CA ALA D 246 22.23 4.11 10.44
C ALA D 246 22.77 4.10 11.88
N VAL D 247 21.91 4.30 12.86
CA VAL D 247 22.34 4.39 14.25
C VAL D 247 22.21 3.04 14.95
N SER D 248 21.96 1.97 14.17
CA SER D 248 21.64 0.68 14.76
C SER D 248 22.82 -0.03 15.41
N GLY D 249 24.05 0.30 15.04
CA GLY D 249 25.17 -0.51 15.52
C GLY D 249 25.37 -1.79 14.74
N LYS D 250 24.62 -2.01 13.68
CA LYS D 250 24.73 -3.23 12.90
C LYS D 250 25.89 -3.18 11.91
N PRO D 251 26.63 -4.27 11.78
CA PRO D 251 27.85 -4.27 10.95
C PRO D 251 27.60 -4.30 9.46
N TYR D 252 26.36 -4.39 9.01
CA TYR D 252 26.00 -4.42 7.59
C TYR D 252 25.44 -3.09 7.08
N PHE D 253 25.51 -2.02 7.87
CA PHE D 253 25.21 -0.67 7.42
C PHE D 253 26.39 0.23 7.75
N PHE D 254 27.00 0.85 6.73
CA PHE D 254 28.05 1.83 6.99
C PHE D 254 27.97 3.00 6.00
N PHE D 255 28.76 4.05 6.31
CA PHE D 255 28.65 5.33 5.63
C PHE D 255 29.19 5.25 4.21
N GLY D 256 28.39 5.71 3.25
CA GLY D 256 28.87 5.96 1.91
C GLY D 256 28.20 7.25 1.46
N SER D 257 28.98 8.32 1.26
CA SER D 257 28.34 9.62 1.12
C SER D 257 27.56 9.72 -0.18
N ASP D 258 28.05 9.06 -1.23
CA ASP D 258 27.65 9.35 -2.61
C ASP D 258 27.72 10.84 -2.90
N SER D 259 28.75 11.49 -2.35
CA SER D 259 29.01 12.87 -2.69
C SER D 259 29.24 12.96 -4.19
N ALA D 260 28.40 13.73 -4.86
CA ALA D 260 28.34 13.76 -6.32
C ALA D 260 28.39 15.22 -6.74
N PRO D 261 29.60 15.78 -6.87
CA PRO D 261 29.72 17.21 -7.20
C PRO D 261 29.34 17.50 -8.66
N HIS D 262 28.60 18.58 -8.82
CA HIS D 262 28.22 19.06 -10.16
C HIS D 262 28.36 20.57 -10.05
N PRO D 263 28.81 21.30 -11.08
CA PRO D 263 28.79 22.78 -11.08
C PRO D 263 27.35 23.25 -11.01
N VAL D 264 27.14 24.37 -10.31
CA VAL D 264 25.80 24.89 -10.07
C VAL D 264 24.99 25.00 -11.36
N GLN D 265 25.61 25.39 -12.47
CA GLN D 265 24.85 25.57 -13.70
C GLN D 265 24.27 24.27 -14.25
N ASN D 266 24.73 23.10 -13.78
CA ASN D 266 24.15 21.82 -14.15
C ASN D 266 23.06 21.36 -13.18
N LYS D 267 22.80 22.11 -12.10
CA LYS D 267 21.63 21.88 -11.28
C LYS D 267 20.49 22.85 -11.59
N ALA D 268 20.80 24.04 -12.10
CA ALA D 268 19.77 25.05 -12.38
C ALA D 268 19.34 24.96 -13.84
N ASN D 269 18.76 23.81 -14.19
CA ASN D 269 18.25 23.53 -15.53
C ASN D 269 16.73 23.40 -15.52
N TYR D 270 16.07 23.87 -16.58
CA TYR D 270 14.66 23.56 -16.66
C TYR D 270 14.41 22.11 -17.09
N GLU D 271 15.45 21.38 -17.50
CA GLU D 271 15.33 19.97 -17.87
C GLU D 271 16.71 19.31 -17.79
N GLY D 272 16.71 18.01 -17.53
CA GLY D 272 17.97 17.31 -17.42
C GLY D 272 18.83 17.78 -16.29
N VAL D 273 18.21 18.14 -15.16
CA VAL D 273 18.99 18.44 -13.98
C VAL D 273 19.87 17.25 -13.65
N CYS D 274 21.15 17.50 -13.43
CA CYS D 274 22.08 16.44 -13.06
C CYS D 274 21.76 15.90 -11.67
N ALA D 275 21.71 14.58 -11.53
CA ALA D 275 21.36 14.03 -10.24
C ALA D 275 22.63 14.22 -9.41
N GLY D 276 22.46 14.36 -8.09
CA GLY D 276 23.63 14.37 -7.23
C GLY D 276 23.69 15.49 -6.20
N VAL D 277 24.12 15.14 -4.98
CA VAL D 277 24.24 16.02 -3.84
C VAL D 277 25.72 16.07 -3.43
N TYR D 278 26.23 17.27 -3.15
CA TYR D 278 27.63 17.43 -2.72
C TYR D 278 27.71 17.53 -1.19
N SER D 279 28.20 16.47 -0.55
CA SER D 279 28.31 16.45 0.91
C SER D 279 29.75 16.32 1.41
N GLN D 280 30.75 16.25 0.53
CA GLN D 280 32.09 15.86 0.97
C GLN D 280 32.69 16.85 1.95
N SER D 281 32.44 18.14 1.76
CA SER D 281 33.13 19.17 2.54
C SER D 281 32.84 19.06 4.03
N PHE D 282 31.68 18.48 4.38
CA PHE D 282 31.29 18.36 5.78
C PHE D 282 30.72 16.98 6.05
N ALA D 283 31.20 15.97 5.33
CA ALA D 283 30.69 14.60 5.41
C ALA D 283 30.47 14.13 6.85
N ILE D 284 31.52 14.09 7.66
CA ILE D 284 31.39 13.54 9.00
C ILE D 284 30.49 14.44 9.85
N PRO D 285 30.69 15.77 9.90
CA PRO D 285 29.73 16.61 10.63
C PRO D 285 28.27 16.39 10.25
N TYR D 286 27.94 16.22 8.96
CA TYR D 286 26.55 15.90 8.60
C TYR D 286 26.06 14.68 9.37
N ILE D 287 26.85 13.61 9.41
CA ILE D 287 26.47 12.38 10.10
C ILE D 287 26.36 12.62 11.60
N ALA D 288 27.22 13.50 12.15
CA ALA D 288 27.16 13.80 13.58
C ALA D 288 25.79 14.29 14.01
N GLN D 289 25.21 15.27 13.31
CA GLN D 289 23.86 15.70 13.67
C GLN D 289 22.88 14.54 13.79
N VAL D 290 22.90 13.63 12.82
CA VAL D 290 21.93 12.55 12.86
C VAL D 290 22.15 11.70 14.09
N PHE D 291 23.41 11.40 14.40
CA PHE D 291 23.68 10.56 15.56
C PHE D 291 23.45 11.33 16.86
N GLU D 292 23.77 12.63 16.88
CA GLU D 292 23.45 13.45 18.05
C GLU D 292 21.94 13.45 18.30
N GLU D 293 21.18 13.87 17.30
CA GLU D 293 19.73 14.00 17.44
C GLU D 293 19.06 12.69 17.81
N GLN D 294 19.69 11.55 17.52
CA GLN D 294 19.15 10.24 17.88
C GLN D 294 19.67 9.73 19.21
N ASN D 295 20.46 10.52 19.94
CA ASN D 295 21.11 10.10 21.19
C ASN D 295 21.81 8.76 21.01
N ALA D 296 22.66 8.69 19.98
CA ALA D 296 23.35 7.47 19.58
C ALA D 296 24.79 7.76 19.18
N LEU D 297 25.40 8.81 19.75
CA LEU D 297 26.77 9.18 19.39
C LEU D 297 27.79 8.08 19.66
N GLU D 298 27.50 7.16 20.57
CA GLU D 298 28.36 6.01 20.80
C GLU D 298 28.39 5.02 19.63
N ASN D 299 27.45 5.09 18.70
CA ASN D 299 27.52 4.26 17.51
C ASN D 299 28.15 4.96 16.32
N LEU D 300 28.49 6.24 16.45
CA LEU D 300 29.03 6.99 15.32
C LEU D 300 30.28 6.34 14.75
N LYS D 301 31.21 5.92 15.61
CA LYS D 301 32.47 5.32 15.16
C LYS D 301 32.26 4.06 14.36
N GLY D 302 31.33 3.21 14.79
CA GLY D 302 31.06 2.01 14.01
C GLY D 302 30.61 2.33 12.61
N PHE D 303 29.65 3.27 12.50
CA PHE D 303 29.03 3.58 11.22
C PHE D 303 30.01 4.25 10.25
N VAL D 304 30.87 5.14 10.76
CA VAL D 304 31.79 5.84 9.87
C VAL D 304 33.20 5.28 9.88
N SER D 305 33.54 4.36 10.78
CA SER D 305 34.89 3.81 10.76
C SER D 305 35.00 2.28 10.73
N ASP D 306 34.54 1.62 11.79
CA ASP D 306 34.83 0.19 11.98
C ASP D 306 34.22 -0.66 10.86
N PHE D 307 32.92 -0.45 10.59
CA PHE D 307 32.18 -1.42 9.80
C PHE D 307 32.61 -1.42 8.34
N GLY D 308 32.94 -0.24 7.80
CA GLY D 308 33.46 -0.19 6.45
C GLY D 308 34.88 -0.73 6.34
N ILE D 309 35.74 -0.38 7.29
CA ILE D 309 37.10 -0.94 7.32
C ILE D 309 37.02 -2.46 7.41
N SER D 310 36.22 -2.96 8.35
CA SER D 310 36.00 -4.40 8.48
C SER D 310 35.53 -5.01 7.17
N PHE D 311 34.50 -4.43 6.55
CA PHE D 311 33.91 -5.05 5.36
C PHE D 311 34.86 -5.02 4.16
N TYR D 312 35.54 -3.89 3.95
CA TYR D 312 36.49 -3.85 2.85
C TYR D 312 37.81 -4.49 3.22
N GLU D 313 37.96 -4.90 4.48
CA GLU D 313 39.17 -5.56 4.97
C GLU D 313 40.39 -4.67 4.69
N VAL D 314 40.30 -3.45 5.18
CA VAL D 314 41.38 -2.47 5.01
C VAL D 314 42.45 -2.78 6.05
N LYS D 315 43.69 -2.93 5.59
CA LYS D 315 44.84 -3.17 6.49
C LYS D 315 45.54 -1.84 6.78
N ASP D 316 46.42 -1.78 7.78
CA ASP D 316 47.11 -0.49 8.05
C ASP D 316 48.23 -0.27 7.05
N SER D 317 48.73 -1.36 6.46
CA SER D 317 49.79 -1.28 5.43
C SER D 317 49.31 -0.42 4.27
N GLU D 318 47.99 -0.22 4.12
CA GLU D 318 47.66 0.56 2.94
C GLU D 318 47.22 1.98 3.31
N VAL D 319 46.98 2.24 4.59
CA VAL D 319 46.54 3.56 5.01
C VAL D 319 47.67 4.58 4.79
N ALA D 320 47.34 5.67 4.10
CA ALA D 320 48.29 6.71 3.72
C ALA D 320 48.63 7.66 4.85
N SER D 321 47.80 7.71 5.90
CA SER D 321 48.09 8.53 7.07
C SER D 321 47.39 7.94 8.27
N SER D 322 48.10 7.86 9.38
CA SER D 322 47.55 7.32 10.62
C SER D 322 46.84 8.39 11.42
N ASP D 323 46.77 9.61 10.90
CA ASP D 323 46.07 10.68 11.60
C ASP D 323 44.63 10.26 11.89
N LYS D 324 44.16 10.64 13.07
CA LYS D 324 42.84 10.30 13.56
C LYS D 324 41.90 11.48 13.33
N ALA D 325 40.66 11.19 12.93
CA ALA D 325 39.65 12.22 12.81
C ALA D 325 39.03 12.47 14.17
N ILE D 326 39.12 13.71 14.65
CA ILE D 326 38.54 14.10 15.94
C ILE D 326 37.35 15.02 15.69
N LEU D 327 36.17 14.58 16.14
CA LEU D 327 34.96 15.38 16.11
C LEU D 327 34.89 16.22 17.38
N PHE D 328 34.81 17.55 17.24
CA PHE D 328 34.62 18.43 18.38
C PHE D 328 33.42 19.33 18.16
N LYS D 329 32.65 19.56 19.23
CA LYS D 329 31.37 20.25 19.16
C LYS D 329 31.57 21.77 19.12
N LYS D 330 32.08 22.25 17.99
CA LYS D 330 32.13 23.67 17.69
C LYS D 330 31.22 23.99 16.51
N GLU D 331 30.25 24.84 16.75
CA GLU D 331 29.29 25.23 15.70
C GLU D 331 30.00 25.89 14.52
N GLN D 332 29.61 25.49 13.32
CA GLN D 332 30.04 26.13 12.09
C GLN D 332 28.84 26.33 11.17
N VAL D 333 29.04 27.10 10.10
CA VAL D 333 28.01 27.41 9.13
C VAL D 333 28.40 26.84 7.77
N ILE D 334 27.45 26.16 7.13
CA ILE D 334 27.67 25.68 5.77
C ILE D 334 27.73 26.89 4.85
N PRO D 335 28.77 27.05 4.03
CA PRO D 335 28.76 28.13 3.05
C PRO D 335 27.57 28.02 2.10
N GLN D 336 27.33 29.08 1.35
CA GLN D 336 26.31 29.03 0.31
C GLN D 336 26.83 28.39 -0.97
N VAL D 337 28.16 28.49 -1.21
CA VAL D 337 28.78 27.94 -2.40
C VAL D 337 30.16 27.45 -2.00
N ILE D 338 30.67 26.51 -2.80
CA ILE D 338 32.03 26.02 -2.68
C ILE D 338 32.67 26.22 -4.05
N SER D 339 33.77 26.98 -4.10
CA SER D 339 34.33 27.48 -5.34
C SER D 339 35.83 27.28 -5.40
N ASP D 340 36.34 27.06 -6.61
CA ASP D 340 37.78 27.06 -6.85
C ASP D 340 38.33 28.45 -7.21
N GLY D 341 37.51 29.51 -7.12
CA GLY D 341 37.99 30.83 -7.48
C GLY D 341 38.32 30.93 -8.96
N LYS D 342 37.66 30.12 -9.77
CA LYS D 342 37.85 29.98 -11.20
C LYS D 342 36.46 29.71 -11.76
N ASP D 343 36.36 28.81 -12.74
CA ASP D 343 35.07 28.53 -13.37
C ASP D 343 34.08 27.74 -12.50
N ILE D 344 34.50 27.08 -11.42
CA ILE D 344 33.66 26.08 -10.74
C ILE D 344 33.06 26.60 -9.44
N SER D 345 31.74 26.50 -9.33
CA SER D 345 30.99 26.72 -8.10
C SER D 345 30.08 25.52 -7.83
N ILE D 346 30.02 25.08 -6.57
CA ILE D 346 29.19 23.95 -6.15
C ILE D 346 28.33 24.37 -4.97
N ILE D 347 27.06 23.98 -4.99
CA ILE D 347 26.15 24.22 -3.88
C ILE D 347 26.27 23.03 -2.91
N PRO D 348 26.78 23.25 -1.71
CA PRO D 348 26.91 22.14 -0.77
C PRO D 348 25.58 21.77 -0.16
N PHE D 349 25.47 20.49 0.24
CA PHE D 349 24.31 20.00 0.95
C PHE D 349 24.05 20.85 2.19
N LYS D 350 22.79 21.24 2.38
CA LYS D 350 22.36 22.03 3.54
C LYS D 350 23.06 23.39 3.56
N ALA D 351 23.30 23.96 2.37
CA ALA D 351 23.95 25.25 2.25
C ALA D 351 23.30 26.29 3.14
N GLY D 352 24.11 26.94 3.97
CA GLY D 352 23.63 27.99 4.83
C GLY D 352 23.15 27.54 6.19
N ASP D 353 23.10 26.23 6.44
CA ASP D 353 22.67 25.72 7.73
C ASP D 353 23.84 25.73 8.71
N LYS D 354 23.52 25.64 10.00
CA LYS D 354 24.52 25.57 11.04
C LYS D 354 24.72 24.12 11.44
N LEU D 355 25.98 23.73 11.60
CA LEU D 355 26.31 22.42 12.13
C LEU D 355 26.84 22.58 13.55
N SER D 356 26.41 21.69 14.44
CA SER D 356 26.93 21.69 15.80
C SER D 356 28.41 21.26 15.88
N TRP D 357 28.85 20.37 15.00
CA TRP D 357 30.15 19.71 15.12
C TRP D 357 31.11 20.12 14.02
N SER D 358 32.39 20.16 14.37
CA SER D 358 33.49 20.31 13.44
C SER D 358 34.41 19.09 13.55
N VAL D 359 35.42 19.01 12.69
CA VAL D 359 36.37 17.89 12.68
C VAL D 359 37.77 18.39 12.37
N ARG D 360 38.76 17.89 13.10
CA ARG D 360 40.19 18.13 12.84
C ARG D 360 40.94 16.81 12.89
N TRP D 361 42.24 16.88 12.64
CA TRP D 361 43.11 15.73 12.60
C TRP D 361 44.20 15.82 13.66
N GLU D 362 44.33 14.75 14.45
CA GLU D 362 45.36 14.51 15.44
C GLU D 362 46.20 13.30 15.05
N PRO D 363 47.53 13.35 15.13
CA PRO D 363 48.35 12.18 14.82
C PRO D 363 48.13 11.04 15.81
N ARG D 364 48.66 9.86 15.45
CA ARG D 364 48.56 8.64 16.23
C ARG D 364 49.63 8.59 17.32
N LEU D 365 49.34 7.82 18.37
CA LEU D 365 50.21 7.77 19.56
C LEU D 365 50.92 6.43 19.70
ZN ZN E . -7.78 -12.04 25.89
ZN ZN F . -8.23 -9.43 23.43
C2 FOT G . -11.89 -14.30 25.49
C6 FOT G . -11.89 -15.30 23.48
C5 FOT G . -11.03 -14.31 22.98
O2 FOT G . -12.30 -14.33 26.58
N3 FOT G . -11.05 -13.28 25.11
N1 FOT G . -12.32 -15.30 24.70
O6 FOT G . -12.32 -16.23 22.88
F5 FOT G . -10.56 -14.29 21.70
C4 FOT G . -10.60 -13.24 23.88
C41 FOT G . -9.66 -12.11 23.41
O42 FOT G . -9.63 -10.99 23.97
O41 FOT G . -8.88 -12.23 22.44
ZN ZN H . -15.91 -22.38 -8.74
ZN ZN I . -12.62 -21.04 -8.20
C2 FOT J . -15.59 -25.75 -5.66
C6 FOT J . -15.84 -24.45 -3.85
C5 FOT J . -15.14 -23.40 -4.41
O2 FOT J . -15.82 -26.80 -6.14
N3 FOT J . -14.86 -24.78 -6.35
N1 FOT J . -16.11 -25.60 -4.42
O6 FOT J . -16.28 -24.36 -2.79
F5 FOT J . -14.96 -22.26 -3.68
C4 FOT J . -14.62 -23.60 -5.78
C41 FOT J . -13.83 -22.56 -6.58
O42 FOT J . -13.93 -21.34 -6.38
O41 FOT J . -13.05 -22.91 -7.50
ZN ZN K . -3.87 26.98 -10.55
ZN ZN L . -3.69 24.90 -7.66
C2 FOT M . -0.24 29.38 -10.14
C6 FOT M . 1.41 27.90 -10.24
C5 FOT M . 0.66 26.90 -9.68
O2 FOT M . -0.56 30.48 -10.37
N3 FOT M . -1.13 28.46 -9.58
N1 FOT M . 1.03 29.11 -10.47
O6 FOT M . 2.49 27.69 -10.53
F5 FOT M . 1.26 25.69 -9.52
C4 FOT M . -0.73 27.24 -9.33
C41 FOT M . -1.69 26.25 -8.68
O42 FOT M . -2.68 26.62 -8.01
O41 FOT M . -1.51 25.03 -8.81
ZN ZN N . 27.43 7.35 -6.64
ZN ZN O . 24.29 5.53 -7.48
C2 FOT P . 26.92 10.47 -10.24
C6 FOT P . 24.78 11.18 -9.58
C5 FOT P . 24.57 9.97 -9.00
O2 FOT P . 27.95 10.72 -10.79
N3 FOT P . 26.79 9.23 -9.67
N1 FOT P . 25.93 11.44 -10.21
O6 FOT P . 23.93 11.99 -9.54
F5 FOT P . 23.39 9.69 -8.36
C4 FOT P . 25.64 8.96 -9.06
C41 FOT P . 25.39 7.63 -8.40
O42 FOT P . 25.47 7.51 -7.17
O41 FOT P . 25.14 6.64 -9.10
#